data_5I0H
#
_entry.id   5I0H
#
_cell.length_a   76.480
_cell.length_b   78.300
_cell.length_c   78.670
_cell.angle_alpha   75.69
_cell.angle_beta   86.38
_cell.angle_gamma   76.12
#
_symmetry.space_group_name_H-M   'P 1'
#
loop_
_entity.id
_entity.type
_entity.pdbx_description
1 polymer 'Unconventional myosin-X'
2 non-polymer "ADENOSINE-5'-DIPHOSPHATE"
3 non-polymer 'MAGNESIUM ION'
4 non-polymer 'BERYLLIUM TRIFLUORIDE ION'
5 non-polymer 1,2-ETHANEDIOL
6 non-polymer 'SULFATE ION'
7 water water
#
_entity_poly.entity_id   1
_entity_poly.type   'polypeptide(L)'
_entity_poly.pdbx_seq_one_letter_code
;MDNFFTEGTRVWLRENGQHFPSTVNSCAEGIVVFRTDYGQVFTYKQSTITHQKVTAMHPTNEEGVDDMASLTELHGGSIM
YNLFQRYKRNQIYTYIGSILASVNPYQPIAGLYEPATMEQYSRRHLGELPPHIFAIANECYRCLWKRHDNQCILISGESG
AGKTESTKLILKFLSVISQQSLELSLKEKTSCVERAILESSPIMEAFGNAKTVYNNNSSRFGKFVQLNICQKGNIQGGRI
VDYLLEKNRVVRQNPGERNYHIFYALLAGLEHEEREEFYLSTPENYHYLNQSGCVEDKTISDQESFREVITAMDVMQFSK
EEVREVSRLLAGILHLGNIEFITAGGAQVSFKTALGRSAELLGLDPTQLTDALTQRSMFLRGEEILTPLNVQQAVDSRDS
LAMALYACCFEWVIKKINSRIKGNEDFKSIGILDIFGFENFEVNHFEQFNINYANEKLQEYFNKHIFSLEQLEYSREGLV
WEDIDWIDNGECLDLIEKKLGLLALINEESHFPQATDSTLLEKLHSQHANNHFYVKPRVAVNNFGVKHYAGEVQYDVRGI
LEKNRDTFRDDLLNLLRESRFDFIYDLFEHVSSRNNQDTLKCGSKHRRPTVSSQFKDSLHSLMATLSSSNPFFVRCIKPN
MQKMPDQFDQAVVLNQLRYSGMLETVRIRKAGYAVRRPFQDFYKRYKVLMRNLALPEDVRGKCTSLLQLYDASNSEWQLG
KTKVFLRESLEQKLEKRREEE
;
_entity_poly.pdbx_strand_id   A,B
#
# COMPACT_ATOMS: atom_id res chain seq x y z
N ASN A 3 -5.36 -53.90 32.04
CA ASN A 3 -4.35 -53.05 31.40
C ASN A 3 -2.96 -53.74 31.28
N PHE A 4 -2.94 -55.08 31.30
CA PHE A 4 -1.69 -55.84 31.19
C PHE A 4 -1.38 -56.11 29.72
N PHE A 5 -0.13 -55.88 29.32
CA PHE A 5 0.34 -56.08 27.96
C PHE A 5 1.64 -56.87 28.00
N THR A 6 1.70 -57.93 27.19
CA THR A 6 2.83 -58.88 27.10
C THR A 6 4.04 -58.23 26.42
N GLU A 7 5.23 -58.82 26.60
CA GLU A 7 6.49 -58.34 26.02
C GLU A 7 6.37 -58.20 24.51
N GLY A 8 6.87 -57.09 23.97
CA GLY A 8 6.81 -56.80 22.54
C GLY A 8 5.56 -56.07 22.09
N THR A 9 4.53 -55.93 22.97
CA THR A 9 3.28 -55.24 22.60
C THR A 9 3.51 -53.74 22.37
N ARG A 10 2.95 -53.21 21.28
CA ARG A 10 3.04 -51.82 20.90
C ARG A 10 1.94 -51.03 21.63
N VAL A 11 2.33 -50.04 22.43
CA VAL A 11 1.36 -49.29 23.26
C VAL A 11 1.64 -47.78 23.25
N TRP A 12 0.63 -46.97 23.63
CA TRP A 12 0.80 -45.54 23.88
C TRP A 12 0.93 -45.48 25.39
N LEU A 13 2.03 -44.91 25.88
CA LEU A 13 2.27 -44.74 27.30
C LEU A 13 2.12 -43.26 27.64
N ARG A 14 1.16 -42.95 28.52
CA ARG A 14 0.92 -41.57 28.93
C ARG A 14 1.91 -41.23 30.04
N GLU A 15 2.88 -40.33 29.75
CA GLU A 15 3.91 -39.95 30.73
C GLU A 15 4.47 -38.59 30.30
N ASN A 16 4.98 -37.79 31.24
CA ASN A 16 5.59 -36.48 30.95
C ASN A 16 4.73 -35.58 30.05
N GLY A 17 3.42 -35.56 30.34
CA GLY A 17 2.41 -34.76 29.64
C GLY A 17 2.19 -35.08 28.18
N GLN A 18 2.43 -36.32 27.76
CA GLN A 18 2.23 -36.71 26.35
C GLN A 18 2.03 -38.22 26.24
N HIS A 19 1.61 -38.70 25.06
CA HIS A 19 1.49 -40.13 24.75
C HIS A 19 2.78 -40.53 24.04
N PHE A 20 3.52 -41.48 24.63
CA PHE A 20 4.74 -41.98 24.02
C PHE A 20 4.48 -43.26 23.22
N PRO A 21 4.96 -43.31 21.95
CA PRO A 21 4.87 -44.56 21.18
C PRO A 21 5.88 -45.51 21.80
N SER A 22 5.41 -46.65 22.32
CA SER A 22 6.28 -47.52 23.12
C SER A 22 6.11 -49.01 22.87
N THR A 23 7.03 -49.80 23.41
CA THR A 23 6.97 -51.26 23.35
C THR A 23 7.10 -51.78 24.80
N VAL A 24 6.38 -52.87 25.15
CA VAL A 24 6.54 -53.49 26.47
C VAL A 24 7.87 -54.24 26.42
N ASN A 25 8.84 -53.78 27.22
CA ASN A 25 10.18 -54.40 27.28
C ASN A 25 10.22 -55.65 28.17
N SER A 26 9.54 -55.60 29.33
CA SER A 26 9.45 -56.71 30.26
C SER A 26 8.26 -56.55 31.18
N CYS A 27 7.72 -57.68 31.65
CA CYS A 27 6.57 -57.74 32.52
C CYS A 27 6.72 -58.96 33.41
N ALA A 28 7.50 -58.80 34.49
CA ALA A 28 7.75 -59.87 35.47
C ALA A 28 7.83 -59.32 36.88
N GLU A 29 7.44 -60.15 37.87
CA GLU A 29 7.50 -59.85 39.31
C GLU A 29 6.75 -58.55 39.68
N GLY A 30 5.65 -58.29 38.98
CA GLY A 30 4.81 -57.12 39.23
C GLY A 30 5.42 -55.80 38.80
N ILE A 31 6.47 -55.83 37.95
CA ILE A 31 7.12 -54.64 37.39
C ILE A 31 6.93 -54.65 35.89
N VAL A 32 6.61 -53.49 35.32
CA VAL A 32 6.50 -53.39 33.86
C VAL A 32 7.46 -52.33 33.41
N VAL A 33 8.24 -52.64 32.36
CA VAL A 33 9.19 -51.72 31.77
C VAL A 33 8.75 -51.42 30.33
N PHE A 34 8.64 -50.14 30.00
CA PHE A 34 8.29 -49.71 28.65
C PHE A 34 9.50 -49.04 28.05
N ARG A 35 9.76 -49.29 26.75
CA ARG A 35 10.82 -48.61 26.02
C ARG A 35 10.10 -47.76 24.95
N THR A 36 10.36 -46.44 24.93
CA THR A 36 9.70 -45.58 23.92
C THR A 36 10.50 -45.67 22.62
N ASP A 37 9.88 -45.31 21.49
CA ASP A 37 10.60 -45.29 20.21
C ASP A 37 11.72 -44.25 20.22
N TYR A 38 11.68 -43.31 21.21
CA TYR A 38 12.70 -42.29 21.35
C TYR A 38 13.85 -42.71 22.27
N GLY A 39 13.83 -43.96 22.73
CA GLY A 39 14.89 -44.55 23.56
C GLY A 39 14.76 -44.31 25.05
N GLN A 40 13.60 -43.83 25.53
CA GLN A 40 13.43 -43.63 26.97
C GLN A 40 12.88 -44.89 27.59
N VAL A 41 13.35 -45.20 28.79
CA VAL A 41 12.91 -46.40 29.49
C VAL A 41 12.18 -45.94 30.71
N PHE A 42 10.93 -46.37 30.84
CA PHE A 42 10.08 -46.03 31.98
C PHE A 42 9.67 -47.30 32.69
N THR A 43 9.82 -47.33 34.03
CA THR A 43 9.53 -48.51 34.85
C THR A 43 8.41 -48.20 35.84
N TYR A 44 7.45 -49.15 36.00
CA TYR A 44 6.32 -48.97 36.92
C TYR A 44 5.96 -50.27 37.59
N LYS A 45 5.24 -50.13 38.70
CA LYS A 45 4.65 -51.28 39.39
C LYS A 45 3.43 -51.60 38.52
N GLN A 46 3.26 -52.89 38.12
CA GLN A 46 2.16 -53.31 37.25
C GLN A 46 0.80 -52.91 37.82
N SER A 47 0.62 -52.96 39.13
CA SER A 47 -0.64 -52.54 39.78
C SER A 47 -1.06 -51.08 39.49
N THR A 48 -0.07 -50.18 39.27
CA THR A 48 -0.33 -48.75 39.02
C THR A 48 -0.76 -48.44 37.58
N ILE A 49 -0.59 -49.39 36.66
CA ILE A 49 -0.95 -49.19 35.27
C ILE A 49 -2.46 -49.45 35.09
N THR A 50 -3.17 -48.45 34.63
CA THR A 50 -4.61 -48.54 34.37
C THR A 50 -4.87 -48.21 32.88
N HIS A 51 -6.14 -48.16 32.46
CA HIS A 51 -6.56 -47.79 31.09
C HIS A 51 -6.29 -46.31 30.91
N GLN A 52 -6.18 -45.84 29.65
CA GLN A 52 -5.83 -44.48 29.27
C GLN A 52 -4.34 -44.21 29.56
N LYS A 53 -3.78 -44.69 30.76
CA LYS A 53 -2.33 -44.57 31.08
C LYS A 53 -1.54 -45.38 30.04
N VAL A 54 -2.00 -46.60 29.77
CA VAL A 54 -1.43 -47.44 28.73
C VAL A 54 -2.59 -47.94 27.89
N THR A 55 -2.46 -47.78 26.56
CA THR A 55 -3.47 -48.23 25.59
C THR A 55 -2.74 -48.86 24.43
N ALA A 56 -3.35 -49.85 23.78
CA ALA A 56 -2.71 -50.52 22.64
C ALA A 56 -2.64 -49.57 21.47
N MET A 57 -1.56 -49.67 20.68
CA MET A 57 -1.38 -48.89 19.46
C MET A 57 -2.09 -49.58 18.29
N HIS A 58 -2.74 -48.78 17.41
CA HIS A 58 -3.43 -49.28 16.21
C HIS A 58 -2.44 -49.98 15.27
N PRO A 59 -2.69 -51.26 14.88
CA PRO A 59 -1.72 -52.01 14.06
C PRO A 59 -1.23 -51.33 12.78
N THR A 60 0.11 -51.38 12.58
CA THR A 60 0.90 -50.82 11.47
C THR A 60 0.44 -49.39 11.15
N ASN A 61 -0.39 -49.23 10.10
CA ASN A 61 -0.97 -48.01 9.59
C ASN A 61 0.03 -46.79 9.47
N GLU A 62 1.29 -46.94 8.94
CA GLU A 62 2.17 -48.06 8.50
C GLU A 62 3.51 -47.40 8.12
N GLU A 63 4.31 -47.06 9.15
CA GLU A 63 5.54 -46.26 9.07
C GLU A 63 5.14 -44.80 8.69
N GLY A 64 3.88 -44.45 9.02
CA GLY A 64 3.27 -43.13 8.85
C GLY A 64 2.15 -43.01 7.83
N VAL A 65 1.50 -41.84 7.85
CA VAL A 65 0.43 -41.41 6.93
C VAL A 65 0.90 -40.12 6.25
N ASP A 66 0.55 -39.97 4.96
CA ASP A 66 0.96 -38.79 4.16
C ASP A 66 0.26 -37.54 4.54
N ASP A 67 -1.03 -37.65 4.91
CA ASP A 67 -1.84 -36.49 5.27
C ASP A 67 -2.33 -36.71 6.68
N MET A 68 -1.92 -35.84 7.61
CA MET A 68 -2.30 -36.08 9.01
C MET A 68 -3.78 -35.88 9.32
N ALA A 69 -4.55 -35.34 8.37
CA ALA A 69 -6.01 -35.30 8.52
C ALA A 69 -6.57 -36.74 8.47
N SER A 70 -5.76 -37.72 8.00
CA SER A 70 -6.10 -39.15 7.94
C SER A 70 -5.93 -39.80 9.32
N LEU A 71 -5.23 -39.14 10.27
CA LEU A 71 -4.96 -39.77 11.57
C LEU A 71 -6.25 -39.96 12.35
N THR A 72 -6.33 -41.08 13.10
CA THR A 72 -7.49 -41.36 13.95
C THR A 72 -7.22 -40.82 15.37
N GLU A 73 -5.97 -40.95 15.85
CA GLU A 73 -5.52 -40.45 17.15
C GLU A 73 -4.95 -39.07 16.91
N LEU A 74 -5.56 -38.05 17.53
CA LEU A 74 -5.15 -36.69 17.23
C LEU A 74 -4.30 -36.03 18.28
N HIS A 75 -3.82 -36.80 19.26
CA HIS A 75 -2.99 -36.23 20.32
C HIS A 75 -1.60 -35.85 19.81
N GLY A 76 -0.89 -35.01 20.56
CA GLY A 76 0.43 -34.54 20.18
C GLY A 76 1.41 -35.68 19.96
N GLY A 77 1.31 -36.72 20.80
CA GLY A 77 2.15 -37.92 20.65
C GLY A 77 1.96 -38.61 19.31
N SER A 78 0.69 -38.75 18.87
CA SER A 78 0.32 -39.35 17.57
C SER A 78 0.89 -38.48 16.41
N ILE A 79 0.70 -37.18 16.48
CA ILE A 79 1.19 -36.27 15.43
C ILE A 79 2.72 -36.36 15.33
N MET A 80 3.40 -36.27 16.48
CA MET A 80 4.86 -36.35 16.44
C MET A 80 5.38 -37.70 15.99
N TYR A 81 4.72 -38.80 16.41
CA TYR A 81 5.14 -40.15 16.01
C TYR A 81 5.06 -40.31 14.51
N ASN A 82 3.98 -39.78 13.90
CA ASN A 82 3.85 -39.84 12.45
C ASN A 82 5.04 -39.14 11.78
N LEU A 83 5.43 -37.93 12.25
CA LEU A 83 6.55 -37.20 11.69
C LEU A 83 7.85 -37.95 11.92
N PHE A 84 8.00 -38.57 13.10
CA PHE A 84 9.20 -39.35 13.45
C PHE A 84 9.41 -40.56 12.53
N GLN A 85 8.37 -41.40 12.35
CA GLN A 85 8.45 -42.60 11.51
C GLN A 85 8.89 -42.23 10.10
N ARG A 86 8.28 -41.16 9.58
CA ARG A 86 8.58 -40.63 8.24
C ARG A 86 10.01 -40.07 8.19
N TYR A 87 10.42 -39.26 9.19
N TYR A 87 10.39 -39.32 9.20
CA TYR A 87 11.79 -38.69 9.26
CA TYR A 87 11.72 -38.73 9.32
C TYR A 87 12.86 -39.79 9.25
C TYR A 87 12.82 -39.78 9.27
N LYS A 88 12.61 -40.90 9.96
CA LYS A 88 13.56 -42.04 10.03
C LYS A 88 13.80 -42.71 8.66
N ARG A 89 12.85 -42.58 7.73
CA ARG A 89 13.04 -43.14 6.37
C ARG A 89 13.31 -42.00 5.36
N ASN A 90 13.78 -40.83 5.85
CA ASN A 90 14.10 -39.66 5.02
C ASN A 90 12.88 -39.08 4.28
N GLN A 91 11.68 -39.24 4.87
CA GLN A 91 10.50 -38.58 4.34
C GLN A 91 10.30 -37.39 5.27
N ILE A 92 10.82 -36.22 4.85
CA ILE A 92 10.78 -35.02 5.69
C ILE A 92 9.50 -34.22 5.52
N TYR A 93 8.66 -34.61 4.54
CA TYR A 93 7.45 -33.86 4.22
C TYR A 93 6.19 -34.62 4.60
N THR A 94 5.26 -33.91 5.22
CA THR A 94 3.95 -34.47 5.59
C THR A 94 2.88 -33.42 5.36
N TYR A 95 1.71 -33.82 4.82
CA TYR A 95 0.63 -32.83 4.63
C TYR A 95 -0.28 -32.76 5.85
N ILE A 96 -0.98 -31.62 5.95
CA ILE A 96 -2.11 -31.43 6.87
C ILE A 96 -3.09 -30.77 5.92
N GLY A 97 -3.77 -31.57 5.12
CA GLY A 97 -4.58 -31.02 4.04
C GLY A 97 -3.59 -30.43 3.04
N SER A 98 -3.75 -29.15 2.65
CA SER A 98 -2.78 -28.54 1.74
C SER A 98 -1.66 -27.81 2.48
N ILE A 99 -1.65 -27.88 3.83
CA ILE A 99 -0.57 -27.27 4.62
C ILE A 99 0.58 -28.30 4.58
N LEU A 100 1.81 -27.81 4.52
CA LEU A 100 2.97 -28.72 4.47
C LEU A 100 3.85 -28.61 5.71
N ALA A 101 4.18 -29.73 6.34
CA ALA A 101 5.15 -29.78 7.45
C ALA A 101 6.45 -30.26 6.82
N SER A 102 7.57 -29.60 7.16
CA SER A 102 8.90 -29.92 6.65
C SER A 102 9.85 -30.04 7.85
N VAL A 103 10.47 -31.20 8.07
CA VAL A 103 11.40 -31.41 9.18
C VAL A 103 12.81 -31.36 8.60
N ASN A 104 13.62 -30.41 9.03
CA ASN A 104 14.96 -30.22 8.48
C ASN A 104 15.80 -31.53 8.65
N PRO A 105 16.25 -32.16 7.53
CA PRO A 105 17.07 -33.37 7.68
C PRO A 105 18.54 -33.08 7.99
N TYR A 106 19.02 -31.83 7.75
CA TYR A 106 20.43 -31.46 7.99
C TYR A 106 21.42 -32.38 7.24
N GLN A 107 21.00 -32.87 6.08
CA GLN A 107 21.82 -33.71 5.23
C GLN A 107 21.18 -33.81 3.86
N PRO A 108 21.97 -34.13 2.81
CA PRO A 108 21.37 -34.42 1.50
C PRO A 108 20.62 -35.74 1.56
N ILE A 109 19.57 -35.86 0.77
CA ILE A 109 18.77 -37.10 0.71
C ILE A 109 18.75 -37.46 -0.75
N ALA A 110 19.32 -38.64 -1.10
CA ALA A 110 19.41 -39.08 -2.48
C ALA A 110 18.08 -38.98 -3.26
N GLY A 111 18.12 -38.25 -4.36
CA GLY A 111 16.99 -38.11 -5.27
C GLY A 111 15.95 -37.06 -4.93
N LEU A 112 15.93 -36.57 -3.68
CA LEU A 112 14.87 -35.71 -3.19
C LEU A 112 14.60 -34.45 -4.02
N TYR A 113 15.64 -33.75 -4.42
CA TYR A 113 15.50 -32.49 -5.16
C TYR A 113 16.09 -32.50 -6.56
N GLU A 114 16.35 -33.71 -7.08
CA GLU A 114 16.92 -33.90 -8.41
C GLU A 114 15.97 -33.45 -9.51
N PRO A 115 16.48 -33.01 -10.71
CA PRO A 115 15.55 -32.59 -11.79
C PRO A 115 14.55 -33.66 -12.21
N ALA A 116 14.93 -34.96 -12.17
CA ALA A 116 14.00 -36.06 -12.48
C ALA A 116 12.77 -36.05 -11.52
N THR A 117 13.00 -35.69 -10.25
CA THR A 117 11.91 -35.62 -9.27
C THR A 117 11.06 -34.39 -9.55
N MET A 118 11.72 -33.25 -9.86
CA MET A 118 10.95 -32.05 -10.20
C MET A 118 9.98 -32.34 -11.36
N GLU A 119 10.47 -33.03 -12.42
CA GLU A 119 9.67 -33.40 -13.60
C GLU A 119 8.47 -34.25 -13.18
N GLN A 120 8.68 -35.24 -12.32
CA GLN A 120 7.64 -36.14 -11.86
C GLN A 120 6.53 -35.35 -11.14
N TYR A 121 6.91 -34.41 -10.25
CA TYR A 121 5.89 -33.61 -9.53
C TYR A 121 5.11 -32.65 -10.41
N SER A 122 5.75 -32.12 -11.47
CA SER A 122 5.09 -31.20 -12.39
C SER A 122 3.97 -31.86 -13.17
N ARG A 123 4.00 -33.18 -13.30
CA ARG A 123 3.00 -33.86 -14.13
C ARG A 123 1.93 -34.60 -13.31
N ARG A 124 1.87 -34.36 -11.98
CA ARG A 124 0.90 -35.01 -11.10
C ARG A 124 0.09 -34.01 -10.27
N HIS A 125 -1.05 -34.46 -9.73
CA HIS A 125 -1.91 -33.67 -8.87
C HIS A 125 -1.48 -33.86 -7.42
N LEU A 126 -1.79 -32.86 -6.58
CA LEU A 126 -1.54 -32.94 -5.14
C LEU A 126 -2.23 -34.18 -4.61
N GLY A 127 -1.47 -35.01 -3.89
CA GLY A 127 -1.96 -36.26 -3.34
C GLY A 127 -1.61 -37.51 -4.13
N GLU A 128 -1.18 -37.37 -5.41
CA GLU A 128 -0.86 -38.56 -6.23
C GLU A 128 0.52 -39.10 -5.92
N LEU A 129 1.43 -38.23 -5.45
CA LEU A 129 2.78 -38.64 -5.13
C LEU A 129 3.05 -38.43 -3.65
N PRO A 130 4.18 -38.94 -3.11
CA PRO A 130 4.49 -38.65 -1.70
C PRO A 130 4.55 -37.14 -1.45
N PRO A 131 4.20 -36.69 -0.24
CA PRO A 131 4.27 -35.25 0.06
C PRO A 131 5.63 -34.66 -0.25
N HIS A 132 5.63 -33.44 -0.79
CA HIS A 132 6.89 -32.77 -1.17
C HIS A 132 6.63 -31.30 -1.33
N ILE A 133 7.62 -30.46 -1.01
CA ILE A 133 7.53 -29.03 -1.28
C ILE A 133 7.25 -28.77 -2.81
N PHE A 134 7.75 -29.66 -3.73
CA PHE A 134 7.47 -29.48 -5.17
C PHE A 134 5.98 -29.62 -5.46
N ALA A 135 5.25 -30.46 -4.69
CA ALA A 135 3.81 -30.62 -4.91
C ALA A 135 3.03 -29.38 -4.51
N ILE A 136 3.48 -28.68 -3.46
CA ILE A 136 2.86 -27.44 -3.00
C ILE A 136 3.10 -26.33 -4.04
N ALA A 137 4.36 -26.21 -4.50
CA ALA A 137 4.71 -25.21 -5.53
C ALA A 137 3.87 -25.47 -6.80
N ASN A 138 3.67 -26.75 -7.15
CA ASN A 138 2.88 -27.11 -8.34
C ASN A 138 1.39 -26.78 -8.17
N GLU A 139 0.84 -27.08 -6.99
CA GLU A 139 -0.58 -26.78 -6.70
C GLU A 139 -0.80 -25.26 -6.71
N CYS A 140 0.11 -24.54 -6.10
CA CYS A 140 0.10 -23.08 -6.09
C CYS A 140 0.08 -22.56 -7.55
N TYR A 141 0.98 -23.08 -8.38
CA TYR A 141 1.06 -22.71 -9.80
C TYR A 141 -0.27 -23.04 -10.51
N ARG A 142 -0.83 -24.25 -10.27
CA ARG A 142 -2.10 -24.66 -10.90
C ARG A 142 -3.26 -23.78 -10.50
N CYS A 143 -3.21 -23.20 -9.28
CA CYS A 143 -4.24 -22.27 -8.79
C CYS A 143 -4.35 -20.99 -9.62
N LEU A 144 -3.34 -20.66 -10.42
CA LEU A 144 -3.41 -19.49 -11.31
C LEU A 144 -4.48 -19.69 -12.42
N TRP A 145 -4.87 -20.96 -12.69
CA TRP A 145 -5.91 -21.24 -13.70
C TRP A 145 -7.18 -21.84 -13.06
N LYS A 146 -7.09 -22.31 -11.81
CA LYS A 146 -8.18 -22.93 -11.05
C LYS A 146 -8.94 -21.87 -10.20
N ARG A 147 -8.25 -20.80 -9.80
CA ARG A 147 -8.78 -19.71 -8.99
C ARG A 147 -8.80 -18.39 -9.77
N HIS A 148 -9.16 -17.30 -9.11
CA HIS A 148 -9.26 -15.98 -9.73
C HIS A 148 -8.25 -14.98 -9.16
N ASP A 149 -7.53 -15.37 -8.11
CA ASP A 149 -6.63 -14.47 -7.39
C ASP A 149 -5.14 -14.80 -7.55
N ASN A 150 -4.30 -13.92 -7.01
CA ASN A 150 -2.86 -14.12 -6.93
C ASN A 150 -2.63 -15.10 -5.77
N GLN A 151 -1.49 -15.80 -5.76
CA GLN A 151 -1.21 -16.77 -4.71
C GLN A 151 0.03 -16.34 -3.91
N CYS A 152 0.15 -16.84 -2.71
CA CYS A 152 1.35 -16.60 -1.91
C CYS A 152 1.69 -17.85 -1.10
N ILE A 153 2.99 -18.05 -0.83
CA ILE A 153 3.50 -19.19 -0.07
C ILE A 153 4.24 -18.59 1.10
N LEU A 154 3.78 -18.92 2.32
CA LEU A 154 4.33 -18.37 3.55
C LEU A 154 4.99 -19.49 4.30
N ILE A 155 6.23 -19.29 4.71
CA ILE A 155 7.05 -20.37 5.30
C ILE A 155 7.47 -19.97 6.68
N SER A 156 7.04 -20.71 7.68
CA SER A 156 7.35 -20.36 9.07
C SER A 156 8.48 -21.23 9.64
N GLY A 157 9.06 -20.77 10.73
CA GLY A 157 10.03 -21.57 11.47
C GLY A 157 11.06 -20.78 12.21
N GLU A 158 11.62 -21.39 13.25
CA GLU A 158 12.72 -20.82 14.02
C GLU A 158 13.95 -20.68 13.13
N SER A 159 14.92 -19.86 13.58
CA SER A 159 16.18 -19.76 12.82
C SER A 159 16.80 -21.17 12.67
N GLY A 160 17.14 -21.54 11.43
CA GLY A 160 17.72 -22.83 11.10
C GLY A 160 16.71 -23.92 10.71
N ALA A 161 15.40 -23.60 10.71
CA ALA A 161 14.37 -24.63 10.39
C ALA A 161 14.30 -25.07 8.94
N GLY A 162 14.74 -24.22 8.01
CA GLY A 162 14.76 -24.55 6.59
C GLY A 162 13.92 -23.66 5.68
N LYS A 163 13.58 -22.45 6.11
CA LYS A 163 12.76 -21.51 5.32
C LYS A 163 13.47 -21.07 4.04
N THR A 164 14.74 -20.67 4.15
CA THR A 164 15.49 -20.15 2.98
C THR A 164 15.70 -21.27 1.97
N GLU A 165 16.06 -22.47 2.46
CA GLU A 165 16.24 -23.62 1.54
C GLU A 165 14.92 -23.95 0.87
N SER A 166 13.81 -23.92 1.63
CA SER A 166 12.45 -24.14 1.08
C SER A 166 12.14 -23.11 -0.02
N THR A 167 12.42 -21.82 0.23
CA THR A 167 12.17 -20.77 -0.76
C THR A 167 12.94 -21.04 -2.07
N LYS A 168 14.23 -21.37 -1.95
CA LYS A 168 15.03 -21.63 -3.15
C LYS A 168 14.54 -22.84 -3.91
N LEU A 169 14.07 -23.89 -3.20
CA LEU A 169 13.53 -25.07 -3.87
C LEU A 169 12.25 -24.74 -4.65
N ILE A 170 11.37 -23.90 -4.07
CA ILE A 170 10.13 -23.45 -4.73
C ILE A 170 10.51 -22.66 -5.98
N LEU A 171 11.45 -21.72 -5.85
CA LEU A 171 11.87 -20.89 -6.99
C LEU A 171 12.46 -21.73 -8.10
N LYS A 172 13.29 -22.75 -7.75
CA LYS A 172 13.90 -23.61 -8.77
C LYS A 172 12.81 -24.42 -9.48
N PHE A 173 11.85 -24.96 -8.69
CA PHE A 173 10.75 -25.73 -9.30
C PHE A 173 9.93 -24.86 -10.28
N LEU A 174 9.51 -23.65 -9.85
CA LEU A 174 8.74 -22.74 -10.71
C LEU A 174 9.51 -22.30 -11.95
N SER A 175 10.81 -22.06 -11.80
CA SER A 175 11.69 -21.67 -12.92
C SER A 175 11.76 -22.77 -13.98
N VAL A 176 11.80 -24.04 -13.54
CA VAL A 176 11.84 -25.21 -14.44
C VAL A 176 10.50 -25.39 -15.16
N ILE A 177 9.41 -25.34 -14.40
CA ILE A 177 8.04 -25.46 -14.88
C ILE A 177 7.71 -24.31 -15.90
N SER A 178 8.22 -23.05 -15.65
CA SER A 178 8.08 -21.88 -16.53
C SER A 178 8.61 -22.20 -17.95
N GLN A 179 9.67 -23.02 -18.03
CA GLN A 179 10.32 -23.47 -19.27
C GLN A 179 9.53 -24.56 -19.98
N GLN A 180 8.69 -25.32 -19.26
CA GLN A 180 7.87 -26.36 -19.87
C GLN A 180 6.69 -25.73 -20.63
N SER A 181 6.34 -24.45 -20.29
CA SER A 181 5.18 -23.73 -20.82
C SER A 181 5.16 -23.55 -22.34
N LEU A 182 3.95 -23.59 -22.92
CA LEU A 182 3.71 -23.41 -24.36
C LEU A 182 2.72 -22.24 -24.58
N GLU A 183 2.80 -21.47 -25.69
CA GLU A 183 3.76 -21.56 -26.80
C GLU A 183 4.82 -20.47 -26.57
N LEU A 184 6.00 -20.90 -26.06
CA LEU A 184 7.11 -20.04 -25.66
C LEU A 184 7.72 -19.20 -26.81
N SER A 185 7.48 -17.87 -26.76
CA SER A 185 7.99 -16.89 -27.71
C SER A 185 9.52 -16.75 -27.61
N LEU A 186 10.18 -16.27 -28.67
CA LEU A 186 11.65 -16.12 -28.64
C LEU A 186 12.06 -15.05 -27.62
N LYS A 187 11.20 -14.03 -27.42
CA LYS A 187 11.44 -12.97 -26.42
C LYS A 187 11.50 -13.58 -25.04
N GLU A 188 10.55 -14.50 -24.76
CA GLU A 188 10.49 -15.14 -23.45
C GLU A 188 11.53 -16.26 -23.30
N LYS A 189 11.96 -16.90 -24.40
CA LYS A 189 12.98 -17.94 -24.31
C LYS A 189 14.38 -17.34 -24.14
N THR A 190 14.63 -16.15 -24.73
CA THR A 190 15.95 -15.50 -24.67
C THR A 190 16.08 -14.45 -23.54
N SER A 191 15.03 -14.19 -22.77
CA SER A 191 15.11 -13.20 -21.69
C SER A 191 16.09 -13.59 -20.58
N CYS A 192 16.24 -14.92 -20.33
CA CYS A 192 17.07 -15.47 -19.22
C CYS A 192 16.56 -14.90 -17.89
N VAL A 193 15.25 -14.53 -17.84
CA VAL A 193 14.70 -13.93 -16.61
C VAL A 193 14.68 -14.97 -15.49
N GLU A 194 14.38 -16.25 -15.80
CA GLU A 194 14.40 -17.33 -14.77
C GLU A 194 15.82 -17.48 -14.23
N ARG A 195 16.82 -17.45 -15.11
CA ARG A 195 18.23 -17.54 -14.71
C ARG A 195 18.57 -16.40 -13.75
N ALA A 196 18.16 -15.16 -14.10
CA ALA A 196 18.41 -13.99 -13.24
C ALA A 196 17.70 -14.15 -11.87
N ILE A 197 16.44 -14.60 -11.89
CA ILE A 197 15.71 -14.79 -10.63
C ILE A 197 16.45 -15.77 -9.73
N LEU A 198 16.91 -16.88 -10.28
CA LEU A 198 17.62 -17.87 -9.50
C LEU A 198 18.97 -17.34 -8.97
N GLU A 199 19.66 -16.53 -9.78
CA GLU A 199 20.97 -15.97 -9.42
C GLU A 199 20.86 -14.85 -8.41
N SER A 200 19.64 -14.35 -8.14
CA SER A 200 19.45 -13.32 -7.11
C SER A 200 19.80 -13.88 -5.72
N SER A 201 19.53 -15.19 -5.45
CA SER A 201 19.78 -15.81 -4.14
C SER A 201 21.24 -15.77 -3.71
N PRO A 202 22.27 -16.25 -4.47
CA PRO A 202 23.65 -16.14 -3.96
C PRO A 202 24.08 -14.69 -3.70
N ILE A 203 23.59 -13.72 -4.48
CA ILE A 203 23.96 -12.31 -4.23
C ILE A 203 23.34 -11.86 -2.89
N MET A 204 22.02 -12.05 -2.73
CA MET A 204 21.35 -11.59 -1.49
C MET A 204 21.85 -12.36 -0.27
N GLU A 205 22.13 -13.67 -0.39
CA GLU A 205 22.66 -14.40 0.76
C GLU A 205 24.07 -13.89 1.12
N ALA A 206 24.91 -13.55 0.14
CA ALA A 206 26.28 -13.06 0.48
C ALA A 206 26.21 -11.74 1.24
N PHE A 207 25.35 -10.83 0.79
CA PHE A 207 25.21 -9.52 1.40
C PHE A 207 24.31 -9.48 2.62
N GLY A 208 23.39 -10.43 2.75
CA GLY A 208 22.41 -10.35 3.83
C GLY A 208 22.36 -11.51 4.80
N ASN A 209 23.21 -12.55 4.61
CA ASN A 209 23.23 -13.69 5.54
C ASN A 209 24.49 -13.73 6.32
N ALA A 210 24.46 -14.38 7.50
CA ALA A 210 25.65 -14.46 8.37
C ALA A 210 25.55 -15.64 9.31
N LYS A 211 26.66 -16.10 9.83
CA LYS A 211 26.65 -17.19 10.79
C LYS A 211 26.19 -16.70 12.16
N THR A 212 25.21 -17.39 12.75
CA THR A 212 24.77 -17.18 14.13
C THR A 212 24.82 -18.58 14.79
N VAL A 213 24.61 -18.65 16.12
CA VAL A 213 24.63 -19.95 16.82
C VAL A 213 23.56 -20.92 16.28
N TYR A 214 22.42 -20.40 15.77
CA TYR A 214 21.34 -21.28 15.30
C TYR A 214 21.43 -21.64 13.83
N ASN A 215 22.21 -20.86 13.04
CA ASN A 215 22.28 -21.13 11.62
C ASN A 215 23.55 -20.55 11.04
N ASN A 216 24.40 -21.40 10.41
CA ASN A 216 25.63 -20.95 9.76
C ASN A 216 25.31 -20.03 8.58
N ASN A 217 24.06 -20.08 8.08
CA ASN A 217 23.60 -19.25 6.96
C ASN A 217 22.31 -18.49 7.34
N SER A 218 22.29 -17.87 8.53
CA SER A 218 21.10 -17.15 8.99
C SER A 218 20.75 -15.95 8.10
N SER A 219 19.46 -15.79 7.74
CA SER A 219 18.99 -14.64 6.95
C SER A 219 18.89 -13.43 7.87
N ARG A 220 19.63 -12.35 7.57
CA ARG A 220 19.60 -11.17 8.45
C ARG A 220 18.79 -10.03 7.84
N PHE A 221 17.85 -10.40 6.97
CA PHE A 221 16.87 -9.48 6.39
C PHE A 221 15.70 -10.38 6.01
N GLY A 222 14.53 -9.76 5.81
CA GLY A 222 13.34 -10.49 5.36
C GLY A 222 13.18 -10.28 3.87
N LYS A 223 12.61 -11.26 3.18
CA LYS A 223 12.46 -11.15 1.73
C LYS A 223 11.07 -11.59 1.27
N PHE A 224 10.47 -10.81 0.36
CA PHE A 224 9.22 -11.20 -0.28
C PHE A 224 9.56 -11.20 -1.78
N VAL A 225 9.45 -12.37 -2.41
CA VAL A 225 9.74 -12.52 -3.85
C VAL A 225 8.42 -12.68 -4.59
N GLN A 226 8.15 -11.81 -5.58
N GLN A 226 8.17 -11.81 -5.58
CA GLN A 226 6.93 -11.90 -6.38
CA GLN A 226 6.95 -11.88 -6.39
C GLN A 226 7.35 -12.31 -7.77
C GLN A 226 7.35 -12.30 -7.79
N LEU A 227 6.72 -13.36 -8.29
CA LEU A 227 6.96 -13.85 -9.66
C LEU A 227 5.71 -13.54 -10.45
N ASN A 228 5.83 -12.81 -11.55
CA ASN A 228 4.70 -12.49 -12.41
C ASN A 228 4.67 -13.52 -13.48
N ILE A 229 3.54 -14.21 -13.59
CA ILE A 229 3.40 -15.30 -14.54
C ILE A 229 2.33 -14.96 -15.60
N CYS A 230 2.65 -15.18 -16.87
CA CYS A 230 1.73 -14.88 -17.98
C CYS A 230 0.61 -15.94 -18.06
N GLN A 231 -0.47 -15.62 -18.83
CA GLN A 231 -1.63 -16.52 -19.00
C GLN A 231 -1.23 -17.88 -19.56
N LYS A 232 -0.11 -17.92 -20.32
CA LYS A 232 0.44 -19.16 -20.89
C LYS A 232 1.31 -19.97 -19.90
N GLY A 233 1.56 -19.42 -18.71
CA GLY A 233 2.29 -20.10 -17.64
C GLY A 233 3.77 -19.83 -17.49
N ASN A 234 4.29 -18.86 -18.26
CA ASN A 234 5.72 -18.51 -18.23
C ASN A 234 5.95 -17.31 -17.29
N ILE A 235 7.12 -17.29 -16.59
CA ILE A 235 7.53 -16.17 -15.74
C ILE A 235 7.93 -15.01 -16.66
N GLN A 236 7.28 -13.85 -16.46
CA GLN A 236 7.46 -12.63 -17.27
C GLN A 236 8.51 -11.77 -16.62
N GLY A 237 8.68 -11.97 -15.33
CA GLY A 237 9.63 -11.24 -14.51
C GLY A 237 9.21 -11.29 -13.06
N GLY A 238 9.84 -10.45 -12.26
CA GLY A 238 9.54 -10.45 -10.84
C GLY A 238 9.93 -9.19 -10.11
N ARG A 239 9.81 -9.24 -8.79
CA ARG A 239 10.15 -8.12 -7.90
C ARG A 239 10.50 -8.70 -6.55
N ILE A 240 11.55 -8.16 -5.95
CA ILE A 240 12.01 -8.58 -4.61
C ILE A 240 11.88 -7.39 -3.71
N VAL A 241 11.28 -7.60 -2.54
CA VAL A 241 11.16 -6.56 -1.52
C VAL A 241 11.96 -7.05 -0.31
N ASP A 242 12.94 -6.26 0.16
CA ASP A 242 13.72 -6.61 1.35
C ASP A 242 13.16 -5.88 2.58
N TYR A 243 13.27 -6.51 3.75
CA TYR A 243 12.79 -5.99 5.02
C TYR A 243 13.90 -5.97 6.01
N LEU A 244 14.10 -4.80 6.63
CA LEU A 244 14.99 -4.56 7.75
C LEU A 244 16.31 -5.34 7.78
N LEU A 245 17.27 -4.94 6.95
CA LEU A 245 18.59 -5.55 7.04
C LEU A 245 19.17 -5.22 8.42
N GLU A 246 19.87 -6.18 9.02
CA GLU A 246 20.50 -5.98 10.33
C GLU A 246 21.82 -5.17 10.11
N LYS A 247 21.71 -3.87 9.91
CA LYS A 247 22.91 -3.09 9.59
C LYS A 247 23.93 -3.01 10.73
N ASN A 248 23.51 -3.18 12.00
N ASN A 248 23.49 -3.23 11.99
CA ASN A 248 24.46 -3.15 13.10
CA ASN A 248 24.40 -3.23 13.13
C ASN A 248 25.45 -4.32 13.07
C ASN A 248 25.46 -4.30 13.01
N ARG A 249 25.13 -5.44 12.34
CA ARG A 249 26.06 -6.58 12.17
C ARG A 249 27.37 -6.16 11.49
N VAL A 250 27.30 -5.15 10.63
CA VAL A 250 28.49 -4.63 9.91
C VAL A 250 29.59 -4.23 10.91
N VAL A 251 29.20 -3.69 12.05
CA VAL A 251 30.17 -3.14 13.01
C VAL A 251 30.34 -3.94 14.29
N ARG A 252 29.35 -4.78 14.64
CA ARG A 252 29.46 -5.61 15.83
C ARG A 252 28.70 -6.93 15.74
N GLN A 253 29.26 -7.98 16.35
CA GLN A 253 28.61 -9.29 16.36
C GLN A 253 28.73 -9.86 17.75
N ASN A 254 27.87 -10.85 18.05
CA ASN A 254 27.94 -11.57 19.32
C ASN A 254 29.08 -12.58 19.22
N PRO A 255 29.61 -13.07 20.36
CA PRO A 255 30.71 -14.05 20.29
C PRO A 255 30.30 -15.28 19.48
N GLY A 256 31.24 -15.76 18.67
CA GLY A 256 31.01 -16.95 17.85
C GLY A 256 30.31 -16.73 16.52
N GLU A 257 29.74 -15.51 16.28
CA GLU A 257 29.04 -15.21 15.02
C GLU A 257 30.04 -14.65 14.02
N ARG A 258 29.60 -14.43 12.78
CA ARG A 258 30.43 -13.74 11.82
C ARG A 258 29.67 -12.51 11.35
N ASN A 259 30.39 -11.62 10.67
CA ASN A 259 29.77 -10.51 9.94
C ASN A 259 29.14 -11.15 8.65
N TYR A 260 28.60 -10.31 7.74
CA TYR A 260 28.04 -10.79 6.48
C TYR A 260 29.02 -11.63 5.68
N HIS A 261 28.54 -12.72 5.06
CA HIS A 261 29.37 -13.65 4.30
C HIS A 261 30.27 -12.94 3.28
N ILE A 262 29.73 -11.91 2.60
CA ILE A 262 30.45 -11.24 1.51
C ILE A 262 31.84 -10.74 1.91
N PHE A 263 32.02 -10.25 3.15
CA PHE A 263 33.36 -9.78 3.56
C PHE A 263 34.39 -10.90 3.53
N TYR A 264 34.02 -12.10 3.98
CA TYR A 264 34.93 -13.25 4.02
C TYR A 264 35.14 -13.77 2.62
N ALA A 265 34.07 -13.78 1.80
CA ALA A 265 34.17 -14.19 0.40
C ALA A 265 35.13 -13.25 -0.36
N LEU A 266 34.99 -11.92 -0.18
CA LEU A 266 35.86 -10.93 -0.81
C LEU A 266 37.34 -11.20 -0.44
N LEU A 267 37.62 -11.35 0.86
CA LEU A 267 39.01 -11.57 1.31
C LEU A 267 39.61 -12.88 0.85
N ALA A 268 38.80 -13.92 0.71
CA ALA A 268 39.27 -15.24 0.28
C ALA A 268 39.31 -15.38 -1.24
N GLY A 269 38.48 -14.61 -1.93
CA GLY A 269 38.27 -14.71 -3.37
C GLY A 269 38.99 -13.75 -4.28
N LEU A 270 39.30 -12.53 -3.81
CA LEU A 270 40.00 -11.57 -4.66
C LEU A 270 41.36 -12.09 -5.10
N GLU A 271 41.77 -11.78 -6.34
CA GLU A 271 43.09 -12.19 -6.85
C GLU A 271 44.14 -11.33 -6.14
N HIS A 272 45.41 -11.79 -6.09
CA HIS A 272 46.51 -11.09 -5.40
C HIS A 272 46.63 -9.61 -5.75
N GLU A 273 46.47 -9.25 -7.05
CA GLU A 273 46.59 -7.87 -7.55
C GLU A 273 45.53 -6.93 -7.00
N GLU A 274 44.26 -7.36 -6.98
CA GLU A 274 43.16 -6.56 -6.46
C GLU A 274 43.24 -6.48 -4.95
N ARG A 275 43.69 -7.57 -4.32
CA ARG A 275 43.89 -7.65 -2.87
C ARG A 275 44.90 -6.60 -2.42
N GLU A 276 46.04 -6.49 -3.15
CA GLU A 276 47.08 -5.50 -2.87
C GLU A 276 46.60 -4.08 -3.22
N GLU A 277 45.80 -3.95 -4.29
CA GLU A 277 45.26 -2.63 -4.72
C GLU A 277 44.34 -2.04 -3.63
N PHE A 278 43.57 -2.90 -2.95
CA PHE A 278 42.65 -2.48 -1.91
C PHE A 278 43.23 -2.59 -0.51
N TYR A 279 44.55 -2.88 -0.41
CA TYR A 279 45.32 -2.99 0.83
C TYR A 279 44.71 -4.00 1.79
N LEU A 280 44.17 -5.09 1.25
CA LEU A 280 43.51 -6.12 2.05
C LEU A 280 44.41 -7.25 2.47
N SER A 281 44.18 -7.77 3.68
CA SER A 281 44.93 -8.91 4.19
C SER A 281 43.94 -10.01 4.62
N THR A 282 44.13 -10.64 5.74
CA THR A 282 43.25 -11.70 6.23
C THR A 282 42.09 -11.13 7.06
N PRO A 283 40.98 -11.88 7.22
CA PRO A 283 39.85 -11.31 7.98
C PRO A 283 40.16 -10.97 9.43
N GLU A 284 41.08 -11.73 10.06
CA GLU A 284 41.62 -11.52 11.44
C GLU A 284 42.16 -10.12 11.62
N ASN A 285 42.62 -9.48 10.53
CA ASN A 285 43.21 -8.15 10.62
C ASN A 285 42.19 -7.03 10.78
N TYR A 286 40.88 -7.35 10.70
CA TYR A 286 39.85 -6.32 10.74
C TYR A 286 38.97 -6.41 11.96
N HIS A 287 38.89 -5.32 12.72
CA HIS A 287 38.01 -5.20 13.90
C HIS A 287 36.55 -5.62 13.58
N TYR A 288 36.06 -5.25 12.39
CA TYR A 288 34.68 -5.59 12.00
C TYR A 288 34.47 -7.07 11.73
N LEU A 289 35.57 -7.85 11.63
CA LEU A 289 35.51 -9.28 11.35
C LEU A 289 36.21 -10.13 12.42
N ASN A 290 36.95 -9.54 13.34
CA ASN A 290 37.73 -10.35 14.29
C ASN A 290 37.19 -10.38 15.75
N GLN A 291 36.28 -9.46 16.13
CA GLN A 291 35.73 -9.30 17.49
C GLN A 291 34.99 -10.51 18.03
N SER A 292 34.33 -11.26 17.14
CA SER A 292 33.51 -12.40 17.55
C SER A 292 34.36 -13.64 17.88
N GLY A 293 35.61 -13.63 17.46
CA GLY A 293 36.53 -14.75 17.64
C GLY A 293 36.35 -15.86 16.62
N CYS A 294 35.45 -15.66 15.64
CA CYS A 294 35.17 -16.62 14.56
C CYS A 294 35.24 -15.97 13.18
N VAL A 295 36.15 -16.44 12.34
CA VAL A 295 36.35 -15.91 10.98
C VAL A 295 36.02 -17.00 9.91
N GLU A 296 35.80 -18.24 10.35
CA GLU A 296 35.52 -19.31 9.40
C GLU A 296 34.48 -20.29 9.89
N ASP A 297 33.88 -21.04 8.95
CA ASP A 297 33.02 -22.17 9.27
C ASP A 297 33.24 -23.26 8.24
N LYS A 298 33.46 -24.48 8.74
CA LYS A 298 33.73 -25.68 7.95
C LYS A 298 32.68 -25.99 6.88
N THR A 299 31.45 -25.49 7.05
CA THR A 299 30.36 -25.74 6.10
C THR A 299 30.41 -24.75 4.94
N ILE A 300 31.25 -23.70 5.05
CA ILE A 300 31.35 -22.60 4.07
C ILE A 300 32.74 -22.48 3.43
N SER A 301 32.81 -22.60 2.09
CA SER A 301 34.04 -22.30 1.36
C SER A 301 33.82 -20.86 0.91
N ASP A 302 34.49 -19.92 1.59
CA ASP A 302 34.37 -18.49 1.27
C ASP A 302 34.88 -18.17 -0.14
N GLN A 303 35.96 -18.85 -0.59
CA GLN A 303 36.48 -18.64 -1.92
C GLN A 303 35.46 -19.09 -2.99
N GLU A 304 34.81 -20.24 -2.77
CA GLU A 304 33.79 -20.75 -3.69
C GLU A 304 32.56 -19.84 -3.72
N SER A 305 32.16 -19.27 -2.55
CA SER A 305 31.04 -18.33 -2.50
C SER A 305 31.38 -17.09 -3.34
N PHE A 306 32.63 -16.60 -3.26
CA PHE A 306 33.03 -15.41 -4.05
C PHE A 306 32.84 -15.66 -5.53
N ARG A 307 33.26 -16.85 -6.02
CA ARG A 307 33.11 -17.24 -7.44
C ARG A 307 31.63 -17.25 -7.85
N GLU A 308 30.77 -17.79 -6.98
CA GLU A 308 29.34 -17.87 -7.19
C GLU A 308 28.71 -16.47 -7.26
N VAL A 309 29.12 -15.54 -6.35
CA VAL A 309 28.62 -14.17 -6.34
C VAL A 309 29.01 -13.47 -7.63
N ILE A 310 30.29 -13.59 -8.05
CA ILE A 310 30.82 -12.97 -9.28
C ILE A 310 30.00 -13.40 -10.51
N THR A 311 29.73 -14.70 -10.64
CA THR A 311 28.95 -15.29 -11.73
C THR A 311 27.54 -14.71 -11.69
N ALA A 312 26.92 -14.69 -10.48
CA ALA A 312 25.55 -14.18 -10.34
C ALA A 312 25.49 -12.70 -10.72
N MET A 313 26.49 -11.89 -10.31
CA MET A 313 26.49 -10.46 -10.62
C MET A 313 26.61 -10.21 -12.12
N ASP A 314 27.37 -11.07 -12.83
CA ASP A 314 27.51 -11.02 -14.30
C ASP A 314 26.12 -11.28 -14.93
N VAL A 315 25.40 -12.32 -14.49
CA VAL A 315 24.03 -12.60 -14.97
C VAL A 315 23.11 -11.40 -14.68
N MET A 316 23.28 -10.79 -13.50
CA MET A 316 22.44 -9.68 -13.05
C MET A 316 22.73 -8.34 -13.75
N GLN A 317 23.65 -8.33 -14.70
CA GLN A 317 24.03 -7.15 -15.51
C GLN A 317 24.75 -6.07 -14.67
N PHE A 318 25.57 -6.51 -13.69
CA PHE A 318 26.49 -5.61 -12.99
C PHE A 318 27.67 -5.62 -13.95
N SER A 319 28.19 -4.45 -14.31
CA SER A 319 29.35 -4.40 -15.20
C SER A 319 30.59 -4.82 -14.41
N LYS A 320 31.70 -5.14 -15.09
CA LYS A 320 32.95 -5.49 -14.40
C LYS A 320 33.41 -4.33 -13.50
N GLU A 321 33.20 -3.08 -13.95
CA GLU A 321 33.57 -1.91 -13.15
C GLU A 321 32.66 -1.80 -11.91
N GLU A 322 31.36 -2.06 -12.05
CA GLU A 322 30.44 -2.03 -10.90
C GLU A 322 30.83 -3.05 -9.86
N VAL A 323 31.26 -4.24 -10.29
CA VAL A 323 31.70 -5.29 -9.35
C VAL A 323 32.93 -4.80 -8.58
N ARG A 324 33.86 -4.14 -9.27
CA ARG A 324 35.08 -3.59 -8.67
C ARG A 324 34.73 -2.47 -7.68
N GLU A 325 33.74 -1.62 -8.03
CA GLU A 325 33.28 -0.50 -7.17
C GLU A 325 32.69 -1.02 -5.86
N VAL A 326 31.92 -2.12 -5.94
CA VAL A 326 31.33 -2.76 -4.76
C VAL A 326 32.50 -3.35 -3.90
N SER A 327 33.48 -4.02 -4.55
CA SER A 327 34.67 -4.58 -3.87
C SER A 327 35.43 -3.47 -3.13
N ARG A 328 35.59 -2.31 -3.79
CA ARG A 328 36.27 -1.15 -3.24
C ARG A 328 35.55 -0.57 -2.04
N LEU A 329 34.21 -0.49 -2.11
CA LEU A 329 33.40 0.04 -1.01
C LEU A 329 33.52 -0.90 0.21
N LEU A 330 33.40 -2.21 -0.02
CA LEU A 330 33.54 -3.16 1.10
C LEU A 330 34.92 -3.07 1.74
N ALA A 331 35.98 -2.96 0.92
CA ALA A 331 37.35 -2.78 1.43
C ALA A 331 37.43 -1.47 2.26
N GLY A 332 36.79 -0.39 1.76
CA GLY A 332 36.76 0.88 2.48
C GLY A 332 36.12 0.76 3.85
N ILE A 333 35.02 0.00 3.95
CA ILE A 333 34.32 -0.25 5.22
C ILE A 333 35.25 -1.00 6.17
N LEU A 334 35.92 -2.07 5.68
CA LEU A 334 36.86 -2.85 6.52
C LEU A 334 37.97 -1.99 7.12
N HIS A 335 38.58 -1.11 6.31
CA HIS A 335 39.63 -0.23 6.82
C HIS A 335 39.10 0.80 7.79
N LEU A 336 37.88 1.32 7.54
CA LEU A 336 37.21 2.28 8.40
C LEU A 336 37.09 1.72 9.81
N GLY A 337 36.70 0.44 9.93
CA GLY A 337 36.60 -0.25 11.22
C GLY A 337 37.87 -0.36 12.03
N ASN A 338 39.03 -0.21 11.38
CA ASN A 338 40.34 -0.29 12.04
C ASN A 338 40.84 1.04 12.59
N ILE A 339 40.08 2.13 12.37
CA ILE A 339 40.44 3.44 12.92
C ILE A 339 40.26 3.40 14.44
N GLU A 340 41.29 3.79 15.18
CA GLU A 340 41.23 3.82 16.65
C GLU A 340 41.38 5.25 17.09
N PHE A 341 40.85 5.57 18.27
CA PHE A 341 40.91 6.91 18.84
C PHE A 341 41.50 6.91 20.24
N ILE A 342 42.15 8.01 20.60
CA ILE A 342 42.67 8.26 21.96
C ILE A 342 42.12 9.64 22.39
N THR A 343 42.21 9.95 23.69
CA THR A 343 41.74 11.24 24.22
C THR A 343 42.97 12.13 24.47
N ALA A 344 42.99 13.31 23.83
CA ALA A 344 44.01 14.34 24.04
C ALA A 344 43.18 15.57 24.38
N GLY A 345 42.48 16.11 23.38
CA GLY A 345 41.52 17.19 23.56
C GLY A 345 40.32 16.69 24.37
N GLY A 346 39.35 16.02 23.74
CA GLY A 346 39.18 15.79 22.30
C GLY A 346 39.65 14.44 21.80
N ALA A 347 38.76 13.73 21.06
CA ALA A 347 39.12 12.46 20.43
C ALA A 347 40.12 12.77 19.32
N GLN A 348 41.13 11.93 19.19
CA GLN A 348 42.16 12.07 18.15
C GLN A 348 42.40 10.70 17.55
N VAL A 349 42.64 10.65 16.24
CA VAL A 349 42.95 9.39 15.55
C VAL A 349 44.34 8.94 16.01
N SER A 350 44.45 7.70 16.48
CA SER A 350 45.75 7.22 16.96
C SER A 350 46.59 6.61 15.82
N PHE A 351 46.22 5.39 15.37
CA PHE A 351 46.84 4.64 14.27
C PHE A 351 46.28 5.21 12.95
N LYS A 352 47.08 6.06 12.30
CA LYS A 352 46.72 6.77 11.06
C LYS A 352 46.68 5.92 9.78
N THR A 353 47.32 4.74 9.77
CA THR A 353 47.34 3.91 8.56
C THR A 353 45.92 3.52 8.07
N ALA A 354 45.08 3.00 8.99
CA ALA A 354 43.72 2.58 8.62
C ALA A 354 42.89 3.77 8.10
N LEU A 355 43.07 4.95 8.71
CA LEU A 355 42.38 6.14 8.23
C LEU A 355 42.77 6.47 6.78
N GLY A 356 44.08 6.45 6.48
CA GLY A 356 44.58 6.75 5.15
C GLY A 356 44.07 5.78 4.10
N ARG A 357 44.06 4.46 4.43
CA ARG A 357 43.56 3.44 3.51
C ARG A 357 42.07 3.62 3.23
N SER A 358 41.29 3.81 4.29
CA SER A 358 39.83 3.98 4.16
C SER A 358 39.50 5.27 3.38
N ALA A 359 40.16 6.40 3.67
CA ALA A 359 39.96 7.67 2.94
C ALA A 359 40.24 7.47 1.45
N GLU A 360 41.36 6.78 1.11
CA GLU A 360 41.68 6.51 -0.30
C GLU A 360 40.60 5.68 -0.99
N LEU A 361 40.20 4.57 -0.37
CA LEU A 361 39.18 3.68 -0.96
C LEU A 361 37.81 4.31 -1.04
N LEU A 362 37.50 5.23 -0.14
CA LEU A 362 36.18 5.91 -0.14
C LEU A 362 36.20 7.22 -0.95
N GLY A 363 37.35 7.58 -1.50
CA GLY A 363 37.51 8.79 -2.31
C GLY A 363 37.44 10.08 -1.51
N LEU A 364 37.82 10.01 -0.23
CA LEU A 364 37.79 11.12 0.70
C LEU A 364 39.16 11.66 1.02
N ASP A 365 39.23 12.95 1.37
CA ASP A 365 40.48 13.55 1.79
C ASP A 365 40.74 13.08 3.23
N PRO A 366 41.96 12.58 3.56
CA PRO A 366 42.18 12.06 4.92
C PRO A 366 41.99 13.10 6.04
N THR A 367 42.35 14.37 5.81
CA THR A 367 42.16 15.41 6.83
C THR A 367 40.65 15.67 7.01
N GLN A 368 39.88 15.65 5.91
CA GLN A 368 38.42 15.82 6.01
C GLN A 368 37.79 14.64 6.78
N LEU A 369 38.27 13.39 6.53
CA LEU A 369 37.74 12.22 7.24
C LEU A 369 38.08 12.29 8.73
N THR A 370 39.34 12.64 9.05
CA THR A 370 39.80 12.82 10.44
C THR A 370 38.94 13.87 11.13
N ASP A 371 38.75 15.05 10.49
CA ASP A 371 37.94 16.13 11.06
C ASP A 371 36.48 15.71 11.32
N ALA A 372 35.85 15.01 10.35
CA ALA A 372 34.46 14.57 10.49
C ALA A 372 34.28 13.55 11.61
N LEU A 373 35.27 12.69 11.83
CA LEU A 373 35.16 11.67 12.89
C LEU A 373 35.46 12.23 14.30
N THR A 374 36.25 13.31 14.40
CA THR A 374 36.73 13.81 15.69
C THR A 374 36.12 15.14 16.12
N GLN A 375 35.40 15.81 15.21
CA GLN A 375 34.83 17.12 15.50
C GLN A 375 33.44 17.31 14.88
N ARG A 376 32.66 18.22 15.47
CA ARG A 376 31.38 18.61 14.92
C ARG A 376 31.44 20.04 14.44
N SER A 377 30.78 20.30 13.30
CA SER A 377 30.72 21.62 12.65
C SER A 377 29.36 22.27 12.80
N MET A 378 29.34 23.60 12.87
CA MET A 378 28.13 24.44 12.86
C MET A 378 28.49 25.83 12.35
N PHE A 379 27.58 26.44 11.59
CA PHE A 379 27.79 27.78 11.02
C PHE A 379 26.89 28.79 11.68
N LEU A 380 27.49 29.89 12.18
CA LEU A 380 26.79 30.98 12.84
C LEU A 380 27.16 32.30 12.15
N ARG A 381 26.19 32.87 11.40
CA ARG A 381 26.21 34.10 10.59
C ARG A 381 27.59 34.81 10.45
N GLY A 382 28.51 34.30 9.63
CA GLY A 382 28.42 33.07 8.85
C GLY A 382 29.72 32.31 8.93
N GLU A 383 30.27 32.21 10.15
CA GLU A 383 31.55 31.54 10.41
C GLU A 383 31.33 30.14 11.00
N GLU A 384 32.23 29.21 10.66
CA GLU A 384 32.22 27.83 11.12
C GLU A 384 32.78 27.73 12.55
N ILE A 385 32.08 26.99 13.41
CA ILE A 385 32.46 26.73 14.81
C ILE A 385 32.69 25.22 14.95
N LEU A 386 33.96 24.82 15.11
CA LEU A 386 34.36 23.42 15.27
C LEU A 386 34.47 23.04 16.75
N THR A 387 33.80 21.95 17.14
CA THR A 387 33.74 21.47 18.51
C THR A 387 34.27 20.04 18.60
N PRO A 388 35.17 19.70 19.54
CA PRO A 388 35.67 18.32 19.61
C PRO A 388 34.61 17.31 20.10
N LEU A 389 34.69 16.10 19.57
CA LEU A 389 33.89 14.98 20.00
C LEU A 389 34.76 14.20 20.99
N ASN A 390 34.14 13.40 21.87
CA ASN A 390 34.86 12.52 22.76
C ASN A 390 35.06 11.18 22.01
N VAL A 391 35.86 10.26 22.58
CA VAL A 391 36.17 8.97 21.94
C VAL A 391 34.90 8.10 21.65
N GLN A 392 33.93 8.04 22.57
CA GLN A 392 32.72 7.25 22.29
C GLN A 392 31.97 7.82 21.09
N GLN A 393 31.86 9.16 21.01
CA GLN A 393 31.19 9.84 19.90
C GLN A 393 31.95 9.62 18.56
N ALA A 394 33.30 9.54 18.61
CA ALA A 394 34.14 9.30 17.44
C ALA A 394 33.94 7.87 16.93
N VAL A 395 33.88 6.89 17.86
CA VAL A 395 33.62 5.48 17.57
C VAL A 395 32.19 5.36 16.97
N ASP A 396 31.19 6.03 17.59
CA ASP A 396 29.81 6.01 17.06
C ASP A 396 29.74 6.59 15.65
N SER A 397 30.50 7.67 15.37
CA SER A 397 30.57 8.29 14.04
C SER A 397 31.18 7.33 13.01
N ARG A 398 32.33 6.72 13.35
CA ARG A 398 33.02 5.74 12.50
C ARG A 398 32.07 4.59 12.15
N ASP A 399 31.41 4.02 13.18
CA ASP A 399 30.47 2.92 12.98
C ASP A 399 29.21 3.34 12.20
N SER A 400 28.69 4.56 12.39
N SER A 400 28.73 4.58 12.40
CA SER A 400 27.50 4.98 11.65
CA SER A 400 27.55 5.11 11.70
C SER A 400 27.86 5.13 10.16
C SER A 400 27.84 5.28 10.21
N LEU A 401 29.10 5.61 9.89
CA LEU A 401 29.60 5.75 8.52
C LEU A 401 29.66 4.37 7.85
N ALA A 402 30.22 3.38 8.54
CA ALA A 402 30.33 2.00 8.03
C ALA A 402 28.94 1.44 7.75
N MET A 403 27.99 1.61 8.70
CA MET A 403 26.63 1.08 8.51
C MET A 403 25.89 1.73 7.38
N ALA A 404 26.08 3.06 7.20
CA ALA A 404 25.38 3.81 6.15
C ALA A 404 25.89 3.35 4.78
N LEU A 405 27.22 3.18 4.64
CA LEU A 405 27.83 2.72 3.39
C LEU A 405 27.31 1.33 3.01
N TYR A 406 27.29 0.43 3.99
CA TYR A 406 26.84 -0.94 3.71
C TYR A 406 25.35 -0.99 3.37
N ALA A 407 24.53 -0.32 4.17
CA ALA A 407 23.06 -0.31 3.93
C ALA A 407 22.72 0.30 2.59
N CYS A 408 23.41 1.40 2.18
CA CYS A 408 23.15 1.99 0.86
C CYS A 408 23.63 1.10 -0.27
N CYS A 409 24.76 0.41 -0.05
CA CYS A 409 25.28 -0.53 -1.04
C CYS A 409 24.29 -1.71 -1.18
N PHE A 410 23.77 -2.25 -0.08
CA PHE A 410 22.78 -3.33 -0.10
C PHE A 410 21.52 -2.89 -0.86
N GLU A 411 21.01 -1.68 -0.59
CA GLU A 411 19.84 -1.14 -1.26
C GLU A 411 20.10 -1.04 -2.78
N TRP A 412 21.32 -0.62 -3.16
CA TRP A 412 21.71 -0.49 -4.58
C TRP A 412 21.76 -1.86 -5.24
N VAL A 413 22.29 -2.86 -4.53
CA VAL A 413 22.35 -4.24 -5.02
C VAL A 413 20.92 -4.76 -5.31
N ILE A 414 19.99 -4.53 -4.37
CA ILE A 414 18.57 -4.94 -4.51
C ILE A 414 17.93 -4.20 -5.71
N LYS A 415 18.23 -2.91 -5.86
CA LYS A 415 17.72 -2.11 -6.97
C LYS A 415 18.19 -2.72 -8.30
N LYS A 416 19.47 -3.13 -8.35
CA LYS A 416 20.06 -3.72 -9.55
C LYS A 416 19.40 -5.06 -9.89
N ILE A 417 19.14 -5.87 -8.88
CA ILE A 417 18.45 -7.15 -9.08
C ILE A 417 17.07 -6.88 -9.64
N ASN A 418 16.34 -5.94 -9.01
CA ASN A 418 14.98 -5.60 -9.44
C ASN A 418 14.94 -5.06 -10.85
N SER A 419 15.96 -4.25 -11.24
CA SER A 419 16.04 -3.71 -12.60
C SER A 419 16.22 -4.87 -13.61
N ARG A 420 17.06 -5.88 -13.27
CA ARG A 420 17.32 -7.06 -14.12
C ARG A 420 16.08 -7.93 -14.33
N ILE A 421 15.30 -8.16 -13.27
CA ILE A 421 14.15 -9.07 -13.37
C ILE A 421 12.82 -8.38 -13.68
N LYS A 422 12.81 -7.05 -13.85
CA LYS A 422 11.61 -6.29 -14.15
C LYS A 422 10.97 -6.79 -15.46
N GLY A 423 9.66 -6.96 -15.46
CA GLY A 423 8.92 -7.40 -16.63
C GLY A 423 7.48 -6.94 -16.59
N ASN A 424 6.67 -7.46 -17.52
CA ASN A 424 5.24 -7.17 -17.58
C ASN A 424 4.54 -7.87 -16.44
N GLU A 425 3.33 -7.39 -16.08
CA GLU A 425 2.45 -7.94 -15.03
C GLU A 425 1.07 -8.02 -15.73
N ASP A 426 0.94 -8.92 -16.71
CA ASP A 426 -0.27 -9.04 -17.53
C ASP A 426 -1.34 -9.96 -16.96
N PHE A 427 -0.95 -10.86 -16.03
CA PHE A 427 -1.90 -11.84 -15.58
C PHE A 427 -1.95 -11.98 -14.07
N LYS A 428 -1.17 -12.92 -13.49
CA LYS A 428 -1.22 -13.18 -12.07
C LYS A 428 0.17 -13.33 -11.51
N SER A 429 0.26 -13.39 -10.18
CA SER A 429 1.54 -13.51 -9.53
C SER A 429 1.52 -14.57 -8.41
N ILE A 430 2.72 -15.10 -8.08
CA ILE A 430 2.92 -15.99 -6.94
C ILE A 430 3.96 -15.26 -6.09
N GLY A 431 3.63 -14.99 -4.83
CA GLY A 431 4.55 -14.33 -3.89
C GLY A 431 5.08 -15.35 -2.90
N ILE A 432 6.38 -15.27 -2.53
CA ILE A 432 6.95 -16.23 -1.58
C ILE A 432 7.61 -15.40 -0.48
N LEU A 433 7.22 -15.65 0.78
CA LEU A 433 7.78 -14.92 1.92
C LEU A 433 8.84 -15.77 2.64
N ASP A 434 10.08 -15.22 2.74
CA ASP A 434 11.22 -15.81 3.44
C ASP A 434 11.66 -14.79 4.53
N ILE A 435 11.12 -14.87 5.75
CA ILE A 435 11.56 -13.92 6.81
C ILE A 435 12.73 -14.48 7.62
N PHE A 436 13.36 -13.62 8.44
CA PHE A 436 14.34 -14.05 9.43
C PHE A 436 13.49 -14.79 10.49
N GLY A 437 14.00 -15.92 10.95
CA GLY A 437 13.26 -16.76 11.88
C GLY A 437 13.36 -16.41 13.33
N PHE A 438 12.41 -16.95 14.11
CA PHE A 438 12.40 -16.74 15.56
C PHE A 438 13.75 -17.11 16.17
N GLU A 439 14.28 -16.25 17.06
CA GLU A 439 15.58 -16.56 17.66
C GLU A 439 15.67 -16.02 19.07
N ASN A 440 16.15 -16.88 19.96
CA ASN A 440 16.31 -16.52 21.38
C ASN A 440 17.75 -16.88 21.79
N PHE A 441 18.64 -15.89 21.77
CA PHE A 441 20.06 -16.09 22.12
C PHE A 441 20.32 -15.97 23.58
N GLU A 442 21.57 -16.26 24.00
CA GLU A 442 21.99 -16.02 25.40
C GLU A 442 21.77 -14.54 25.73
N VAL A 443 22.11 -13.63 24.79
CA VAL A 443 21.89 -12.18 24.97
C VAL A 443 21.14 -11.67 23.75
N ASN A 444 19.92 -11.14 23.96
CA ASN A 444 19.09 -10.58 22.89
C ASN A 444 19.04 -9.07 22.98
N HIS A 445 19.09 -8.40 21.82
CA HIS A 445 19.05 -6.94 21.74
C HIS A 445 17.87 -6.49 20.90
N PHE A 446 17.81 -5.19 20.55
CA PHE A 446 16.74 -4.63 19.73
C PHE A 446 16.54 -5.42 18.42
N GLU A 447 17.65 -5.93 17.83
CA GLU A 447 17.59 -6.71 16.59
C GLU A 447 16.70 -7.94 16.74
N GLN A 448 16.87 -8.68 17.84
CA GLN A 448 16.04 -9.87 18.09
C GLN A 448 14.60 -9.46 18.35
N PHE A 449 14.38 -8.31 19.02
CA PHE A 449 13.03 -7.82 19.30
C PHE A 449 12.26 -7.66 18.00
N ASN A 450 12.87 -6.97 17.01
CA ASN A 450 12.23 -6.75 15.70
C ASN A 450 11.99 -8.03 14.93
N ILE A 451 12.99 -8.93 14.94
CA ILE A 451 12.85 -10.23 14.25
C ILE A 451 11.70 -11.05 14.86
N ASN A 452 11.66 -11.14 16.21
CA ASN A 452 10.65 -11.94 16.90
C ASN A 452 9.26 -11.34 16.76
N TYR A 453 9.18 -10.02 16.67
CA TYR A 453 7.92 -9.30 16.39
C TYR A 453 7.39 -9.75 14.99
N ALA A 454 8.26 -9.77 13.96
CA ALA A 454 7.84 -10.18 12.62
C ALA A 454 7.31 -11.64 12.65
N ASN A 455 8.00 -12.51 13.42
CA ASN A 455 7.58 -13.91 13.55
C ASN A 455 6.23 -14.01 14.26
N GLU A 456 6.03 -13.17 15.29
CA GLU A 456 4.75 -13.09 16.03
C GLU A 456 3.65 -12.66 15.07
N LYS A 457 3.95 -11.63 14.23
CA LYS A 457 3.00 -11.12 13.25
C LYS A 457 2.61 -12.18 12.22
N LEU A 458 3.59 -12.97 11.74
CA LEU A 458 3.34 -14.05 10.78
C LEU A 458 2.48 -15.16 11.39
N GLN A 459 2.72 -15.49 12.67
CA GLN A 459 1.92 -16.52 13.38
C GLN A 459 0.47 -16.00 13.45
N GLU A 460 0.29 -14.70 13.73
CA GLU A 460 -1.08 -14.10 13.80
C GLU A 460 -1.75 -14.24 12.43
N TYR A 461 -0.98 -14.04 11.35
N TYR A 461 -1.02 -14.02 11.31
CA TYR A 461 -1.45 -14.18 9.97
CA TYR A 461 -1.56 -14.18 9.95
C TYR A 461 -1.89 -15.63 9.67
C TYR A 461 -1.96 -15.65 9.72
N PHE A 462 -1.07 -16.61 10.09
CA PHE A 462 -1.35 -18.04 9.95
C PHE A 462 -2.68 -18.36 10.69
N ASN A 463 -2.83 -17.91 11.97
CA ASN A 463 -4.03 -18.17 12.78
C ASN A 463 -5.28 -17.51 12.18
N LYS A 464 -5.10 -16.31 11.62
CA LYS A 464 -6.22 -15.57 11.01
C LYS A 464 -6.81 -16.37 9.85
N HIS A 465 -5.96 -16.93 9.00
CA HIS A 465 -6.42 -17.69 7.82
C HIS A 465 -6.82 -19.12 8.11
N ILE A 466 -6.10 -19.80 8.98
CA ILE A 466 -6.38 -21.20 9.26
C ILE A 466 -7.57 -21.37 10.21
N PHE A 467 -7.68 -20.49 11.22
CA PHE A 467 -8.72 -20.61 12.24
C PHE A 467 -9.79 -19.52 12.27
N SER A 468 -9.38 -18.24 12.39
CA SER A 468 -10.30 -17.14 12.62
C SER A 468 -11.24 -16.85 11.42
N LEU A 469 -10.69 -16.50 10.25
CA LEU A 469 -11.48 -16.19 9.06
C LEU A 469 -12.19 -17.45 8.55
N GLU A 470 -11.52 -18.60 8.71
CA GLU A 470 -12.08 -19.88 8.27
C GLU A 470 -13.39 -20.16 8.99
N GLN A 471 -13.39 -20.09 10.34
CA GLN A 471 -14.62 -20.39 11.12
C GLN A 471 -15.64 -19.29 11.03
N LEU A 472 -15.20 -18.04 10.80
CA LEU A 472 -16.14 -16.94 10.60
C LEU A 472 -16.91 -17.19 9.29
N GLU A 473 -16.21 -17.63 8.22
CA GLU A 473 -16.82 -17.95 6.93
C GLU A 473 -17.85 -19.10 7.09
N TYR A 474 -17.52 -20.15 7.89
CA TYR A 474 -18.48 -21.24 8.13
C TYR A 474 -19.75 -20.69 8.80
N SER A 475 -19.59 -19.78 9.76
CA SER A 475 -20.71 -19.16 10.48
C SER A 475 -21.58 -18.30 9.53
N ARG A 476 -20.93 -17.43 8.73
CA ARG A 476 -21.64 -16.54 7.80
C ARG A 476 -22.42 -17.33 6.73
N GLU A 477 -21.87 -18.49 6.32
CA GLU A 477 -22.48 -19.37 5.33
C GLU A 477 -23.49 -20.33 5.94
N GLY A 478 -23.66 -20.30 7.27
CA GLY A 478 -24.65 -21.12 7.94
C GLY A 478 -24.40 -22.62 7.95
N LEU A 479 -23.10 -23.05 7.92
CA LEU A 479 -22.78 -24.47 7.94
C LEU A 479 -23.06 -25.11 9.30
N VAL A 480 -23.19 -26.43 9.32
CA VAL A 480 -23.33 -27.21 10.57
C VAL A 480 -21.87 -27.28 11.07
N TRP A 481 -21.56 -26.58 12.17
CA TRP A 481 -20.19 -26.48 12.63
C TRP A 481 -20.08 -26.16 14.12
N GLU A 482 -19.19 -26.87 14.80
CA GLU A 482 -18.86 -26.63 16.21
C GLU A 482 -17.45 -26.01 16.20
N ASP A 483 -17.31 -24.78 16.71
CA ASP A 483 -16.01 -24.08 16.69
C ASP A 483 -14.90 -24.85 17.38
N ILE A 484 -13.72 -24.79 16.79
CA ILE A 484 -12.50 -25.41 17.28
C ILE A 484 -11.69 -24.29 17.90
N ASP A 485 -11.31 -24.48 19.18
CA ASP A 485 -10.49 -23.53 19.91
C ASP A 485 -9.05 -23.60 19.42
N TRP A 486 -8.33 -22.48 19.50
N TRP A 486 -8.34 -22.46 19.45
CA TRP A 486 -6.95 -22.39 19.04
CA TRP A 486 -6.94 -22.40 19.03
C TRP A 486 -6.14 -21.44 19.92
C TRP A 486 -6.14 -21.48 19.96
N ILE A 487 -4.80 -21.57 19.88
CA ILE A 487 -3.91 -20.72 20.70
C ILE A 487 -3.79 -19.40 19.98
N ASP A 488 -4.43 -18.36 20.49
CA ASP A 488 -4.47 -17.03 19.91
C ASP A 488 -3.37 -16.16 20.53
N ASN A 489 -2.49 -15.61 19.68
CA ASN A 489 -1.39 -14.74 20.19
C ASN A 489 -1.71 -13.24 20.07
N GLY A 490 -2.99 -12.90 19.80
CA GLY A 490 -3.46 -11.53 19.58
C GLY A 490 -3.07 -10.51 20.64
N GLU A 491 -3.09 -10.93 21.92
CA GLU A 491 -2.76 -10.03 23.04
C GLU A 491 -1.27 -9.75 23.14
N CYS A 492 -0.42 -10.65 22.59
CA CYS A 492 1.03 -10.40 22.57
C CYS A 492 1.28 -9.28 21.57
N LEU A 493 0.60 -9.32 20.43
CA LEU A 493 0.73 -8.27 19.44
C LEU A 493 0.16 -6.96 19.93
N ASP A 494 -0.89 -7.02 20.75
CA ASP A 494 -1.53 -5.85 21.36
C ASP A 494 -0.52 -5.18 22.29
N LEU A 495 0.20 -5.97 23.13
CA LEU A 495 1.26 -5.47 24.02
C LEU A 495 2.32 -4.71 23.21
N ILE A 496 2.73 -5.26 22.06
CA ILE A 496 3.76 -4.67 21.20
C ILE A 496 3.24 -3.45 20.44
N GLU A 497 2.03 -3.55 19.84
CA GLU A 497 1.47 -2.61 18.88
C GLU A 497 0.49 -1.53 19.33
N LYS A 498 -0.25 -1.72 20.44
CA LYS A 498 -1.26 -0.75 20.92
C LYS A 498 -0.66 0.59 21.36
N LYS A 499 -1.53 1.59 21.59
CA LYS A 499 -1.12 2.88 22.14
C LYS A 499 -0.62 2.55 23.56
N LEU A 500 0.49 3.14 23.98
CA LEU A 500 1.12 2.83 25.28
C LEU A 500 1.79 1.43 25.31
N GLY A 501 1.82 0.77 24.15
CA GLY A 501 2.46 -0.54 23.98
C GLY A 501 3.96 -0.42 23.92
N LEU A 502 4.66 -1.55 23.72
CA LEU A 502 6.12 -1.53 23.70
C LEU A 502 6.70 -0.62 22.63
N LEU A 503 6.23 -0.74 21.37
CA LEU A 503 6.73 0.10 20.28
C LEU A 503 6.45 1.58 20.54
N ALA A 504 5.24 1.90 21.04
CA ALA A 504 4.81 3.27 21.36
C ALA A 504 5.73 3.90 22.40
N LEU A 505 6.02 3.17 23.49
CA LEU A 505 6.90 3.69 24.55
C LEU A 505 8.33 3.86 24.06
N ILE A 506 8.82 2.89 23.25
CA ILE A 506 10.17 2.96 22.68
C ILE A 506 10.25 4.20 21.79
N ASN A 507 9.23 4.43 20.96
CA ASN A 507 9.19 5.60 20.05
C ASN A 507 9.07 6.91 20.80
N GLU A 508 8.26 6.94 21.85
CA GLU A 508 8.08 8.14 22.66
C GLU A 508 9.39 8.53 23.35
N GLU A 509 10.08 7.54 23.96
CA GLU A 509 11.38 7.78 24.61
C GLU A 509 12.45 8.22 23.61
N SER A 510 12.40 7.66 22.38
CA SER A 510 13.36 7.96 21.30
C SER A 510 13.31 9.46 20.90
N HIS A 511 12.11 10.07 20.96
CA HIS A 511 11.91 11.48 20.60
C HIS A 511 12.34 12.47 21.70
N PHE A 512 12.73 11.96 22.88
CA PHE A 512 13.24 12.76 23.99
C PHE A 512 14.76 12.72 24.03
N PRO A 513 15.45 13.85 23.75
CA PRO A 513 16.93 13.85 23.76
C PRO A 513 17.61 13.45 25.07
N GLN A 514 17.00 13.80 26.23
CA GLN A 514 17.49 13.50 27.57
C GLN A 514 17.27 12.03 28.03
N ALA A 515 16.34 11.31 27.37
CA ALA A 515 16.02 9.92 27.69
C ALA A 515 17.20 8.97 27.43
N THR A 516 17.29 7.91 28.24
CA THR A 516 18.31 6.87 28.15
C THR A 516 17.60 5.51 28.12
N ASP A 517 18.34 4.43 27.88
CA ASP A 517 17.78 3.08 27.87
C ASP A 517 17.26 2.73 29.28
N SER A 518 17.91 3.29 30.31
CA SER A 518 17.53 3.11 31.72
C SER A 518 16.15 3.75 32.01
N THR A 519 15.92 5.00 31.55
CA THR A 519 14.62 5.67 31.72
C THR A 519 13.53 4.94 30.91
N LEU A 520 13.90 4.42 29.72
CA LEU A 520 12.96 3.64 28.91
C LEU A 520 12.52 2.41 29.68
N LEU A 521 13.47 1.63 30.24
CA LEU A 521 13.15 0.40 30.98
C LEU A 521 12.24 0.68 32.16
N GLU A 522 12.48 1.79 32.89
CA GLU A 522 11.61 2.14 34.01
C GLU A 522 10.17 2.31 33.51
N LYS A 523 9.99 2.99 32.34
CA LYS A 523 8.67 3.21 31.75
C LYS A 523 8.02 1.92 31.28
N LEU A 524 8.79 1.05 30.62
CA LEU A 524 8.29 -0.25 30.16
C LEU A 524 7.77 -1.05 31.36
N HIS A 525 8.59 -1.17 32.44
CA HIS A 525 8.23 -1.91 33.65
C HIS A 525 7.01 -1.29 34.33
N SER A 526 6.98 0.05 34.49
CA SER A 526 5.86 0.74 35.14
C SER A 526 4.53 0.52 34.41
N GLN A 527 4.55 0.62 33.08
CA GLN A 527 3.35 0.47 32.28
C GLN A 527 2.87 -0.98 32.13
N HIS A 528 3.80 -1.94 31.98
CA HIS A 528 3.41 -3.31 31.61
C HIS A 528 3.70 -4.44 32.61
N ALA A 529 4.20 -4.14 33.81
CA ALA A 529 4.49 -5.17 34.82
C ALA A 529 3.32 -6.15 35.08
N ASN A 530 2.05 -5.68 34.96
CA ASN A 530 0.85 -6.51 35.16
C ASN A 530 0.32 -7.17 33.86
N ASN A 531 0.91 -6.86 32.69
CA ASN A 531 0.49 -7.48 31.44
C ASN A 531 0.98 -8.93 31.41
N HIS A 532 0.07 -9.87 31.14
CA HIS A 532 0.34 -11.30 31.13
C HIS A 532 1.41 -11.72 30.12
N PHE A 533 1.61 -10.94 29.06
CA PHE A 533 2.57 -11.21 28.01
C PHE A 533 3.92 -10.51 28.24
N TYR A 534 4.04 -9.74 29.33
CA TYR A 534 5.25 -8.99 29.66
C TYR A 534 5.91 -9.58 30.88
N VAL A 535 7.25 -9.59 30.91
CA VAL A 535 7.99 -10.12 32.04
C VAL A 535 8.95 -9.05 32.60
N LYS A 536 8.77 -8.70 33.87
CA LYS A 536 9.69 -7.83 34.58
C LYS A 536 10.68 -8.77 35.30
N PRO A 537 11.94 -8.91 34.83
CA PRO A 537 12.88 -9.84 35.45
C PRO A 537 13.14 -9.54 36.92
N ARG A 538 13.27 -10.61 37.72
CA ARG A 538 13.49 -10.49 39.15
C ARG A 538 14.91 -10.03 39.48
N VAL A 539 15.92 -10.44 38.67
CA VAL A 539 17.34 -10.13 38.93
C VAL A 539 18.03 -9.33 37.78
N ALA A 540 17.78 -9.69 36.50
CA ALA A 540 18.40 -9.04 35.34
C ALA A 540 17.88 -7.61 35.12
N VAL A 541 18.59 -6.66 35.74
CA VAL A 541 18.31 -5.21 35.81
C VAL A 541 18.26 -4.46 34.45
N ASN A 542 18.88 -5.01 33.39
CA ASN A 542 18.89 -4.33 32.09
C ASN A 542 17.88 -4.96 31.11
N ASN A 543 17.05 -5.89 31.57
CA ASN A 543 16.16 -6.64 30.68
C ASN A 543 14.67 -6.48 30.91
N PHE A 544 13.90 -6.79 29.86
CA PHE A 544 12.46 -6.97 29.92
C PHE A 544 12.20 -8.23 29.10
N GLY A 545 11.12 -8.92 29.41
CA GLY A 545 10.75 -10.11 28.64
C GLY A 545 9.41 -10.00 27.95
N VAL A 546 9.23 -10.81 26.92
CA VAL A 546 7.99 -10.90 26.14
C VAL A 546 7.66 -12.38 26.03
N LYS A 547 6.42 -12.75 26.35
CA LYS A 547 5.96 -14.15 26.23
C LYS A 547 5.50 -14.36 24.80
N HIS A 548 6.48 -14.55 23.89
CA HIS A 548 6.19 -14.76 22.50
C HIS A 548 5.48 -16.10 22.26
N TYR A 549 4.81 -16.27 21.09
CA TYR A 549 4.13 -17.55 20.79
C TYR A 549 5.14 -18.72 20.89
N ALA A 550 6.41 -18.49 20.47
CA ALA A 550 7.47 -19.49 20.41
C ALA A 550 8.32 -19.59 21.70
N GLY A 551 7.93 -18.84 22.71
CA GLY A 551 8.60 -18.87 24.01
C GLY A 551 8.93 -17.50 24.57
N GLU A 552 9.24 -17.47 25.87
CA GLU A 552 9.60 -16.22 26.51
C GLU A 552 11.01 -15.81 26.09
N VAL A 553 11.18 -14.54 25.68
CA VAL A 553 12.49 -14.01 25.29
C VAL A 553 12.78 -12.79 26.18
N GLN A 554 14.00 -12.71 26.73
CA GLN A 554 14.47 -11.58 27.51
C GLN A 554 15.33 -10.73 26.60
N TYR A 555 15.07 -9.41 26.59
CA TYR A 555 15.76 -8.41 25.78
C TYR A 555 16.55 -7.46 26.63
N ASP A 556 17.81 -7.25 26.30
CA ASP A 556 18.67 -6.27 26.96
C ASP A 556 18.33 -4.92 26.32
N VAL A 557 17.95 -3.93 27.13
CA VAL A 557 17.56 -2.60 26.63
C VAL A 557 18.72 -1.78 26.11
N ARG A 558 19.96 -2.16 26.48
CA ARG A 558 21.09 -1.33 26.14
C ARG A 558 21.31 -1.27 24.65
N GLY A 559 21.20 -0.05 24.16
CA GLY A 559 21.34 0.30 22.77
C GLY A 559 20.02 0.51 22.05
N ILE A 560 18.85 0.25 22.70
CA ILE A 560 17.57 0.38 22.01
C ILE A 560 17.31 1.79 21.49
N LEU A 561 17.48 2.82 22.32
CA LEU A 561 17.16 4.16 21.86
C LEU A 561 18.02 4.61 20.68
N GLU A 562 19.34 4.41 20.75
CA GLU A 562 20.29 4.75 19.69
C GLU A 562 19.93 3.96 18.41
N LYS A 563 19.66 2.67 18.55
CA LYS A 563 19.30 1.84 17.40
C LYS A 563 17.98 2.27 16.77
N ASN A 564 16.98 2.63 17.60
CA ASN A 564 15.67 3.04 17.11
C ASN A 564 15.70 4.40 16.44
N ARG A 565 16.47 5.36 17.00
CA ARG A 565 16.60 6.72 16.46
C ARG A 565 17.28 6.65 15.10
N ASP A 566 18.33 5.82 14.99
CA ASP A 566 19.11 5.57 13.79
C ASP A 566 19.57 6.89 13.15
N THR A 567 20.14 7.75 13.97
CA THR A 567 20.68 9.07 13.63
C THR A 567 21.89 8.93 12.70
N PHE A 568 22.04 9.86 11.74
CA PHE A 568 23.24 9.91 10.91
C PHE A 568 23.61 11.37 10.82
N ARG A 569 24.82 11.72 11.32
CA ARG A 569 25.22 13.13 11.37
C ARG A 569 25.28 13.77 9.99
N ASP A 570 24.76 15.00 9.89
CA ASP A 570 24.82 15.76 8.64
C ASP A 570 26.28 16.04 8.27
N ASP A 571 27.19 16.13 9.27
CA ASP A 571 28.61 16.28 8.98
C ASP A 571 29.13 15.09 8.17
N LEU A 572 28.64 13.89 8.45
CA LEU A 572 29.07 12.69 7.72
C LEU A 572 28.42 12.61 6.35
N LEU A 573 27.16 13.05 6.24
CA LEU A 573 26.47 13.06 4.96
C LEU A 573 27.18 14.06 4.02
N ASN A 574 27.51 15.27 4.53
CA ASN A 574 28.24 16.29 3.80
C ASN A 574 29.61 15.74 3.37
N LEU A 575 30.29 15.03 4.27
CA LEU A 575 31.60 14.42 3.98
C LEU A 575 31.46 13.43 2.80
N LEU A 576 30.49 12.49 2.87
CA LEU A 576 30.30 11.50 1.80
C LEU A 576 30.04 12.14 0.45
N ARG A 577 29.31 13.26 0.44
CA ARG A 577 29.04 14.00 -0.80
C ARG A 577 30.28 14.62 -1.42
N GLU A 578 31.39 14.69 -0.67
CA GLU A 578 32.67 15.19 -1.17
C GLU A 578 33.46 14.08 -1.87
N SER A 579 32.99 12.82 -1.81
CA SER A 579 33.73 11.70 -2.42
C SER A 579 34.06 11.93 -3.88
N ARG A 580 35.32 11.66 -4.27
CA ARG A 580 35.73 11.72 -5.67
C ARG A 580 35.35 10.43 -6.42
N PHE A 581 34.93 9.37 -5.69
CA PHE A 581 34.49 8.06 -6.20
C PHE A 581 32.97 8.18 -6.49
N ASP A 582 32.58 8.34 -7.78
CA ASP A 582 31.20 8.52 -8.26
C ASP A 582 30.23 7.50 -7.68
N PHE A 583 30.68 6.24 -7.51
CA PHE A 583 29.82 5.21 -6.93
C PHE A 583 29.34 5.63 -5.54
N ILE A 584 30.23 6.16 -4.69
CA ILE A 584 29.89 6.58 -3.33
C ILE A 584 29.02 7.84 -3.39
N TYR A 585 29.41 8.81 -4.23
CA TYR A 585 28.63 10.04 -4.35
C TYR A 585 27.18 9.68 -4.75
N ASP A 586 27.01 8.81 -5.77
CA ASP A 586 25.70 8.40 -6.26
C ASP A 586 24.83 7.79 -5.17
N LEU A 587 25.43 7.05 -4.24
CA LEU A 587 24.68 6.45 -3.12
C LEU A 587 24.11 7.50 -2.18
N PHE A 588 24.81 8.62 -1.97
CA PHE A 588 24.41 9.62 -0.99
C PHE A 588 23.87 10.93 -1.57
N GLU A 589 23.87 11.03 -2.90
CA GLU A 589 23.44 12.20 -3.68
C GLU A 589 22.14 12.86 -3.15
N HIS A 590 21.07 12.06 -2.99
CA HIS A 590 19.75 12.58 -2.63
C HIS A 590 19.18 12.03 -1.31
N VAL A 591 19.99 11.33 -0.51
CA VAL A 591 19.60 10.75 0.78
C VAL A 591 19.07 11.86 1.70
N SER A 592 17.96 11.60 2.41
CA SER A 592 17.38 12.61 3.32
C SER A 592 18.22 12.69 4.59
N SER A 593 18.29 13.90 5.19
CA SER A 593 18.99 14.12 6.45
C SER A 593 18.31 13.35 7.58
N ARG A 594 19.13 12.75 8.46
CA ARG A 594 18.67 12.01 9.65
C ARG A 594 19.43 12.51 10.88
N ASN A 595 19.80 13.79 10.88
CA ASN A 595 20.55 14.37 11.98
C ASN A 595 19.73 14.33 13.27
N ASN A 596 20.42 14.18 14.41
CA ASN A 596 19.83 14.19 15.75
C ASN A 596 18.96 15.45 15.89
N GLN A 597 17.72 15.27 16.37
CA GLN A 597 16.78 16.39 16.51
C GLN A 597 16.88 17.09 17.86
N ASP A 598 16.65 18.42 17.87
CA ASP A 598 16.71 19.27 19.06
C ASP A 598 15.80 20.48 18.92
N ARG A 607 7.15 14.05 14.15
CA ARG A 607 8.40 13.44 14.58
C ARG A 607 9.04 12.65 13.44
N ARG A 608 10.37 12.49 13.45
CA ARG A 608 11.09 11.74 12.42
C ARG A 608 10.81 10.24 12.55
N PRO A 609 10.61 9.50 11.43
CA PRO A 609 10.37 8.04 11.54
C PRO A 609 11.57 7.34 12.18
N THR A 610 11.28 6.35 13.00
CA THR A 610 12.30 5.58 13.69
C THR A 610 12.34 4.22 13.02
N VAL A 611 13.27 3.36 13.44
CA VAL A 611 13.38 2.01 12.89
C VAL A 611 12.09 1.24 13.17
N SER A 612 11.56 1.34 14.41
CA SER A 612 10.35 0.67 14.88
C SER A 612 9.11 1.12 14.10
N SER A 613 8.94 2.45 13.90
CA SER A 613 7.76 2.97 13.20
C SER A 613 7.77 2.56 11.72
N GLN A 614 8.94 2.61 11.06
CA GLN A 614 9.06 2.21 9.67
C GLN A 614 8.82 0.69 9.53
N PHE A 615 9.33 -0.10 10.49
CA PHE A 615 9.17 -1.55 10.45
C PHE A 615 7.73 -1.97 10.70
N LYS A 616 7.07 -1.37 11.69
CA LYS A 616 5.65 -1.67 11.94
C LYS A 616 4.82 -1.40 10.66
N ASP A 617 5.05 -0.24 10.02
CA ASP A 617 4.38 0.13 8.78
C ASP A 617 4.68 -0.87 7.66
N SER A 618 5.95 -1.29 7.51
N SER A 618 5.95 -1.30 7.50
CA SER A 618 6.38 -2.23 6.46
CA SER A 618 6.37 -2.25 6.44
C SER A 618 5.70 -3.61 6.63
C SER A 618 5.65 -3.60 6.63
N LEU A 619 5.57 -4.08 7.89
CA LEU A 619 4.87 -5.35 8.20
C LEU A 619 3.37 -5.24 7.94
N HIS A 620 2.76 -4.10 8.31
N HIS A 620 2.76 -4.10 8.31
CA HIS A 620 1.32 -3.92 8.08
CA HIS A 620 1.33 -3.86 8.09
C HIS A 620 1.01 -3.83 6.58
C HIS A 620 1.04 -3.87 6.58
N SER A 621 1.90 -3.19 5.80
CA SER A 621 1.79 -3.10 4.33
C SER A 621 1.97 -4.51 3.71
N LEU A 622 2.92 -5.29 4.23
CA LEU A 622 3.16 -6.66 3.77
C LEU A 622 1.93 -7.54 4.03
N MET A 623 1.41 -7.52 5.29
CA MET A 623 0.25 -8.33 5.65
C MET A 623 -0.96 -7.96 4.76
N ALA A 624 -1.09 -6.67 4.40
CA ALA A 624 -2.19 -6.21 3.52
C ALA A 624 -2.02 -6.81 2.10
N THR A 625 -0.79 -6.88 1.59
CA THR A 625 -0.48 -7.51 0.29
C THR A 625 -0.86 -9.00 0.34
N LEU A 626 -0.46 -9.68 1.42
CA LEU A 626 -0.71 -11.11 1.59
C LEU A 626 -2.21 -11.44 1.71
N SER A 627 -2.98 -10.53 2.35
N SER A 627 -2.98 -10.53 2.35
CA SER A 627 -4.43 -10.64 2.56
CA SER A 627 -4.42 -10.64 2.57
C SER A 627 -5.24 -10.71 1.27
C SER A 627 -5.23 -10.70 1.27
N SER A 628 -4.72 -10.10 0.18
CA SER A 628 -5.40 -10.10 -1.13
C SER A 628 -5.03 -11.32 -1.98
N SER A 629 -4.10 -12.17 -1.49
CA SER A 629 -3.68 -13.38 -2.20
C SER A 629 -4.21 -14.63 -1.51
N ASN A 630 -4.30 -15.75 -2.24
CA ASN A 630 -4.68 -17.03 -1.65
C ASN A 630 -3.39 -17.66 -1.05
N PRO A 631 -3.35 -17.99 0.27
CA PRO A 631 -2.08 -18.49 0.85
C PRO A 631 -1.89 -20.00 0.91
N PHE A 632 -0.63 -20.44 0.80
CA PHE A 632 -0.17 -21.82 1.04
C PHE A 632 0.80 -21.71 2.20
N PHE A 633 0.67 -22.61 3.18
CA PHE A 633 1.51 -22.53 4.38
C PHE A 633 2.45 -23.69 4.46
N VAL A 634 3.73 -23.38 4.71
CA VAL A 634 4.75 -24.40 4.90
C VAL A 634 5.28 -24.15 6.33
N ARG A 635 5.30 -25.19 7.17
CA ARG A 635 5.77 -25.08 8.56
C ARG A 635 7.02 -25.90 8.69
N CYS A 636 8.18 -25.21 8.79
CA CYS A 636 9.49 -25.85 8.94
C CYS A 636 9.75 -26.10 10.41
N ILE A 637 10.23 -27.30 10.69
CA ILE A 637 10.45 -27.78 12.05
C ILE A 637 11.91 -28.22 12.20
N LYS A 638 12.58 -27.72 13.26
CA LYS A 638 13.97 -28.13 13.55
C LYS A 638 13.89 -29.43 14.38
N PRO A 639 14.54 -30.52 13.97
CA PRO A 639 14.45 -31.78 14.75
C PRO A 639 15.35 -31.78 15.99
N ASN A 640 16.37 -30.89 16.01
CA ASN A 640 17.31 -30.81 17.12
C ASN A 640 18.02 -29.46 17.09
N MET A 641 18.75 -29.12 18.15
CA MET A 641 19.43 -27.82 18.27
C MET A 641 20.95 -27.94 17.99
N GLN A 642 21.37 -29.06 17.39
N GLN A 642 21.37 -29.06 17.39
CA GLN A 642 22.79 -29.31 17.15
CA GLN A 642 22.78 -29.39 17.13
C GLN A 642 23.15 -29.42 15.66
C GLN A 642 23.16 -29.33 15.66
N LYS A 643 22.21 -29.03 14.76
CA LYS A 643 22.40 -29.04 13.30
C LYS A 643 22.78 -30.45 12.83
N MET A 644 22.23 -31.47 13.51
CA MET A 644 22.60 -32.86 13.24
C MET A 644 21.60 -33.59 12.35
N PRO A 645 22.10 -34.44 11.42
CA PRO A 645 21.17 -35.31 10.68
C PRO A 645 20.81 -36.53 11.57
N ASP A 646 19.71 -37.25 11.26
CA ASP A 646 19.29 -38.48 11.96
C ASP A 646 19.29 -38.35 13.49
N GLN A 647 18.76 -37.23 13.99
CA GLN A 647 18.69 -36.97 15.44
C GLN A 647 17.40 -36.25 15.70
N PHE A 648 16.34 -37.02 15.93
CA PHE A 648 15.01 -36.46 16.17
C PHE A 648 14.87 -36.33 17.67
N ASP A 649 15.04 -35.10 18.20
N ASP A 649 15.00 -35.08 18.17
CA ASP A 649 14.94 -34.87 19.63
CA ASP A 649 14.88 -34.75 19.58
C ASP A 649 13.48 -34.52 19.92
C ASP A 649 13.39 -34.52 19.82
N GLN A 650 12.71 -35.53 20.40
CA GLN A 650 11.27 -35.47 20.62
C GLN A 650 10.80 -34.25 21.44
N ALA A 651 11.56 -33.81 22.46
CA ALA A 651 11.14 -32.65 23.28
C ALA A 651 11.22 -31.34 22.47
N VAL A 652 12.24 -31.24 21.60
CA VAL A 652 12.43 -30.08 20.72
C VAL A 652 11.32 -30.03 19.69
N VAL A 653 11.04 -31.18 19.05
CA VAL A 653 9.97 -31.29 18.05
C VAL A 653 8.59 -31.00 18.67
N LEU A 654 8.27 -31.67 19.77
CA LEU A 654 6.95 -31.51 20.38
C LEU A 654 6.66 -30.07 20.77
N ASN A 655 7.68 -29.37 21.28
CA ASN A 655 7.57 -27.97 21.66
C ASN A 655 7.10 -27.12 20.47
N GLN A 656 7.70 -27.32 19.27
CA GLN A 656 7.34 -26.58 18.06
C GLN A 656 5.96 -26.97 17.59
N LEU A 657 5.62 -28.25 17.63
CA LEU A 657 4.27 -28.67 17.21
C LEU A 657 3.19 -28.04 18.06
N ARG A 658 3.41 -28.00 19.38
N ARG A 658 3.41 -27.99 19.37
CA ARG A 658 2.45 -27.44 20.34
CA ARG A 658 2.46 -27.43 20.32
C ARG A 658 2.33 -25.92 20.27
C ARG A 658 2.34 -25.91 20.16
N TYR A 659 3.46 -25.17 20.31
CA TYR A 659 3.38 -23.71 20.29
C TYR A 659 2.91 -23.13 18.95
N SER A 660 3.15 -23.87 17.85
CA SER A 660 2.79 -23.37 16.52
C SER A 660 1.32 -23.65 16.19
N GLY A 661 0.65 -24.41 17.05
CA GLY A 661 -0.76 -24.76 16.87
C GLY A 661 -1.02 -25.87 15.86
N MET A 662 -0.01 -26.72 15.60
N MET A 662 -0.02 -26.73 15.61
CA MET A 662 -0.13 -27.85 14.66
CA MET A 662 -0.17 -27.82 14.64
C MET A 662 -1.23 -28.85 15.07
C MET A 662 -1.20 -28.87 15.07
N LEU A 663 -1.40 -29.08 16.38
CA LEU A 663 -2.39 -30.02 16.89
C LEU A 663 -3.82 -29.56 16.48
N GLU A 664 -4.12 -28.28 16.71
CA GLU A 664 -5.44 -27.72 16.36
C GLU A 664 -5.58 -27.61 14.84
N THR A 665 -4.46 -27.39 14.13
CA THR A 665 -4.44 -27.31 12.66
C THR A 665 -4.92 -28.64 12.09
N VAL A 666 -4.40 -29.77 12.62
CA VAL A 666 -4.83 -31.10 12.16
C VAL A 666 -6.32 -31.26 12.40
N ARG A 667 -6.80 -30.83 13.57
CA ARG A 667 -8.23 -30.93 13.94
C ARG A 667 -9.12 -30.18 12.96
N ILE A 668 -8.75 -28.93 12.62
CA ILE A 668 -9.60 -28.15 11.71
C ILE A 668 -9.45 -28.61 10.27
N ARG A 669 -8.28 -29.14 9.85
CA ARG A 669 -8.19 -29.61 8.48
C ARG A 669 -8.95 -30.91 8.32
N LYS A 670 -9.01 -31.70 9.38
CA LYS A 670 -9.71 -32.97 9.37
C LYS A 670 -11.23 -32.77 9.35
N ALA A 671 -11.75 -31.83 10.16
CA ALA A 671 -13.19 -31.62 10.27
C ALA A 671 -13.75 -30.59 9.31
N GLY A 672 -12.92 -29.61 8.93
CA GLY A 672 -13.33 -28.47 8.11
C GLY A 672 -13.38 -28.71 6.62
N TYR A 673 -13.61 -27.64 5.88
CA TYR A 673 -13.82 -27.67 4.43
C TYR A 673 -13.05 -26.50 3.87
N ALA A 674 -11.74 -26.68 3.63
CA ALA A 674 -10.88 -25.58 3.18
C ALA A 674 -11.15 -25.08 1.76
N VAL A 675 -11.85 -25.85 0.91
CA VAL A 675 -12.17 -25.40 -0.44
C VAL A 675 -13.64 -24.96 -0.53
N ARG A 676 -13.90 -23.84 -1.23
CA ARG A 676 -15.29 -23.39 -1.45
C ARG A 676 -15.43 -22.65 -2.75
N ARG A 677 -16.60 -22.78 -3.36
CA ARG A 677 -16.96 -22.12 -4.60
C ARG A 677 -18.41 -21.80 -4.57
N PRO A 678 -18.82 -20.63 -5.13
CA PRO A 678 -20.26 -20.37 -5.31
C PRO A 678 -20.92 -21.51 -6.11
N PHE A 679 -22.20 -21.78 -5.89
CA PHE A 679 -22.94 -22.88 -6.55
C PHE A 679 -22.71 -22.91 -8.07
N GLN A 680 -22.95 -21.78 -8.76
CA GLN A 680 -22.79 -21.72 -10.22
C GLN A 680 -21.33 -21.94 -10.68
N ASP A 681 -20.37 -21.43 -9.93
CA ASP A 681 -18.95 -21.56 -10.20
C ASP A 681 -18.57 -23.08 -10.10
N PHE A 682 -19.03 -23.74 -9.04
CA PHE A 682 -18.81 -25.18 -8.85
C PHE A 682 -19.44 -25.97 -10.01
N TYR A 683 -20.70 -25.69 -10.33
CA TYR A 683 -21.41 -26.36 -11.40
C TYR A 683 -20.74 -26.14 -12.77
N LYS A 684 -20.35 -24.89 -13.09
CA LYS A 684 -19.71 -24.59 -14.38
C LYS A 684 -18.33 -25.25 -14.49
N ARG A 685 -17.58 -25.32 -13.39
CA ARG A 685 -16.26 -25.96 -13.39
C ARG A 685 -16.37 -27.47 -13.62
N TYR A 686 -17.31 -28.13 -12.92
CA TYR A 686 -17.40 -29.58 -12.96
C TYR A 686 -18.54 -30.15 -13.77
N LYS A 687 -19.16 -29.35 -14.66
CA LYS A 687 -20.26 -29.77 -15.52
C LYS A 687 -19.94 -31.07 -16.32
N VAL A 688 -18.69 -31.21 -16.81
CA VAL A 688 -18.27 -32.40 -17.60
C VAL A 688 -18.40 -33.70 -16.80
N LEU A 689 -18.28 -33.63 -15.46
CA LEU A 689 -18.36 -34.78 -14.56
C LEU A 689 -19.80 -35.21 -14.23
N MET A 690 -20.79 -34.42 -14.66
CA MET A 690 -22.20 -34.65 -14.37
C MET A 690 -23.01 -35.21 -15.54
N ARG A 691 -22.34 -35.50 -16.69
CA ARG A 691 -23.02 -35.93 -17.91
C ARG A 691 -23.83 -37.24 -17.79
N ASN A 692 -23.49 -38.13 -16.83
CA ASN A 692 -24.24 -39.39 -16.63
C ASN A 692 -25.25 -39.33 -15.45
N LEU A 693 -25.52 -38.12 -14.94
CA LEU A 693 -26.42 -37.89 -13.80
C LEU A 693 -27.76 -37.33 -14.26
N ALA A 694 -28.86 -37.67 -13.56
CA ALA A 694 -30.19 -37.11 -13.86
C ALA A 694 -30.27 -35.90 -12.94
N LEU A 695 -30.00 -34.72 -13.50
CA LEU A 695 -29.88 -33.49 -12.71
C LEU A 695 -31.19 -32.77 -12.43
N PRO A 696 -31.34 -32.17 -11.23
CA PRO A 696 -32.54 -31.34 -10.99
C PRO A 696 -32.34 -29.95 -11.62
N GLU A 697 -33.42 -29.14 -11.65
CA GLU A 697 -33.42 -27.82 -12.26
C GLU A 697 -32.63 -26.77 -11.50
N ASP A 698 -32.61 -26.87 -10.15
CA ASP A 698 -31.92 -25.91 -9.29
C ASP A 698 -30.43 -26.20 -9.19
N VAL A 699 -29.61 -25.15 -9.13
CA VAL A 699 -28.15 -25.31 -9.06
C VAL A 699 -27.68 -25.99 -7.75
N ARG A 700 -28.35 -25.70 -6.60
CA ARG A 700 -27.97 -26.36 -5.34
C ARG A 700 -28.10 -27.89 -5.48
N GLY A 701 -29.18 -28.32 -6.15
CA GLY A 701 -29.47 -29.75 -6.41
C GLY A 701 -28.45 -30.38 -7.33
N LYS A 702 -27.99 -29.60 -8.35
CA LYS A 702 -26.96 -30.04 -9.32
C LYS A 702 -25.64 -30.27 -8.60
N CYS A 703 -25.27 -29.35 -7.70
CA CYS A 703 -24.05 -29.49 -6.91
C CYS A 703 -24.14 -30.72 -6.02
N THR A 704 -25.28 -30.88 -5.31
CA THR A 704 -25.52 -32.02 -4.43
C THR A 704 -25.39 -33.37 -5.18
N SER A 705 -25.95 -33.47 -6.38
CA SER A 705 -25.90 -34.70 -7.18
C SER A 705 -24.46 -35.11 -7.45
N LEU A 706 -23.58 -34.16 -7.85
CA LEU A 706 -22.19 -34.50 -8.10
C LEU A 706 -21.45 -34.86 -6.80
N LEU A 707 -21.71 -34.11 -5.74
CA LEU A 707 -21.03 -34.34 -4.47
C LEU A 707 -21.39 -35.68 -3.84
N GLN A 708 -22.67 -36.07 -3.96
CA GLN A 708 -23.19 -37.36 -3.48
C GLN A 708 -22.58 -38.52 -4.25
N LEU A 709 -22.31 -38.34 -5.56
CA LEU A 709 -21.68 -39.33 -6.42
C LEU A 709 -20.20 -39.57 -6.03
N TYR A 710 -19.46 -38.49 -5.72
CA TYR A 710 -18.05 -38.56 -5.37
C TYR A 710 -17.78 -38.82 -3.87
N ASP A 711 -18.76 -38.54 -2.99
CA ASP A 711 -18.69 -38.76 -1.54
C ASP A 711 -20.11 -39.03 -0.96
N ALA A 712 -20.58 -40.28 -1.06
CA ALA A 712 -21.91 -40.65 -0.56
C ALA A 712 -22.05 -40.60 0.97
N SER A 713 -20.91 -40.56 1.71
CA SER A 713 -20.93 -40.43 3.18
C SER A 713 -21.50 -39.08 3.62
N ASN A 714 -21.54 -38.08 2.69
CA ASN A 714 -21.99 -36.69 2.89
C ASN A 714 -21.18 -35.95 3.96
N SER A 715 -20.01 -36.52 4.32
CA SER A 715 -19.17 -35.96 5.37
C SER A 715 -18.03 -35.06 4.86
N GLU A 716 -17.70 -35.11 3.55
CA GLU A 716 -16.57 -34.33 3.02
C GLU A 716 -17.00 -33.00 2.39
N TRP A 717 -18.29 -32.66 2.51
CA TRP A 717 -18.84 -31.44 1.92
C TRP A 717 -20.09 -30.98 2.64
N GLN A 718 -20.45 -29.71 2.42
CA GLN A 718 -21.69 -29.10 2.92
C GLN A 718 -22.06 -27.98 1.96
N LEU A 719 -23.36 -27.69 1.86
CA LEU A 719 -23.81 -26.53 1.08
C LEU A 719 -24.07 -25.41 2.09
N GLY A 720 -23.50 -24.25 1.81
CA GLY A 720 -23.75 -23.06 2.59
C GLY A 720 -24.83 -22.22 1.92
N LYS A 721 -24.93 -20.96 2.33
CA LYS A 721 -25.91 -20.01 1.80
C LYS A 721 -25.63 -19.69 0.32
N THR A 722 -24.35 -19.53 -0.05
CA THR A 722 -23.98 -19.15 -1.45
C THR A 722 -22.94 -20.08 -2.05
N LYS A 723 -22.27 -20.89 -1.21
CA LYS A 723 -21.17 -21.73 -1.68
C LYS A 723 -21.28 -23.20 -1.35
N VAL A 724 -20.60 -23.99 -2.17
CA VAL A 724 -20.33 -25.40 -1.93
C VAL A 724 -19.04 -25.41 -1.11
N PHE A 725 -19.02 -26.14 0.02
CA PHE A 725 -17.83 -26.26 0.82
C PHE A 725 -17.36 -27.71 0.70
N LEU A 726 -16.05 -27.91 0.50
CA LEU A 726 -15.56 -29.31 0.39
C LEU A 726 -14.14 -29.46 0.92
N ARG A 727 -13.80 -30.69 1.36
CA ARG A 727 -12.46 -30.98 1.88
C ARG A 727 -11.50 -31.07 0.72
N GLU A 728 -10.21 -30.81 0.99
CA GLU A 728 -9.16 -30.81 -0.04
C GLU A 728 -9.06 -32.15 -0.77
N SER A 729 -9.18 -33.27 -0.03
CA SER A 729 -9.15 -34.64 -0.60
C SER A 729 -10.25 -34.85 -1.65
N LEU A 730 -11.44 -34.29 -1.42
CA LEU A 730 -12.55 -34.39 -2.39
C LEU A 730 -12.30 -33.49 -3.59
N GLU A 731 -11.79 -32.27 -3.35
CA GLU A 731 -11.48 -31.36 -4.46
C GLU A 731 -10.38 -31.99 -5.38
N GLN A 732 -9.35 -32.66 -4.78
CA GLN A 732 -8.26 -33.29 -5.54
C GLN A 732 -8.80 -34.42 -6.44
N LYS A 733 -9.77 -35.17 -5.90
CA LYS A 733 -10.50 -36.27 -6.57
C LYS A 733 -11.31 -35.70 -7.73
N LEU A 734 -11.99 -34.54 -7.53
CA LEU A 734 -12.74 -33.89 -8.62
C LEU A 734 -11.81 -33.28 -9.70
N GLU A 735 -10.68 -32.67 -9.28
CA GLU A 735 -9.74 -32.04 -10.22
C GLU A 735 -9.07 -33.08 -11.15
N LYS A 736 -8.67 -34.22 -10.57
CA LYS A 736 -8.04 -35.33 -11.31
C LYS A 736 -9.00 -35.84 -12.40
N ARG A 737 -10.29 -36.05 -12.05
CA ARG A 737 -11.32 -36.53 -12.99
C ARG A 737 -11.69 -35.50 -14.05
N ARG A 738 -11.67 -34.19 -13.71
CA ARG A 738 -11.99 -33.14 -14.66
C ARG A 738 -10.94 -33.11 -15.77
N GLU A 739 -9.65 -33.22 -15.38
CA GLU A 739 -8.51 -33.20 -16.31
C GLU A 739 -8.59 -34.38 -17.30
N GLU A 740 -8.90 -35.58 -16.76
CA GLU A 740 -9.08 -36.84 -17.51
C GLU A 740 -10.15 -36.72 -18.60
N GLU A 741 -11.25 -36.01 -18.30
CA GLU A 741 -12.36 -35.78 -19.25
C GLU A 741 -11.97 -34.63 -20.18
N THR B 6 -8.67 64.73 -1.98
CA THR B 6 -7.58 64.79 -2.95
C THR B 6 -7.97 64.03 -4.23
N GLU B 7 -9.21 64.29 -4.73
CA GLU B 7 -9.79 63.65 -5.92
C GLU B 7 -8.89 63.76 -7.17
N GLY B 8 -8.47 62.63 -7.75
CA GLY B 8 -8.84 61.28 -7.32
C GLY B 8 -7.67 60.36 -7.03
N THR B 9 -7.20 60.37 -5.77
CA THR B 9 -6.08 59.53 -5.30
C THR B 9 -6.53 58.07 -5.20
N ARG B 10 -5.65 57.14 -5.62
CA ARG B 10 -5.89 55.70 -5.57
C ARG B 10 -5.49 55.19 -4.19
N VAL B 11 -6.48 54.64 -3.45
CA VAL B 11 -6.30 54.15 -2.07
C VAL B 11 -6.95 52.79 -1.81
N TRP B 12 -6.54 52.15 -0.71
CA TRP B 12 -7.15 50.95 -0.18
C TRP B 12 -8.06 51.42 0.94
N LEU B 13 -9.36 51.22 0.81
CA LEU B 13 -10.31 51.62 1.83
C LEU B 13 -10.67 50.39 2.68
N ARG B 14 -10.33 50.43 3.98
CA ARG B 14 -10.64 49.31 4.88
C ARG B 14 -12.07 49.48 5.36
N GLU B 15 -12.97 48.65 4.81
CA GLU B 15 -14.40 48.68 5.11
C GLU B 15 -14.97 47.26 4.96
N ASN B 16 -16.02 46.90 5.75
CA ASN B 16 -16.66 45.57 5.70
C ASN B 16 -15.66 44.41 5.85
N GLY B 17 -14.72 44.57 6.78
CA GLY B 17 -13.69 43.56 7.06
C GLY B 17 -12.76 43.25 5.90
N GLN B 18 -12.50 44.22 5.00
CA GLN B 18 -11.61 43.99 3.85
C GLN B 18 -11.08 45.29 3.26
N HIS B 19 -9.95 45.22 2.51
CA HIS B 19 -9.41 46.44 1.87
C HIS B 19 -10.02 46.52 0.45
N PHE B 20 -10.71 47.62 0.16
CA PHE B 20 -11.34 47.83 -1.14
C PHE B 20 -10.46 48.66 -2.07
N PRO B 21 -10.20 48.19 -3.32
CA PRO B 21 -9.47 49.04 -4.29
C PRO B 21 -10.37 50.23 -4.61
N SER B 22 -9.92 51.46 -4.30
CA SER B 22 -10.79 52.64 -4.41
C SER B 22 -10.17 53.88 -5.06
N THR B 23 -11.05 54.82 -5.48
CA THR B 23 -10.74 56.13 -6.05
C THR B 23 -11.57 57.22 -5.34
N VAL B 24 -10.95 58.39 -5.10
CA VAL B 24 -11.59 59.53 -4.44
C VAL B 24 -12.53 60.28 -5.42
N ASN B 25 -13.85 60.26 -5.13
CA ASN B 25 -14.89 60.92 -5.94
C ASN B 25 -15.16 62.31 -5.42
N VAL B 32 -16.64 62.48 1.88
CA VAL B 32 -15.93 61.47 1.10
C VAL B 32 -16.86 60.47 0.46
N VAL B 33 -16.88 60.46 -0.88
CA VAL B 33 -17.65 59.53 -1.66
C VAL B 33 -16.61 58.56 -2.20
N PHE B 34 -16.43 57.42 -1.52
CA PHE B 34 -15.44 56.46 -2.00
C PHE B 34 -16.09 55.60 -3.07
N ARG B 35 -15.41 55.48 -4.23
CA ARG B 35 -15.87 54.67 -5.35
C ARG B 35 -14.95 53.47 -5.52
N THR B 36 -15.43 52.27 -5.14
CA THR B 36 -14.65 51.05 -5.26
C THR B 36 -14.69 50.61 -6.74
N ASP B 37 -13.66 49.86 -7.16
CA ASP B 37 -13.51 49.35 -8.52
C ASP B 37 -14.53 48.27 -8.83
N TYR B 38 -15.32 47.90 -7.81
CA TYR B 38 -16.34 46.86 -7.86
C TYR B 38 -17.75 47.41 -8.12
N GLY B 39 -17.83 48.71 -8.35
CA GLY B 39 -19.09 49.39 -8.61
C GLY B 39 -19.79 49.84 -7.34
N GLN B 40 -19.34 49.32 -6.18
CA GLN B 40 -19.88 49.69 -4.88
C GLN B 40 -19.49 51.14 -4.55
N VAL B 41 -20.35 51.83 -3.82
CA VAL B 41 -20.12 53.21 -3.44
C VAL B 41 -20.47 53.39 -1.97
N PHE B 42 -19.46 53.78 -1.19
CA PHE B 42 -19.54 53.99 0.25
C PHE B 42 -19.32 55.47 0.53
N THR B 43 -20.24 56.06 1.34
CA THR B 43 -20.24 57.49 1.69
C THR B 43 -19.98 57.72 3.17
N TYR B 44 -19.09 58.69 3.50
CA TYR B 44 -18.77 59.06 4.87
C TYR B 44 -18.55 60.57 5.04
N LYS B 45 -18.56 61.03 6.30
CA LYS B 45 -18.23 62.41 6.65
C LYS B 45 -16.69 62.40 6.69
N GLN B 46 -16.07 63.28 5.90
CA GLN B 46 -14.62 63.46 5.68
C GLN B 46 -13.79 63.36 6.98
N SER B 47 -14.30 63.99 8.07
CA SER B 47 -13.68 64.05 9.39
C SER B 47 -13.52 62.70 10.04
N THR B 48 -14.46 61.75 9.80
CA THR B 48 -14.44 60.41 10.39
C THR B 48 -13.31 59.54 9.84
N ILE B 49 -12.89 59.76 8.57
CA ILE B 49 -11.86 58.95 7.91
C ILE B 49 -10.49 59.19 8.52
N THR B 50 -9.87 58.12 9.04
CA THR B 50 -8.57 58.19 9.68
C THR B 50 -7.54 57.31 8.96
N HIS B 51 -6.28 57.32 9.46
CA HIS B 51 -5.16 56.54 8.96
C HIS B 51 -5.41 55.08 9.28
N GLN B 52 -4.67 54.18 8.59
CA GLN B 52 -4.79 52.72 8.67
C GLN B 52 -6.06 52.25 7.99
N LYS B 53 -7.16 53.00 8.16
CA LYS B 53 -8.45 52.79 7.52
C LYS B 53 -8.27 53.09 6.02
N VAL B 54 -7.43 54.10 5.71
CA VAL B 54 -7.09 54.49 4.33
C VAL B 54 -5.57 54.47 4.18
N THR B 55 -5.08 53.54 3.35
CA THR B 55 -3.66 53.37 3.03
C THR B 55 -3.49 53.60 1.54
N ALA B 56 -2.33 54.12 1.13
CA ALA B 56 -2.07 54.40 -0.28
C ALA B 56 -1.94 53.10 -1.06
N MET B 57 -2.45 53.10 -2.31
CA MET B 57 -2.33 51.93 -3.17
C MET B 57 -0.91 52.00 -3.74
N HIS B 58 0.09 51.49 -2.96
CA HIS B 58 1.55 51.52 -3.24
C HIS B 58 1.85 51.29 -4.71
N PRO B 59 2.79 52.08 -5.34
CA PRO B 59 3.06 51.97 -6.78
C PRO B 59 2.02 51.15 -7.54
N THR B 60 0.84 51.81 -7.69
CA THR B 60 -0.44 51.36 -8.25
C THR B 60 -0.26 50.31 -9.34
N ASN B 61 0.61 50.60 -10.33
CA ASN B 61 0.92 49.76 -11.47
C ASN B 61 -0.37 49.15 -12.03
N GLU B 62 -1.27 50.02 -12.55
CA GLU B 62 -2.57 49.64 -13.12
C GLU B 62 -2.43 48.42 -14.01
N GLU B 63 -3.14 47.34 -13.65
CA GLU B 63 -3.14 45.99 -14.20
C GLU B 63 -2.39 45.04 -13.27
N GLY B 64 -2.66 43.77 -13.38
CA GLY B 64 -2.08 42.78 -12.49
C GLY B 64 -0.61 42.46 -12.60
N VAL B 65 -0.19 41.59 -11.69
CA VAL B 65 1.14 41.02 -11.60
C VAL B 65 0.91 39.54 -11.90
N ASP B 66 1.81 38.93 -12.68
CA ASP B 66 1.71 37.53 -13.06
C ASP B 66 1.93 36.59 -11.89
N ASP B 67 2.81 37.00 -10.97
CA ASP B 67 3.17 36.21 -9.79
C ASP B 67 2.85 37.03 -8.58
N MET B 68 1.94 36.55 -7.74
N MET B 68 1.91 36.53 -7.75
CA MET B 68 1.49 37.32 -6.59
CA MET B 68 1.43 37.15 -6.53
C MET B 68 2.54 37.45 -5.49
C MET B 68 2.54 37.45 -5.52
N ALA B 69 3.67 36.72 -5.60
CA ALA B 69 4.82 36.89 -4.70
C ALA B 69 5.46 38.27 -5.02
N SER B 70 5.13 38.88 -6.20
CA SER B 70 5.59 40.21 -6.63
C SER B 70 4.75 41.31 -5.97
N LEU B 71 3.60 40.98 -5.35
CA LEU B 71 2.75 42.02 -4.74
C LEU B 71 3.47 42.69 -3.56
N THR B 72 3.28 44.00 -3.41
CA THR B 72 3.90 44.78 -2.32
C THR B 72 2.96 44.82 -1.12
N GLU B 73 1.68 45.17 -1.36
CA GLU B 73 0.66 45.18 -0.34
C GLU B 73 0.08 43.77 -0.28
N LEU B 74 0.20 43.12 0.88
CA LEU B 74 -0.27 41.76 1.09
C LEU B 74 -1.46 41.76 2.02
N HIS B 75 -2.65 41.69 1.42
CA HIS B 75 -3.93 41.54 2.08
C HIS B 75 -4.86 40.92 1.06
N GLY B 76 -5.96 40.35 1.54
CA GLY B 76 -7.00 39.76 0.69
C GLY B 76 -7.49 40.68 -0.41
N GLY B 77 -7.65 41.96 -0.10
CA GLY B 77 -8.09 42.96 -1.07
C GLY B 77 -7.15 43.12 -2.26
N SER B 78 -5.82 43.20 -2.01
CA SER B 78 -4.83 43.32 -3.09
C SER B 78 -4.78 42.04 -3.91
N ILE B 79 -4.84 40.87 -3.25
CA ILE B 79 -4.83 39.57 -3.94
C ILE B 79 -6.07 39.47 -4.83
N MET B 80 -7.25 39.76 -4.28
CA MET B 80 -8.46 39.67 -5.09
C MET B 80 -8.48 40.68 -6.24
N TYR B 81 -8.02 41.92 -5.98
CA TYR B 81 -7.99 42.95 -7.03
C TYR B 81 -7.11 42.52 -8.19
N ASN B 82 -5.97 41.94 -7.88
CA ASN B 82 -5.06 41.42 -8.90
C ASN B 82 -5.78 40.36 -9.76
N LEU B 83 -6.51 39.41 -9.13
CA LEU B 83 -7.24 38.38 -9.86
C LEU B 83 -8.35 39.01 -10.69
N PHE B 84 -9.04 40.02 -10.13
CA PHE B 84 -10.14 40.72 -10.82
C PHE B 84 -9.68 41.42 -12.11
N GLN B 85 -8.61 42.24 -12.01
CA GLN B 85 -8.07 42.99 -13.16
C GLN B 85 -7.71 42.04 -14.30
N ARG B 86 -7.08 40.90 -13.93
CA ARG B 86 -6.66 39.87 -14.86
C ARG B 86 -7.88 39.16 -15.45
N TYR B 87 -8.85 38.79 -14.59
N TYR B 87 -8.86 38.78 -14.62
CA TYR B 87 -10.09 38.14 -14.99
CA TYR B 87 -10.09 38.09 -15.06
C TYR B 87 -10.82 38.95 -16.09
C TYR B 87 -10.88 38.93 -16.07
N LYS B 88 -10.92 40.27 -15.88
CA LYS B 88 -11.59 41.21 -16.80
C LYS B 88 -10.98 41.24 -18.21
N ARG B 89 -9.71 40.87 -18.33
CA ARG B 89 -9.06 40.79 -19.66
C ARG B 89 -8.87 39.32 -20.10
N ASN B 90 -9.67 38.39 -19.53
CA ASN B 90 -9.61 36.96 -19.86
C ASN B 90 -8.26 36.30 -19.50
N GLN B 91 -7.58 36.83 -18.48
CA GLN B 91 -6.38 36.18 -17.95
C GLN B 91 -6.88 35.50 -16.67
N ILE B 92 -7.19 34.22 -16.78
CA ILE B 92 -7.78 33.47 -15.68
C ILE B 92 -6.71 32.83 -14.79
N TYR B 93 -5.44 32.90 -15.20
CA TYR B 93 -4.34 32.25 -14.49
C TYR B 93 -3.40 33.25 -13.84
N THR B 94 -3.02 32.95 -12.59
CA THR B 94 -2.06 33.78 -11.84
C THR B 94 -1.19 32.86 -11.01
N TYR B 95 0.13 33.15 -10.92
CA TYR B 95 1.02 32.30 -10.12
C TYR B 95 1.17 32.80 -8.72
N ILE B 96 1.57 31.89 -7.82
CA ILE B 96 2.06 32.19 -6.48
C ILE B 96 3.28 31.30 -6.42
N GLY B 97 4.38 31.77 -7.00
CA GLY B 97 5.54 30.90 -7.16
C GLY B 97 5.13 29.85 -8.17
N SER B 98 5.31 28.57 -7.85
CA SER B 98 4.89 27.52 -8.77
C SER B 98 3.43 27.04 -8.49
N ILE B 99 2.75 27.66 -7.51
CA ILE B 99 1.33 27.33 -7.25
C ILE B 99 0.51 28.14 -8.30
N LEU B 100 -0.56 27.55 -8.81
CA LEU B 100 -1.37 28.22 -9.82
C LEU B 100 -2.79 28.50 -9.32
N ALA B 101 -3.27 29.74 -9.52
CA ALA B 101 -4.66 30.14 -9.23
C ALA B 101 -5.36 30.17 -10.57
N SER B 102 -6.54 29.54 -10.66
CA SER B 102 -7.34 29.47 -11.90
C SER B 102 -8.78 29.94 -11.57
N VAL B 103 -9.28 30.97 -12.24
CA VAL B 103 -10.64 31.49 -12.02
C VAL B 103 -11.49 31.03 -13.19
N ASN B 104 -12.51 30.23 -12.90
CA ASN B 104 -13.38 29.68 -13.94
C ASN B 104 -13.99 30.79 -14.81
N PRO B 105 -13.66 30.84 -16.13
CA PRO B 105 -14.25 31.89 -16.98
C PRO B 105 -15.68 31.59 -17.42
N TYR B 106 -16.13 30.32 -17.31
CA TYR B 106 -17.48 29.89 -17.76
C TYR B 106 -17.79 30.29 -19.22
N GLN B 107 -16.75 30.36 -20.04
CA GLN B 107 -16.85 30.66 -21.47
C GLN B 107 -15.56 30.29 -22.17
N PRO B 108 -15.61 30.03 -23.50
CA PRO B 108 -14.35 29.81 -24.22
C PRO B 108 -13.59 31.13 -24.36
N ILE B 109 -12.26 31.03 -24.43
CA ILE B 109 -11.39 32.19 -24.59
C ILE B 109 -10.54 31.88 -25.81
N ALA B 110 -10.69 32.69 -26.89
CA ALA B 110 -9.98 32.47 -28.13
C ALA B 110 -8.47 32.25 -27.97
N GLY B 111 -7.99 31.14 -28.53
CA GLY B 111 -6.58 30.77 -28.55
C GLY B 111 -5.99 30.16 -27.28
N LEU B 112 -6.70 30.30 -26.14
CA LEU B 112 -6.19 29.87 -24.84
C LEU B 112 -5.69 28.43 -24.77
N TYR B 113 -6.45 27.49 -25.33
CA TYR B 113 -6.11 26.07 -25.23
C TYR B 113 -5.82 25.39 -26.56
N GLU B 114 -5.58 26.18 -27.59
CA GLU B 114 -5.26 25.68 -28.93
C GLU B 114 -3.95 24.90 -28.99
N PRO B 115 -3.78 23.90 -29.90
CA PRO B 115 -2.50 23.15 -29.94
C PRO B 115 -1.26 24.01 -30.16
N ALA B 116 -1.40 25.13 -30.93
CA ALA B 116 -0.31 26.09 -31.18
C ALA B 116 0.16 26.73 -29.84
N THR B 117 -0.78 26.93 -28.89
CA THR B 117 -0.42 27.50 -27.58
C THR B 117 0.31 26.42 -26.78
N MET B 118 -0.11 25.16 -26.89
CA MET B 118 0.54 24.06 -26.16
C MET B 118 2.00 23.96 -26.60
N GLU B 119 2.22 24.05 -27.91
CA GLU B 119 3.57 24.02 -28.49
C GLU B 119 4.43 25.18 -27.93
N GLN B 120 3.89 26.41 -27.86
CA GLN B 120 4.60 27.59 -27.36
C GLN B 120 5.03 27.39 -25.91
N TYR B 121 4.11 26.91 -25.06
CA TYR B 121 4.41 26.63 -23.66
C TYR B 121 5.43 25.53 -23.48
N SER B 122 5.48 24.53 -24.37
CA SER B 122 6.43 23.43 -24.30
C SER B 122 7.89 23.88 -24.53
N ARG B 123 8.08 24.95 -25.29
CA ARG B 123 9.39 25.48 -25.65
C ARG B 123 9.86 26.63 -24.74
N ARG B 124 9.13 26.87 -23.62
CA ARG B 124 9.50 27.96 -22.70
C ARG B 124 9.56 27.50 -21.27
N HIS B 125 10.28 28.26 -20.43
CA HIS B 125 10.44 28.00 -19.02
C HIS B 125 9.34 28.73 -18.25
N LEU B 126 9.02 28.22 -17.08
CA LEU B 126 8.03 28.82 -16.19
C LEU B 126 8.50 30.23 -15.88
N GLY B 127 7.60 31.19 -16.12
CA GLY B 127 7.86 32.62 -15.97
C GLY B 127 8.14 33.39 -17.24
N GLU B 128 8.49 32.70 -18.35
CA GLU B 128 8.80 33.38 -19.62
C GLU B 128 7.55 33.82 -20.37
N LEU B 129 6.43 33.11 -20.17
CA LEU B 129 5.18 33.43 -20.85
C LEU B 129 4.13 33.83 -19.83
N PRO B 130 2.96 34.37 -20.25
CA PRO B 130 1.88 34.65 -19.27
C PRO B 130 1.50 33.38 -18.52
N PRO B 131 1.09 33.50 -17.24
CA PRO B 131 0.71 32.29 -16.48
C PRO B 131 -0.34 31.45 -17.21
N HIS B 132 -0.20 30.13 -17.11
CA HIS B 132 -1.10 29.21 -17.79
C HIS B 132 -0.98 27.84 -17.15
N ILE B 133 -2.09 27.08 -17.11
CA ILE B 133 -2.04 25.69 -16.67
C ILE B 133 -1.01 24.87 -17.50
N PHE B 134 -0.81 25.23 -18.79
CA PHE B 134 0.17 24.53 -19.63
C PHE B 134 1.59 24.71 -19.09
N ALA B 135 1.89 25.87 -18.49
CA ALA B 135 3.23 26.12 -17.94
C ALA B 135 3.49 25.27 -16.70
N ILE B 136 2.46 25.01 -15.89
CA ILE B 136 2.57 24.13 -14.71
C ILE B 136 2.77 22.67 -15.15
N ALA B 137 1.95 22.20 -16.11
CA ALA B 137 2.08 20.83 -16.65
C ALA B 137 3.50 20.67 -17.24
N ASN B 138 4.02 21.73 -17.92
CA ASN B 138 5.37 21.67 -18.52
C ASN B 138 6.48 21.62 -17.45
N GLU B 139 6.34 22.43 -16.38
CA GLU B 139 7.32 22.44 -15.28
C GLU B 139 7.32 21.07 -14.57
N CYS B 140 6.12 20.55 -14.34
CA CYS B 140 5.95 19.22 -13.74
C CYS B 140 6.67 18.17 -14.62
N TYR B 141 6.45 18.22 -15.94
CA TYR B 141 7.11 17.31 -16.89
C TYR B 141 8.61 17.49 -16.83
N ARG B 142 9.11 18.75 -16.81
CA ARG B 142 10.57 19.00 -16.76
C ARG B 142 11.19 18.48 -15.48
N CYS B 143 10.41 18.44 -14.37
CA CYS B 143 10.89 17.90 -13.08
C CYS B 143 11.25 16.42 -13.13
N LEU B 144 10.79 15.67 -14.16
CA LEU B 144 11.17 14.27 -14.33
C LEU B 144 12.68 14.14 -14.65
N TRP B 145 13.32 15.21 -15.13
CA TRP B 145 14.77 15.17 -15.41
C TRP B 145 15.57 16.08 -14.49
N LYS B 146 14.88 17.01 -13.81
CA LYS B 146 15.47 18.01 -12.90
C LYS B 146 15.52 17.49 -11.44
N ARG B 147 14.57 16.60 -11.09
CA ARG B 147 14.45 16.01 -9.76
C ARG B 147 14.71 14.51 -9.83
N HIS B 148 14.52 13.80 -8.71
CA HIS B 148 14.77 12.37 -8.61
C HIS B 148 13.50 11.56 -8.35
N ASP B 149 12.38 12.25 -8.12
CA ASP B 149 11.14 11.61 -7.72
C ASP B 149 10.01 11.68 -8.77
N ASN B 150 8.93 10.99 -8.47
CA ASN B 150 7.69 11.05 -9.25
C ASN B 150 7.01 12.36 -8.90
N GLN B 151 6.14 12.87 -9.79
CA GLN B 151 5.47 14.14 -9.54
C GLN B 151 3.96 13.90 -9.44
N CYS B 152 3.27 14.82 -8.80
CA CYS B 152 1.81 14.77 -8.75
C CYS B 152 1.26 16.19 -8.84
N ILE B 153 0.06 16.31 -9.41
CA ILE B 153 -0.62 17.60 -9.61
C ILE B 153 -1.95 17.44 -8.89
N LEU B 154 -2.18 18.30 -7.90
CA LEU B 154 -3.39 18.25 -7.08
C LEU B 154 -4.18 19.49 -7.34
N ILE B 155 -5.46 19.32 -7.65
CA ILE B 155 -6.29 20.45 -8.08
C ILE B 155 -7.45 20.60 -7.12
N SER B 156 -7.51 21.73 -6.43
CA SER B 156 -8.55 21.95 -5.42
C SER B 156 -9.68 22.83 -5.93
N GLY B 157 -10.77 22.84 -5.20
CA GLY B 157 -11.89 23.71 -5.53
C GLY B 157 -13.25 23.16 -5.21
N GLU B 158 -14.20 24.07 -5.01
CA GLU B 158 -15.62 23.72 -4.77
C GLU B 158 -16.18 23.06 -6.02
N SER B 159 -17.32 22.39 -5.89
CA SER B 159 -18.00 21.83 -7.07
C SER B 159 -18.28 22.99 -8.09
N GLY B 160 -17.86 22.77 -9.35
CA GLY B 160 -18.01 23.74 -10.44
C GLY B 160 -16.83 24.70 -10.61
N ALA B 161 -15.76 24.58 -9.79
CA ALA B 161 -14.60 25.50 -9.89
C ALA B 161 -13.70 25.32 -11.13
N GLY B 162 -13.68 24.12 -11.70
CA GLY B 162 -12.91 23.83 -12.90
C GLY B 162 -11.83 22.77 -12.77
N LYS B 163 -11.94 21.88 -11.76
CA LYS B 163 -10.94 20.82 -11.53
C LYS B 163 -10.90 19.81 -12.66
N THR B 164 -12.08 19.33 -13.12
CA THR B 164 -12.15 18.31 -14.18
C THR B 164 -11.65 18.90 -15.50
N GLU B 165 -12.07 20.12 -15.81
CA GLU B 165 -11.58 20.77 -17.05
C GLU B 165 -10.08 20.97 -16.98
N SER B 166 -9.56 21.37 -15.79
CA SER B 166 -8.11 21.52 -15.57
C SER B 166 -7.38 20.20 -15.79
N THR B 167 -7.90 19.10 -15.24
CA THR B 167 -7.29 17.78 -15.40
C THR B 167 -7.17 17.41 -16.89
N LYS B 168 -8.27 17.59 -17.64
CA LYS B 168 -8.28 17.26 -19.08
C LYS B 168 -7.30 18.11 -19.84
N LEU B 169 -7.16 19.39 -19.49
CA LEU B 169 -6.20 20.28 -20.16
C LEU B 169 -4.76 19.83 -19.89
N ILE B 170 -4.46 19.40 -18.65
CA ILE B 170 -3.10 18.90 -18.30
C ILE B 170 -2.83 17.64 -19.12
N LEU B 171 -3.81 16.70 -19.15
CA LEU B 171 -3.64 15.46 -19.91
C LEU B 171 -3.44 15.71 -21.40
N LYS B 172 -4.19 16.66 -21.97
CA LYS B 172 -4.07 16.99 -23.40
C LYS B 172 -2.68 17.61 -23.68
N PHE B 173 -2.22 18.49 -22.79
CA PHE B 173 -0.90 19.11 -22.95
C PHE B 173 0.20 18.04 -22.92
N LEU B 174 0.19 17.16 -21.90
CA LEU B 174 1.20 16.08 -21.79
C LEU B 174 1.16 15.16 -22.99
N SER B 175 -0.04 14.84 -23.51
N SER B 175 -0.05 14.85 -23.49
CA SER B 175 -0.18 13.98 -24.69
CA SER B 175 -0.22 14.00 -24.68
C SER B 175 0.45 14.61 -25.93
C SER B 175 0.46 14.61 -25.91
N VAL B 176 0.28 15.93 -26.11
CA VAL B 176 0.86 16.67 -27.24
C VAL B 176 2.38 16.72 -27.14
N ILE B 177 2.89 17.03 -25.96
CA ILE B 177 4.32 17.09 -25.64
C ILE B 177 5.03 15.72 -25.80
N SER B 178 4.33 14.63 -25.46
CA SER B 178 4.81 13.26 -25.63
C SER B 178 4.96 12.93 -27.13
N GLN B 179 3.99 13.36 -27.96
CA GLN B 179 3.92 13.09 -29.42
C GLN B 179 4.81 14.01 -30.26
N GLN B 180 5.08 15.23 -29.78
CA GLN B 180 5.90 16.27 -30.39
C GLN B 180 7.26 15.74 -30.83
N SER B 181 7.85 14.83 -30.01
CA SER B 181 9.17 14.24 -30.25
C SER B 181 9.11 12.84 -30.86
N LEU B 182 8.08 12.54 -31.70
CA LEU B 182 7.94 11.18 -32.24
C LEU B 182 7.69 11.07 -33.75
N GLU B 183 7.28 12.16 -34.43
CA GLU B 183 6.96 12.15 -35.87
C GLU B 183 5.98 11.00 -36.21
N LEU B 184 4.92 10.86 -35.42
CA LEU B 184 3.92 9.82 -35.64
C LEU B 184 3.21 10.08 -36.96
N SER B 185 2.83 9.02 -37.65
CA SER B 185 2.07 9.12 -38.89
C SER B 185 0.59 9.25 -38.47
N LEU B 186 -0.31 9.50 -39.44
CA LEU B 186 -1.77 9.58 -39.16
C LEU B 186 -2.26 8.28 -38.53
N LYS B 187 -1.88 7.12 -39.11
CA LYS B 187 -2.26 5.78 -38.62
C LYS B 187 -1.79 5.54 -37.17
N GLU B 188 -0.52 5.92 -36.86
CA GLU B 188 0.04 5.79 -35.51
C GLU B 188 -0.70 6.64 -34.49
N LYS B 189 -1.08 7.90 -34.86
CA LYS B 189 -1.84 8.80 -33.98
C LYS B 189 -3.24 8.28 -33.68
N THR B 190 -3.82 7.46 -34.58
CA THR B 190 -5.16 6.92 -34.30
C THR B 190 -5.14 5.82 -33.22
N SER B 191 -4.06 5.01 -33.18
CA SER B 191 -3.97 3.87 -32.26
C SER B 191 -3.05 4.08 -31.04
N CYS B 192 -2.42 5.25 -30.93
CA CYS B 192 -1.46 5.49 -29.85
C CYS B 192 -2.10 5.48 -28.47
N VAL B 193 -1.30 5.12 -27.46
CA VAL B 193 -1.80 5.05 -26.07
C VAL B 193 -2.21 6.44 -25.57
N GLU B 194 -1.57 7.53 -26.10
CA GLU B 194 -1.90 8.92 -25.73
C GLU B 194 -3.38 9.22 -26.02
N ARG B 195 -3.84 8.84 -27.23
CA ARG B 195 -5.23 8.99 -27.66
C ARG B 195 -6.19 8.22 -26.74
N ALA B 196 -5.87 6.94 -26.43
CA ALA B 196 -6.69 6.11 -25.54
C ALA B 196 -6.80 6.77 -24.17
N ILE B 197 -5.70 7.34 -23.66
CA ILE B 197 -5.75 8.04 -22.37
C ILE B 197 -6.71 9.23 -22.46
N LEU B 198 -6.66 9.98 -23.55
CA LEU B 198 -7.56 11.13 -23.67
C LEU B 198 -9.03 10.71 -23.82
N GLU B 199 -9.28 9.57 -24.52
CA GLU B 199 -10.63 9.05 -24.74
C GLU B 199 -11.24 8.43 -23.49
N SER B 200 -10.41 8.21 -22.44
CA SER B 200 -10.94 7.69 -21.17
C SER B 200 -11.92 8.69 -20.51
N SER B 201 -11.68 10.00 -20.70
CA SER B 201 -12.53 11.05 -20.09
C SER B 201 -13.98 11.03 -20.53
N PRO B 202 -14.36 11.05 -21.82
CA PRO B 202 -15.82 10.99 -22.12
C PRO B 202 -16.49 9.72 -21.59
N ILE B 203 -15.76 8.57 -21.53
CA ILE B 203 -16.38 7.35 -20.98
C ILE B 203 -16.64 7.53 -19.47
N MET B 204 -15.60 7.90 -18.73
CA MET B 204 -15.74 8.07 -17.27
C MET B 204 -16.71 9.19 -16.91
N GLU B 205 -16.73 10.29 -17.68
CA GLU B 205 -17.70 11.34 -17.36
C GLU B 205 -19.13 10.88 -17.63
N ALA B 206 -19.37 10.08 -18.69
CA ALA B 206 -20.75 9.61 -18.94
C ALA B 206 -21.25 8.71 -17.80
N PHE B 207 -20.38 7.81 -17.33
CA PHE B 207 -20.75 6.87 -16.28
C PHE B 207 -20.64 7.42 -14.86
N GLY B 208 -19.83 8.46 -14.66
CA GLY B 208 -19.58 8.94 -13.30
C GLY B 208 -19.92 10.38 -13.02
N ASN B 209 -20.41 11.15 -14.03
CA ASN B 209 -20.78 12.54 -13.79
C ASN B 209 -22.27 12.74 -13.89
N ALA B 210 -22.78 13.80 -13.27
CA ALA B 210 -24.24 14.06 -13.28
C ALA B 210 -24.49 15.53 -12.98
N LYS B 211 -25.67 16.02 -13.36
CA LYS B 211 -26.04 17.39 -13.08
C LYS B 211 -26.43 17.56 -11.61
N THR B 212 -25.83 18.56 -10.92
CA THR B 212 -26.22 18.96 -9.57
C THR B 212 -26.46 20.48 -9.68
N VAL B 213 -26.98 21.11 -8.60
CA VAL B 213 -27.20 22.57 -8.60
C VAL B 213 -25.92 23.37 -8.85
N TYR B 214 -24.74 22.85 -8.42
CA TYR B 214 -23.48 23.56 -8.57
C TYR B 214 -22.73 23.29 -9.86
N ASN B 215 -23.06 22.18 -10.55
CA ASN B 215 -22.33 21.84 -11.76
C ASN B 215 -23.17 20.92 -12.63
N ASN B 216 -23.43 21.34 -13.89
CA ASN B 216 -24.17 20.50 -14.84
C ASN B 216 -23.40 19.24 -15.19
N ASN B 217 -22.07 19.25 -14.92
CA ASN B 217 -21.19 18.12 -15.17
C ASN B 217 -20.40 17.73 -13.90
N SER B 218 -21.07 17.65 -12.75
CA SER B 218 -20.40 17.34 -11.49
C SER B 218 -19.78 15.92 -11.48
N SER B 219 -18.55 15.79 -10.97
CA SER B 219 -17.87 14.50 -10.87
C SER B 219 -18.41 13.76 -9.64
N ARG B 220 -19.01 12.57 -9.84
CA ARG B 220 -19.57 11.86 -8.69
C ARG B 220 -18.70 10.69 -8.26
N PHE B 221 -17.41 10.80 -8.54
CA PHE B 221 -16.39 9.84 -8.12
C PHE B 221 -15.09 10.64 -8.13
N GLY B 222 -14.08 10.13 -7.41
CA GLY B 222 -12.74 10.72 -7.39
C GLY B 222 -11.85 9.95 -8.35
N LYS B 223 -10.90 10.64 -8.97
CA LYS B 223 -10.05 9.97 -9.95
C LYS B 223 -8.60 10.35 -9.73
N PHE B 224 -7.71 9.35 -9.77
CA PHE B 224 -6.27 9.61 -9.75
C PHE B 224 -5.75 8.98 -11.03
N VAL B 225 -5.17 9.79 -11.91
CA VAL B 225 -4.64 9.33 -13.20
C VAL B 225 -3.12 9.34 -13.09
N GLN B 226 -2.50 8.20 -13.32
CA GLN B 226 -1.04 8.08 -13.29
C GLN B 226 -0.55 7.88 -14.71
N LEU B 227 0.36 8.76 -15.19
CA LEU B 227 0.93 8.62 -16.51
C LEU B 227 2.35 8.18 -16.33
N ASN B 228 2.75 7.07 -16.96
CA ASN B 228 4.13 6.59 -16.88
C ASN B 228 4.86 7.14 -18.07
N ILE B 229 5.96 7.82 -17.80
CA ILE B 229 6.76 8.48 -18.84
C ILE B 229 8.16 7.83 -18.85
N CYS B 230 8.66 7.52 -20.04
CA CYS B 230 9.99 6.91 -20.18
C CYS B 230 11.12 7.93 -20.02
N GLN B 231 12.38 7.46 -20.01
CA GLN B 231 13.53 8.37 -19.89
C GLN B 231 13.64 9.36 -21.06
N LYS B 232 13.11 9.02 -22.23
CA LYS B 232 13.15 9.89 -23.40
C LYS B 232 12.02 10.93 -23.40
N GLY B 233 11.02 10.78 -22.51
CA GLY B 233 9.93 11.73 -22.37
C GLY B 233 8.61 11.39 -23.01
N ASN B 234 8.43 10.14 -23.40
CA ASN B 234 7.20 9.68 -24.04
C ASN B 234 6.33 8.93 -23.05
N ILE B 235 5.01 9.09 -23.21
CA ILE B 235 4.03 8.39 -22.37
C ILE B 235 4.06 6.93 -22.76
N GLN B 236 4.37 6.06 -21.80
CA GLN B 236 4.43 4.60 -22.04
C GLN B 236 3.05 3.98 -21.83
N GLY B 237 2.25 4.65 -21.04
CA GLY B 237 0.92 4.19 -20.69
C GLY B 237 0.52 4.81 -19.37
N GLY B 238 -0.51 4.27 -18.78
CA GLY B 238 -0.98 4.86 -17.53
C GLY B 238 -1.83 3.93 -16.69
N ARG B 239 -2.48 4.52 -15.68
CA ARG B 239 -3.37 3.74 -14.79
C ARG B 239 -4.31 4.73 -14.17
N ILE B 240 -5.59 4.35 -14.08
CA ILE B 240 -6.63 5.19 -13.47
C ILE B 240 -7.14 4.46 -12.25
N VAL B 241 -7.23 5.18 -11.13
CA VAL B 241 -7.79 4.65 -9.89
C VAL B 241 -9.04 5.49 -9.57
N ASP B 242 -10.21 4.85 -9.43
CA ASP B 242 -11.46 5.55 -9.09
C ASP B 242 -11.74 5.44 -7.59
N TYR B 243 -12.38 6.47 -7.02
CA TYR B 243 -12.72 6.55 -5.61
C TYR B 243 -14.18 6.82 -5.44
N LEU B 244 -14.81 6.00 -4.60
CA LEU B 244 -16.18 6.13 -4.11
C LEU B 244 -17.19 6.68 -5.11
N LEU B 245 -17.58 5.86 -6.07
CA LEU B 245 -18.66 6.26 -6.97
C LEU B 245 -19.93 6.48 -6.12
N GLU B 246 -20.71 7.52 -6.41
CA GLU B 246 -21.97 7.77 -5.70
C GLU B 246 -23.06 6.81 -6.23
N LYS B 247 -23.02 5.55 -5.82
CA LYS B 247 -23.95 4.58 -6.40
C LYS B 247 -25.41 4.83 -6.02
N ASN B 248 -25.69 5.57 -4.91
CA ASN B 248 -27.09 5.86 -4.57
C ASN B 248 -27.77 6.78 -5.59
N ARG B 249 -26.99 7.53 -6.41
CA ARG B 249 -27.56 8.39 -7.47
C ARG B 249 -28.35 7.56 -8.51
N VAL B 250 -27.96 6.31 -8.70
CA VAL B 250 -28.62 5.41 -9.65
C VAL B 250 -30.11 5.29 -9.36
N VAL B 251 -30.46 5.30 -8.08
CA VAL B 251 -31.85 5.04 -7.68
C VAL B 251 -32.62 6.26 -7.17
N ARG B 252 -31.91 7.33 -6.77
N ARG B 252 -31.91 7.33 -6.77
CA ARG B 252 -32.59 8.55 -6.32
CA ARG B 252 -32.59 8.54 -6.31
C ARG B 252 -31.74 9.78 -6.46
C ARG B 252 -31.74 9.78 -6.48
N GLN B 253 -32.37 10.93 -6.71
CA GLN B 253 -31.63 12.18 -6.86
C GLN B 253 -32.34 13.26 -6.10
N ASN B 254 -31.62 14.32 -5.74
CA ASN B 254 -32.24 15.45 -5.06
C ASN B 254 -33.02 16.27 -6.11
N PRO B 255 -33.95 17.14 -5.67
CA PRO B 255 -34.69 17.96 -6.64
C PRO B 255 -33.76 18.78 -7.54
N GLY B 256 -34.07 18.81 -8.83
CA GLY B 256 -33.30 19.57 -9.81
C GLY B 256 -32.06 18.88 -10.37
N GLU B 257 -31.66 17.72 -9.82
CA GLU B 257 -30.46 16.99 -10.29
C GLU B 257 -30.86 15.96 -11.34
N ARG B 258 -29.87 15.31 -11.95
CA ARG B 258 -30.15 14.20 -12.86
C ARG B 258 -29.41 12.98 -12.34
N ASN B 259 -29.77 11.81 -12.87
CA ASN B 259 -29.00 10.58 -12.68
C ASN B 259 -27.72 10.74 -13.57
N TYR B 260 -26.88 9.69 -13.63
CA TYR B 260 -25.67 9.68 -14.45
C TYR B 260 -25.98 10.01 -15.91
N HIS B 261 -25.12 10.82 -16.56
CA HIS B 261 -25.32 11.25 -17.94
C HIS B 261 -25.61 10.08 -18.87
N ILE B 262 -24.91 8.94 -18.70
CA ILE B 262 -25.00 7.80 -19.62
C ILE B 262 -26.45 7.33 -19.85
N PHE B 263 -27.31 7.36 -18.82
CA PHE B 263 -28.71 6.93 -19.02
C PHE B 263 -29.44 7.80 -20.03
N TYR B 264 -29.25 9.11 -19.96
CA TYR B 264 -29.90 10.06 -20.87
C TYR B 264 -29.31 9.96 -22.24
N ALA B 265 -27.97 9.78 -22.31
CA ALA B 265 -27.26 9.59 -23.58
C ALA B 265 -27.76 8.32 -24.28
N LEU B 266 -27.89 7.19 -23.54
CA LEU B 266 -28.38 5.92 -24.08
C LEU B 266 -29.79 6.13 -24.68
N LEU B 267 -30.72 6.73 -23.92
CA LEU B 267 -32.09 6.91 -24.41
C LEU B 267 -32.21 7.85 -25.60
N ALA B 268 -31.34 8.85 -25.67
CA ALA B 268 -31.34 9.82 -26.78
C ALA B 268 -30.53 9.36 -27.99
N GLY B 269 -29.56 8.49 -27.75
CA GLY B 269 -28.60 8.05 -28.77
C GLY B 269 -28.81 6.70 -29.43
N LEU B 270 -29.44 5.72 -28.73
CA LEU B 270 -29.66 4.40 -29.34
C LEU B 270 -30.48 4.51 -30.60
N GLU B 271 -30.17 3.66 -31.59
CA GLU B 271 -30.91 3.60 -32.85
C GLU B 271 -32.29 3.01 -32.56
N HIS B 272 -33.29 3.31 -33.41
CA HIS B 272 -34.67 2.83 -33.25
C HIS B 272 -34.79 1.33 -32.96
N GLU B 273 -34.01 0.48 -33.67
CA GLU B 273 -34.06 -0.98 -33.54
C GLU B 273 -33.65 -1.48 -32.17
N GLU B 274 -32.54 -0.95 -31.62
CA GLU B 274 -32.05 -1.30 -30.29
C GLU B 274 -32.96 -0.76 -29.21
N ARG B 275 -33.51 0.45 -29.46
CA ARG B 275 -34.44 1.09 -28.55
C ARG B 275 -35.71 0.21 -28.39
N GLU B 276 -36.25 -0.31 -29.51
CA GLU B 276 -37.42 -1.19 -29.50
C GLU B 276 -37.07 -2.57 -28.89
N GLU B 277 -35.85 -3.06 -29.15
CA GLU B 277 -35.36 -4.34 -28.62
C GLU B 277 -35.27 -4.32 -27.09
N PHE B 278 -34.88 -3.16 -26.54
CA PHE B 278 -34.68 -2.99 -25.10
C PHE B 278 -35.87 -2.36 -24.42
N TYR B 279 -37.00 -2.22 -25.15
CA TYR B 279 -38.29 -1.64 -24.72
C TYR B 279 -38.10 -0.28 -24.09
N LEU B 280 -37.26 0.53 -24.70
CA LEU B 280 -36.89 1.83 -24.15
C LEU B 280 -37.73 2.96 -24.71
N SER B 281 -38.22 3.83 -23.81
CA SER B 281 -38.97 5.02 -24.21
C SER B 281 -38.11 6.26 -23.86
N THR B 282 -38.71 7.30 -23.28
CA THR B 282 -38.02 8.54 -22.94
C THR B 282 -37.75 8.60 -21.44
N PRO B 283 -36.77 9.44 -20.97
CA PRO B 283 -36.45 9.50 -19.52
C PRO B 283 -37.62 9.69 -18.57
N GLU B 284 -38.62 10.49 -18.99
CA GLU B 284 -39.80 10.78 -18.19
C GLU B 284 -40.57 9.53 -17.78
N ASN B 285 -40.36 8.41 -18.49
CA ASN B 285 -41.05 7.14 -18.23
C ASN B 285 -40.32 6.21 -17.28
N TYR B 286 -39.20 6.68 -16.68
CA TYR B 286 -38.40 5.85 -15.77
C TYR B 286 -38.27 6.50 -14.41
N HIS B 287 -38.75 5.80 -13.36
CA HIS B 287 -38.65 6.24 -11.95
C HIS B 287 -37.21 6.66 -11.60
N TYR B 288 -36.21 5.91 -12.10
CA TYR B 288 -34.82 6.25 -11.79
C TYR B 288 -34.31 7.53 -12.48
N LEU B 289 -35.06 8.04 -13.46
CA LEU B 289 -34.66 9.23 -14.23
C LEU B 289 -35.62 10.41 -14.17
N ASN B 290 -36.82 10.24 -13.65
CA ASN B 290 -37.88 11.28 -13.69
C ASN B 290 -38.29 11.90 -12.36
N GLN B 291 -37.77 11.38 -11.24
CA GLN B 291 -38.16 11.77 -9.89
C GLN B 291 -37.87 13.23 -9.49
N SER B 292 -37.07 13.98 -10.29
CA SER B 292 -36.86 15.41 -10.05
C SER B 292 -37.84 16.24 -10.90
N GLY B 293 -38.36 15.62 -11.97
CA GLY B 293 -39.37 16.18 -12.86
C GLY B 293 -38.95 17.28 -13.81
N CYS B 294 -37.63 17.37 -14.12
CA CYS B 294 -37.05 18.38 -15.01
C CYS B 294 -37.58 18.28 -16.44
N VAL B 295 -38.01 19.42 -17.00
CA VAL B 295 -38.58 19.53 -18.35
C VAL B 295 -37.58 20.14 -19.37
N GLU B 296 -36.34 20.45 -18.93
CA GLU B 296 -35.29 21.02 -19.78
C GLU B 296 -34.83 19.99 -20.81
N ASP B 297 -35.08 20.28 -22.11
CA ASP B 297 -34.72 19.38 -23.18
C ASP B 297 -33.23 19.45 -23.47
N LYS B 298 -32.53 18.40 -23.05
CA LYS B 298 -31.09 18.22 -23.24
C LYS B 298 -30.85 17.10 -24.27
N THR B 299 -31.91 16.72 -25.04
CA THR B 299 -31.87 15.63 -26.01
C THR B 299 -30.71 15.77 -27.02
N ILE B 300 -30.49 16.97 -27.59
CA ILE B 300 -29.41 17.19 -28.57
C ILE B 300 -28.05 16.94 -27.93
N SER B 301 -27.76 17.58 -26.78
CA SER B 301 -26.49 17.40 -26.07
C SER B 301 -26.30 15.97 -25.55
N ASP B 302 -27.42 15.30 -25.17
CA ASP B 302 -27.40 13.91 -24.71
C ASP B 302 -27.10 12.97 -25.87
N GLN B 303 -27.69 13.24 -27.04
CA GLN B 303 -27.44 12.46 -28.25
C GLN B 303 -25.97 12.62 -28.66
N GLU B 304 -25.41 13.85 -28.59
CA GLU B 304 -24.02 14.12 -28.92
C GLU B 304 -23.06 13.41 -27.95
N SER B 305 -23.40 13.38 -26.64
CA SER B 305 -22.59 12.65 -25.66
C SER B 305 -22.57 11.17 -26.00
N PHE B 306 -23.71 10.58 -26.43
CA PHE B 306 -23.76 9.16 -26.78
C PHE B 306 -22.77 8.85 -27.91
N ARG B 307 -22.75 9.70 -28.95
CA ARG B 307 -21.83 9.57 -30.09
C ARG B 307 -20.37 9.61 -29.62
N GLU B 308 -20.04 10.54 -28.72
CA GLU B 308 -18.71 10.70 -28.13
C GLU B 308 -18.30 9.47 -27.32
N VAL B 309 -19.22 8.90 -26.53
CA VAL B 309 -18.96 7.70 -25.73
C VAL B 309 -18.68 6.52 -26.65
N ILE B 310 -19.52 6.33 -27.69
CA ILE B 310 -19.37 5.24 -28.68
C ILE B 310 -17.99 5.27 -29.35
N THR B 311 -17.55 6.46 -29.77
CA THR B 311 -16.25 6.69 -30.42
C THR B 311 -15.13 6.32 -29.42
N ALA B 312 -15.25 6.83 -28.18
CA ALA B 312 -14.24 6.57 -27.16
C ALA B 312 -14.17 5.07 -26.85
N MET B 313 -15.32 4.36 -26.76
CA MET B 313 -15.31 2.93 -26.47
C MET B 313 -14.65 2.12 -27.56
N ASP B 314 -14.82 2.55 -28.83
CA ASP B 314 -14.17 1.94 -29.99
C ASP B 314 -12.64 2.10 -29.84
N VAL B 315 -12.17 3.33 -29.56
CA VAL B 315 -10.74 3.62 -29.31
C VAL B 315 -10.21 2.77 -28.13
N MET B 316 -11.04 2.55 -27.08
CA MET B 316 -10.70 1.78 -25.87
C MET B 316 -10.73 0.25 -26.03
N GLN B 317 -11.01 -0.23 -27.25
CA GLN B 317 -11.05 -1.66 -27.60
C GLN B 317 -12.21 -2.42 -26.91
N PHE B 318 -13.37 -1.74 -26.78
CA PHE B 318 -14.60 -2.41 -26.36
C PHE B 318 -15.11 -2.93 -27.71
N SER B 319 -15.48 -4.20 -27.79
CA SER B 319 -16.00 -4.73 -29.05
C SER B 319 -17.43 -4.21 -29.23
N LYS B 320 -18.00 -4.33 -30.44
CA LYS B 320 -19.39 -3.91 -30.68
C LYS B 320 -20.34 -4.71 -29.79
N GLU B 321 -20.02 -6.00 -29.51
CA GLU B 321 -20.86 -6.81 -28.63
C GLU B 321 -20.78 -6.32 -27.18
N GLU B 322 -19.57 -5.94 -26.73
CA GLU B 322 -19.40 -5.40 -25.36
C GLU B 322 -20.19 -4.13 -25.18
N VAL B 323 -20.19 -3.25 -26.19
CA VAL B 323 -20.95 -2.00 -26.12
C VAL B 323 -22.45 -2.33 -25.98
N ARG B 324 -22.94 -3.32 -26.73
CA ARG B 324 -24.34 -3.76 -26.69
C ARG B 324 -24.68 -4.35 -25.32
N GLU B 325 -23.75 -5.14 -24.73
CA GLU B 325 -23.95 -5.76 -23.40
C GLU B 325 -24.10 -4.69 -22.31
N VAL B 326 -23.30 -3.62 -22.41
CA VAL B 326 -23.37 -2.48 -21.45
C VAL B 326 -24.73 -1.79 -21.67
N SER B 327 -25.14 -1.54 -22.93
CA SER B 327 -26.43 -0.92 -23.24
C SER B 327 -27.57 -1.74 -22.66
N ARG B 328 -27.48 -3.08 -22.79
CA ARG B 328 -28.50 -3.99 -22.30
C ARG B 328 -28.60 -3.96 -20.76
N LEU B 329 -27.44 -3.91 -20.08
CA LEU B 329 -27.41 -3.84 -18.62
C LEU B 329 -28.05 -2.53 -18.14
N LEU B 330 -27.69 -1.39 -18.77
CA LEU B 330 -28.29 -0.10 -18.38
C LEU B 330 -29.80 -0.13 -18.60
N ALA B 331 -30.27 -0.68 -19.73
CA ALA B 331 -31.72 -0.81 -19.99
C ALA B 331 -32.37 -1.68 -18.90
N GLY B 332 -31.70 -2.78 -18.50
CA GLY B 332 -32.20 -3.66 -17.44
C GLY B 332 -32.38 -2.92 -16.13
N ILE B 333 -31.40 -2.06 -15.76
CA ILE B 333 -31.49 -1.24 -14.54
C ILE B 333 -32.68 -0.29 -14.63
N LEU B 334 -32.84 0.40 -15.77
CA LEU B 334 -34.00 1.33 -15.93
C LEU B 334 -35.36 0.62 -15.73
N HIS B 335 -35.54 -0.56 -16.32
CA HIS B 335 -36.79 -1.30 -16.14
C HIS B 335 -36.97 -1.79 -14.73
N LEU B 336 -35.87 -2.18 -14.08
CA LEU B 336 -35.89 -2.63 -12.69
C LEU B 336 -36.49 -1.56 -11.79
N GLY B 337 -36.07 -0.31 -12.01
CA GLY B 337 -36.57 0.84 -11.24
C GLY B 337 -38.06 1.11 -11.35
N ASN B 338 -38.71 0.58 -12.40
CA ASN B 338 -40.15 0.74 -12.64
C ASN B 338 -41.01 -0.31 -11.95
N ILE B 339 -40.36 -1.30 -11.31
CA ILE B 339 -41.14 -2.32 -10.58
C ILE B 339 -41.75 -1.66 -9.34
N GLU B 340 -43.04 -1.90 -9.09
CA GLU B 340 -43.75 -1.38 -7.94
C GLU B 340 -44.28 -2.53 -7.11
N PHE B 341 -44.48 -2.28 -5.80
CA PHE B 341 -44.99 -3.31 -4.88
C PHE B 341 -46.21 -2.84 -4.13
N ILE B 342 -47.06 -3.81 -3.74
CA ILE B 342 -48.25 -3.59 -2.92
C ILE B 342 -48.18 -4.61 -1.76
N THR B 343 -48.98 -4.42 -0.70
CA THR B 343 -49.03 -5.33 0.45
C THR B 343 -50.27 -6.21 0.30
N ALA B 344 -50.07 -7.54 0.25
CA ALA B 344 -51.13 -8.56 0.13
C ALA B 344 -50.53 -9.87 0.67
N GLY B 345 -50.42 -9.92 2.00
CA GLY B 345 -49.76 -11.04 2.69
C GLY B 345 -48.28 -10.93 2.36
N GLY B 346 -47.69 -9.80 2.71
CA GLY B 346 -46.31 -9.48 2.38
C GLY B 346 -46.24 -8.73 1.07
N ALA B 347 -45.03 -8.27 0.67
CA ALA B 347 -44.87 -7.56 -0.58
C ALA B 347 -45.23 -8.43 -1.77
N GLN B 348 -45.88 -7.81 -2.74
CA GLN B 348 -46.22 -8.45 -4.00
C GLN B 348 -45.95 -7.46 -5.11
N VAL B 349 -45.45 -7.95 -6.25
CA VAL B 349 -45.22 -7.11 -7.42
C VAL B 349 -46.60 -6.72 -7.95
N SER B 350 -46.84 -5.42 -8.15
CA SER B 350 -48.16 -5.01 -8.59
C SER B 350 -48.37 -5.20 -10.07
N PHE B 351 -47.62 -4.53 -10.92
CA PHE B 351 -47.80 -4.74 -12.35
C PHE B 351 -46.67 -5.59 -12.88
N LYS B 352 -46.92 -6.45 -13.88
CA LYS B 352 -45.88 -7.37 -14.33
C LYS B 352 -44.97 -6.88 -15.45
N THR B 353 -45.35 -5.84 -16.20
CA THR B 353 -44.60 -5.44 -17.40
C THR B 353 -43.13 -5.06 -17.10
N ALA B 354 -42.87 -4.10 -16.19
CA ALA B 354 -41.51 -3.67 -15.87
C ALA B 354 -40.68 -4.85 -15.36
N LEU B 355 -41.29 -5.71 -14.53
CA LEU B 355 -40.58 -6.89 -14.02
C LEU B 355 -40.12 -7.81 -15.18
N GLY B 356 -41.05 -8.11 -16.08
CA GLY B 356 -40.78 -8.98 -17.23
C GLY B 356 -39.69 -8.44 -18.13
N ARG B 357 -39.73 -7.11 -18.43
CA ARG B 357 -38.70 -6.48 -19.27
C ARG B 357 -37.33 -6.54 -18.59
N SER B 358 -37.27 -6.20 -17.28
N SER B 358 -37.28 -6.20 -17.27
CA SER B 358 -36.00 -6.23 -16.54
CA SER B 358 -36.04 -6.20 -16.48
C SER B 358 -35.42 -7.64 -16.48
C SER B 358 -35.43 -7.61 -16.41
N ALA B 359 -36.25 -8.65 -16.16
CA ALA B 359 -35.83 -10.06 -16.10
C ALA B 359 -35.26 -10.51 -17.47
N GLU B 360 -35.93 -10.15 -18.57
CA GLU B 360 -35.43 -10.51 -19.90
C GLU B 360 -34.07 -9.86 -20.18
N LEU B 361 -33.94 -8.56 -19.94
CA LEU B 361 -32.68 -7.84 -20.20
C LEU B 361 -31.54 -8.28 -19.29
N LEU B 362 -31.86 -8.74 -18.07
CA LEU B 362 -30.82 -9.19 -17.12
C LEU B 362 -30.55 -10.69 -17.22
N GLY B 363 -31.28 -11.39 -18.10
CA GLY B 363 -31.10 -12.83 -18.31
C GLY B 363 -31.62 -13.68 -17.16
N LEU B 364 -32.62 -13.17 -16.45
CA LEU B 364 -33.20 -13.81 -15.27
C LEU B 364 -34.59 -14.33 -15.54
N ASP B 365 -34.99 -15.37 -14.78
CA ASP B 365 -36.31 -15.92 -14.89
C ASP B 365 -37.25 -14.94 -14.14
N PRO B 366 -38.39 -14.52 -14.74
CA PRO B 366 -39.25 -13.54 -14.03
C PRO B 366 -39.79 -14.01 -12.69
N THR B 367 -40.14 -15.32 -12.55
CA THR B 367 -40.64 -15.84 -11.27
C THR B 367 -39.50 -15.81 -10.23
N GLN B 368 -38.26 -16.13 -10.65
CA GLN B 368 -37.12 -16.06 -9.74
C GLN B 368 -36.87 -14.61 -9.30
N LEU B 369 -36.99 -13.62 -10.23
CA LEU B 369 -36.77 -12.22 -9.88
C LEU B 369 -37.88 -11.72 -8.92
N THR B 370 -39.15 -12.08 -9.21
CA THR B 370 -40.28 -11.75 -8.34
C THR B 370 -40.04 -12.33 -6.94
N ASP B 371 -39.67 -13.64 -6.87
CA ASP B 371 -39.44 -14.31 -5.57
C ASP B 371 -38.28 -13.65 -4.78
N ALA B 372 -37.17 -13.30 -5.45
CA ALA B 372 -36.02 -12.67 -4.79
C ALA B 372 -36.36 -11.29 -4.25
N LEU B 373 -37.21 -10.53 -4.94
CA LEU B 373 -37.55 -9.19 -4.46
C LEU B 373 -38.61 -9.18 -3.36
N THR B 374 -39.42 -10.24 -3.25
CA THR B 374 -40.56 -10.23 -2.33
C THR B 374 -40.45 -11.21 -1.17
N GLN B 375 -39.45 -12.09 -1.21
CA GLN B 375 -39.27 -13.11 -0.18
C GLN B 375 -37.81 -13.34 0.16
N ARG B 376 -37.57 -13.85 1.37
CA ARG B 376 -36.25 -14.27 1.78
C ARG B 376 -36.21 -15.79 1.94
N SER B 377 -35.09 -16.38 1.50
CA SER B 377 -34.83 -17.82 1.54
C SER B 377 -33.84 -18.19 2.65
N MET B 378 -34.04 -19.39 3.20
CA MET B 378 -33.21 -19.97 4.26
C MET B 378 -33.33 -21.50 4.11
N PHE B 379 -32.23 -22.23 4.32
CA PHE B 379 -32.22 -23.68 4.27
C PHE B 379 -31.94 -24.22 5.66
N LEU B 380 -32.82 -25.09 6.16
CA LEU B 380 -32.74 -25.74 7.47
C LEU B 380 -32.83 -27.26 7.26
N ARG B 381 -31.67 -27.94 7.45
CA ARG B 381 -31.39 -29.38 7.33
C ARG B 381 -32.54 -30.25 6.76
N GLY B 382 -32.78 -30.24 5.45
CA GLY B 382 -32.15 -29.40 4.42
C GLY B 382 -33.23 -28.85 3.50
N GLU B 383 -34.30 -28.32 4.14
CA GLU B 383 -35.48 -27.76 3.47
C GLU B 383 -35.44 -26.24 3.36
N GLU B 384 -35.91 -25.70 2.25
CA GLU B 384 -36.00 -24.26 2.04
C GLU B 384 -37.22 -23.71 2.80
N ILE B 385 -37.01 -22.63 3.57
CA ILE B 385 -38.03 -21.92 4.33
C ILE B 385 -38.10 -20.53 3.70
N LEU B 386 -39.24 -20.20 3.02
CA LEU B 386 -39.48 -18.90 2.38
C LEU B 386 -40.31 -17.99 3.29
N THR B 387 -39.82 -16.76 3.51
CA THR B 387 -40.45 -15.78 4.39
C THR B 387 -40.77 -14.50 3.59
N PRO B 388 -42.00 -13.93 3.71
CA PRO B 388 -42.29 -12.70 2.96
C PRO B 388 -41.54 -11.47 3.47
N LEU B 389 -41.20 -10.58 2.55
CA LEU B 389 -40.62 -9.28 2.87
C LEU B 389 -41.78 -8.30 2.87
N ASN B 390 -41.63 -7.14 3.54
CA ASN B 390 -42.62 -6.09 3.48
C ASN B 390 -42.24 -5.18 2.29
N VAL B 391 -43.12 -4.22 1.95
CA VAL B 391 -42.89 -3.35 0.77
C VAL B 391 -41.59 -2.51 0.87
N GLN B 392 -41.24 -1.98 2.07
CA GLN B 392 -40.01 -1.18 2.16
C GLN B 392 -38.79 -2.08 1.89
N GLN B 393 -38.79 -3.31 2.42
CA GLN B 393 -37.72 -4.29 2.19
C GLN B 393 -37.64 -4.70 0.69
N ALA B 394 -38.79 -4.80 0.00
CA ALA B 394 -38.84 -5.13 -1.44
C ALA B 394 -38.24 -3.98 -2.27
N VAL B 395 -38.60 -2.73 -1.93
CA VAL B 395 -38.05 -1.51 -2.58
C VAL B 395 -36.52 -1.45 -2.32
N ASP B 396 -36.09 -1.70 -1.06
CA ASP B 396 -34.66 -1.70 -0.73
C ASP B 396 -33.90 -2.76 -1.54
N SER B 397 -34.51 -3.96 -1.73
CA SER B 397 -33.92 -5.04 -2.52
C SER B 397 -33.79 -4.64 -3.99
N ARG B 398 -34.85 -4.10 -4.58
CA ARG B 398 -34.88 -3.63 -5.98
C ARG B 398 -33.78 -2.61 -6.20
N ASP B 399 -33.71 -1.58 -5.30
CA ASP B 399 -32.70 -0.55 -5.41
C ASP B 399 -31.28 -1.07 -5.17
N SER B 400 -31.10 -2.04 -4.22
CA SER B 400 -29.74 -2.53 -3.96
C SER B 400 -29.27 -3.30 -5.19
N LEU B 401 -30.21 -3.96 -5.91
CA LEU B 401 -29.86 -4.71 -7.13
C LEU B 401 -29.45 -3.75 -8.23
N ALA B 402 -30.21 -2.68 -8.43
CA ALA B 402 -29.88 -1.65 -9.45
C ALA B 402 -28.50 -1.05 -9.14
N MET B 403 -28.23 -0.70 -7.86
CA MET B 403 -26.93 -0.13 -7.51
C MET B 403 -25.77 -1.07 -7.70
N ALA B 404 -25.96 -2.37 -7.36
CA ALA B 404 -24.91 -3.39 -7.52
C ALA B 404 -24.58 -3.58 -9.00
N LEU B 405 -25.61 -3.65 -9.87
CA LEU B 405 -25.38 -3.81 -11.31
C LEU B 405 -24.59 -2.63 -11.88
N TYR B 406 -24.97 -1.41 -11.48
CA TYR B 406 -24.31 -0.22 -12.00
C TYR B 406 -22.87 -0.12 -11.51
N ALA B 407 -22.67 -0.30 -10.20
CA ALA B 407 -21.33 -0.20 -9.62
C ALA B 407 -20.39 -1.27 -10.20
N CYS B 408 -20.88 -2.50 -10.42
CA CYS B 408 -20.03 -3.55 -11.04
C CYS B 408 -19.74 -3.24 -12.51
N CYS B 409 -20.73 -2.69 -13.21
CA CYS B 409 -20.54 -2.29 -14.61
C CYS B 409 -19.50 -1.16 -14.68
N PHE B 410 -19.58 -0.16 -13.79
CA PHE B 410 -18.61 0.93 -13.74
C PHE B 410 -17.18 0.40 -13.46
N GLU B 411 -17.05 -0.54 -12.51
CA GLU B 411 -15.77 -1.15 -12.18
C GLU B 411 -15.21 -1.89 -13.42
N TRP B 412 -16.08 -2.58 -14.18
CA TRP B 412 -15.67 -3.30 -15.41
C TRP B 412 -15.20 -2.30 -16.48
N VAL B 413 -15.93 -1.18 -16.63
CA VAL B 413 -15.53 -0.13 -17.58
C VAL B 413 -14.13 0.41 -17.24
N ILE B 414 -13.86 0.68 -15.94
CA ILE B 414 -12.54 1.16 -15.46
C ILE B 414 -11.46 0.08 -15.74
N LYS B 415 -11.79 -1.19 -15.50
CA LYS B 415 -10.87 -2.31 -15.78
C LYS B 415 -10.50 -2.33 -17.27
N LYS B 416 -11.51 -2.12 -18.13
CA LYS B 416 -11.29 -2.12 -19.60
C LYS B 416 -10.41 -0.95 -20.03
N ILE B 417 -10.65 0.23 -19.44
CA ILE B 417 -9.81 1.41 -19.72
C ILE B 417 -8.36 1.10 -19.31
N ASN B 418 -8.19 0.57 -18.09
CA ASN B 418 -6.85 0.24 -17.57
C ASN B 418 -6.14 -0.80 -18.41
N SER B 419 -6.88 -1.79 -18.93
CA SER B 419 -6.30 -2.83 -19.80
C SER B 419 -5.79 -2.19 -21.11
N ARG B 420 -6.56 -1.22 -21.68
CA ARG B 420 -6.18 -0.53 -22.92
C ARG B 420 -4.94 0.37 -22.74
N ILE B 421 -4.84 1.07 -21.61
CA ILE B 421 -3.71 2.02 -21.42
C ILE B 421 -2.51 1.44 -20.66
N LYS B 422 -2.54 0.15 -20.34
CA LYS B 422 -1.45 -0.53 -19.65
C LYS B 422 -0.16 -0.44 -20.50
N GLY B 423 0.94 -0.16 -19.84
CA GLY B 423 2.24 -0.07 -20.50
C GLY B 423 3.38 -0.31 -19.53
N ASN B 424 4.60 -0.05 -19.99
CA ASN B 424 5.78 -0.16 -19.15
C ASN B 424 5.80 0.93 -18.11
N GLU B 425 6.59 0.70 -17.05
CA GLU B 425 6.84 1.66 -15.97
C GLU B 425 8.36 1.63 -15.80
N ASP B 426 9.09 2.12 -16.80
CA ASP B 426 10.56 2.05 -16.83
C ASP B 426 11.26 3.20 -16.11
N PHE B 427 10.59 4.37 -16.03
CA PHE B 427 11.26 5.54 -15.49
C PHE B 427 10.51 6.22 -14.35
N LYS B 428 9.67 7.22 -14.66
CA LYS B 428 8.96 7.98 -13.63
C LYS B 428 7.52 8.19 -14.05
N SER B 429 6.73 8.78 -13.14
CA SER B 429 5.32 9.02 -13.42
C SER B 429 4.90 10.41 -12.97
N ILE B 430 3.79 10.87 -13.54
CA ILE B 430 3.12 12.09 -13.13
C ILE B 430 1.73 11.61 -12.77
N GLY B 431 1.29 11.91 -11.56
CA GLY B 431 -0.05 11.56 -11.09
C GLY B 431 -0.91 12.81 -11.04
N ILE B 432 -2.20 12.73 -11.46
CA ILE B 432 -3.06 13.92 -11.44
C ILE B 432 -4.31 13.55 -10.66
N LEU B 433 -4.63 14.32 -9.62
CA LEU B 433 -5.80 14.05 -8.80
C LEU B 433 -6.95 14.97 -9.15
N ASP B 434 -8.11 14.36 -9.53
CA ASP B 434 -9.38 15.05 -9.85
C ASP B 434 -10.44 14.50 -8.88
N ILE B 435 -10.62 15.15 -7.72
N ILE B 435 -10.63 15.12 -7.72
CA ILE B 435 -11.62 14.72 -6.74
CA ILE B 435 -11.65 14.65 -6.77
C ILE B 435 -12.96 15.40 -6.92
C ILE B 435 -12.98 15.34 -6.99
N PHE B 436 -14.03 14.84 -6.35
CA PHE B 436 -15.33 15.49 -6.31
C PHE B 436 -15.12 16.71 -5.36
N GLY B 437 -15.64 17.86 -5.76
CA GLY B 437 -15.39 19.11 -5.03
C GLY B 437 -16.26 19.35 -3.82
N PHE B 438 -15.79 20.26 -2.97
CA PHE B 438 -16.55 20.64 -1.77
C PHE B 438 -17.99 21.08 -2.19
N GLU B 439 -18.99 20.56 -1.46
CA GLU B 439 -20.38 20.93 -1.81
C GLU B 439 -21.25 21.02 -0.57
N ASN B 440 -22.01 22.11 -0.49
CA ASN B 440 -22.89 22.35 0.65
C ASN B 440 -24.26 22.71 0.09
N PHE B 441 -25.16 21.72 0.05
CA PHE B 441 -26.51 21.89 -0.52
C PHE B 441 -27.47 22.35 0.55
N GLU B 442 -28.73 22.66 0.15
CA GLU B 442 -29.79 22.98 1.12
C GLU B 442 -29.93 21.79 2.11
N VAL B 443 -29.89 20.56 1.59
CA VAL B 443 -29.97 19.32 2.37
C VAL B 443 -28.77 18.44 2.00
N ASN B 444 -27.92 18.15 2.99
CA ASN B 444 -26.74 17.30 2.79
C ASN B 444 -26.93 15.97 3.49
N HIS B 445 -26.49 14.90 2.85
CA HIS B 445 -26.60 13.54 3.37
C HIS B 445 -25.23 12.90 3.52
N PHE B 446 -25.17 11.59 3.77
CA PHE B 446 -23.91 10.85 3.92
C PHE B 446 -22.97 11.07 2.71
N GLU B 447 -23.53 11.19 1.50
CA GLU B 447 -22.75 11.41 0.28
C GLU B 447 -21.92 12.68 0.39
N GLN B 448 -22.52 13.78 0.85
CA GLN B 448 -21.80 15.05 0.99
C GLN B 448 -20.78 14.92 2.09
N PHE B 449 -21.09 14.17 3.18
CA PHE B 449 -20.15 14.00 4.28
C PHE B 449 -18.84 13.41 3.76
N ASN B 450 -18.92 12.31 2.98
CA ASN B 450 -17.73 11.67 2.42
C ASN B 450 -16.98 12.56 1.45
N ILE B 451 -17.71 13.24 0.57
CA ILE B 451 -17.07 14.17 -0.38
C ILE B 451 -16.31 15.29 0.36
N ASN B 452 -16.97 15.91 1.34
CA ASN B 452 -16.38 17.03 2.09
C ASN B 452 -15.21 16.58 2.94
N TYR B 453 -15.27 15.36 3.48
CA TYR B 453 -14.15 14.73 4.21
C TYR B 453 -12.92 14.64 3.27
N ALA B 454 -13.11 14.14 2.04
CA ALA B 454 -11.99 14.03 1.08
C ALA B 454 -11.39 15.42 0.79
N ASN B 455 -12.25 16.44 0.65
CA ASN B 455 -11.80 17.82 0.41
C ASN B 455 -11.02 18.36 1.60
N GLU B 456 -11.50 18.04 2.82
CA GLU B 456 -10.84 18.43 4.09
C GLU B 456 -9.45 17.77 4.14
N LYS B 457 -9.38 16.47 3.77
CA LYS B 457 -8.14 15.70 3.74
C LYS B 457 -7.12 16.31 2.77
N LEU B 458 -7.58 16.71 1.56
N LEU B 458 -7.58 16.73 1.59
CA LEU B 458 -6.73 17.33 0.55
CA LEU B 458 -6.68 17.33 0.61
C LEU B 458 -6.19 18.69 1.03
C LEU B 458 -6.20 18.73 1.02
N GLN B 459 -7.03 19.49 1.76
CA GLN B 459 -6.62 20.81 2.25
C GLN B 459 -5.51 20.58 3.32
N GLU B 460 -5.68 19.53 4.16
CA GLU B 460 -4.66 19.18 5.17
C GLU B 460 -3.32 18.86 4.46
N TYR B 461 -3.39 18.12 3.33
CA TYR B 461 -2.19 17.77 2.56
C TYR B 461 -1.53 19.04 1.99
N PHE B 462 -2.37 19.97 1.45
CA PHE B 462 -1.88 21.26 0.96
C PHE B 462 -1.11 22.00 2.07
N ASN B 463 -1.74 22.15 3.24
CA ASN B 463 -1.12 22.84 4.37
C ASN B 463 0.17 22.15 4.85
N LYS B 464 0.16 20.83 4.87
CA LYS B 464 1.32 20.05 5.30
C LYS B 464 2.52 20.35 4.40
N HIS B 465 2.32 20.41 3.08
CA HIS B 465 3.40 20.66 2.13
C HIS B 465 3.80 22.11 1.98
N ILE B 466 2.81 23.01 1.96
CA ILE B 466 3.11 24.42 1.76
C ILE B 466 3.63 25.09 3.02
N PHE B 467 3.08 24.72 4.19
CA PHE B 467 3.42 25.38 5.45
C PHE B 467 4.18 24.53 6.47
N SER B 468 3.62 23.38 6.86
CA SER B 468 4.15 22.58 7.96
C SER B 468 5.52 21.95 7.68
N LEU B 469 5.62 21.09 6.65
CA LEU B 469 6.88 20.43 6.30
C LEU B 469 7.91 21.45 5.80
N GLU B 470 7.41 22.47 5.10
CA GLU B 470 8.27 23.51 4.56
C GLU B 470 9.02 24.23 5.68
N GLN B 471 8.30 24.70 6.72
CA GLN B 471 8.94 25.44 7.83
C GLN B 471 9.72 24.54 8.74
N LEU B 472 9.33 23.25 8.83
CA LEU B 472 10.09 22.28 9.61
C LEU B 472 11.48 22.09 8.97
N GLU B 473 11.51 21.99 7.62
CA GLU B 473 12.74 21.83 6.86
C GLU B 473 13.66 23.07 7.06
N TYR B 474 13.08 24.30 7.06
CA TYR B 474 13.88 25.52 7.30
C TYR B 474 14.52 25.46 8.69
N SER B 475 13.76 24.98 9.69
CA SER B 475 14.24 24.85 11.07
C SER B 475 15.36 23.81 11.18
N ARG B 476 15.15 22.61 10.59
CA ARG B 476 16.16 21.53 10.65
C ARG B 476 17.47 21.93 9.95
N GLU B 477 17.36 22.74 8.89
CA GLU B 477 18.51 23.21 8.12
C GLU B 477 19.16 24.44 8.73
N GLY B 478 18.56 24.99 9.79
CA GLY B 478 19.12 26.14 10.49
C GLY B 478 19.09 27.46 9.76
N LEU B 479 18.08 27.67 8.88
CA LEU B 479 17.97 28.92 8.13
C LEU B 479 17.58 30.11 9.02
N VAL B 480 17.84 31.33 8.53
CA VAL B 480 17.36 32.56 9.21
C VAL B 480 15.87 32.62 8.80
N TRP B 481 14.97 32.39 9.75
CA TRP B 481 13.54 32.29 9.43
C TRP B 481 12.62 32.60 10.59
N GLU B 482 11.59 33.41 10.31
CA GLU B 482 10.53 33.77 11.26
C GLU B 482 9.29 33.00 10.78
N ASP B 483 8.75 32.08 11.60
CA ASP B 483 7.59 31.26 11.20
C ASP B 483 6.39 32.08 10.81
N ILE B 484 5.71 31.62 9.77
CA ILE B 484 4.50 32.19 9.23
C ILE B 484 3.34 31.34 9.72
N ASP B 485 2.35 32.00 10.35
CA ASP B 485 1.16 31.36 10.86
C ASP B 485 0.23 31.01 9.71
N TRP B 486 -0.55 29.94 9.87
CA TRP B 486 -1.55 29.55 8.87
C TRP B 486 -2.79 28.97 9.57
N ILE B 487 -3.89 28.85 8.81
CA ILE B 487 -5.15 28.26 9.28
C ILE B 487 -5.00 26.75 9.19
N ASP B 488 -4.83 26.09 10.35
CA ASP B 488 -4.62 24.63 10.41
C ASP B 488 -5.94 23.92 10.61
N ASN B 489 -6.28 22.99 9.71
CA ASN B 489 -7.56 22.24 9.82
C ASN B 489 -7.38 20.84 10.45
N GLY B 490 -6.22 20.59 11.06
CA GLY B 490 -5.88 19.29 11.67
C GLY B 490 -6.89 18.73 12.65
N GLU B 491 -7.45 19.59 13.48
CA GLU B 491 -8.44 19.18 14.49
C GLU B 491 -9.79 18.82 13.88
N CYS B 492 -10.09 19.33 12.67
CA CYS B 492 -11.35 18.95 12.00
C CYS B 492 -11.21 17.51 11.56
N LEU B 493 -10.03 17.16 11.02
CA LEU B 493 -9.76 15.78 10.63
C LEU B 493 -9.72 14.85 11.79
N ASP B 494 -9.22 15.33 12.94
N ASP B 494 -9.22 15.33 12.94
CA ASP B 494 -9.17 14.55 14.17
CA ASP B 494 -9.17 14.58 14.19
C ASP B 494 -10.58 14.22 14.63
C ASP B 494 -10.59 14.22 14.63
N LEU B 495 -11.51 15.20 14.59
CA LEU B 495 -12.93 15.00 14.93
C LEU B 495 -13.53 13.87 14.04
N ILE B 496 -13.20 13.89 12.74
CA ILE B 496 -13.70 12.87 11.81
C ILE B 496 -13.04 11.52 11.98
N GLU B 497 -11.69 11.50 12.13
CA GLU B 497 -10.84 10.32 12.05
C GLU B 497 -10.41 9.62 13.34
N LYS B 498 -10.30 10.31 14.49
CA LYS B 498 -9.82 9.71 15.75
C LYS B 498 -10.72 8.60 16.29
N LYS B 499 -10.23 7.87 17.31
CA LYS B 499 -11.02 6.87 18.02
C LYS B 499 -12.14 7.69 18.70
N LEU B 500 -13.38 7.22 18.66
CA LEU B 500 -14.54 7.94 19.21
C LEU B 500 -14.93 9.16 18.33
N GLY B 501 -14.29 9.30 17.18
CA GLY B 501 -14.57 10.35 16.20
C GLY B 501 -15.83 10.06 15.42
N LEU B 502 -16.17 10.94 14.47
CA LEU B 502 -17.41 10.76 13.71
C LEU B 502 -17.48 9.44 12.95
N LEU B 503 -16.42 9.09 12.20
CA LEU B 503 -16.40 7.83 11.45
C LEU B 503 -16.49 6.62 12.37
N ALA B 504 -15.75 6.65 13.49
CA ALA B 504 -15.72 5.58 14.49
C ALA B 504 -17.13 5.33 15.06
N LEU B 505 -17.83 6.42 15.45
CA LEU B 505 -19.19 6.25 16.01
C LEU B 505 -20.17 5.76 14.96
N ILE B 506 -20.07 6.26 13.72
CA ILE B 506 -20.92 5.83 12.60
C ILE B 506 -20.70 4.34 12.38
N ASN B 507 -19.41 3.89 12.36
CA ASN B 507 -19.08 2.47 12.16
C ASN B 507 -19.54 1.59 13.30
N GLU B 508 -19.39 2.07 14.54
CA GLU B 508 -19.82 1.31 15.72
C GLU B 508 -21.34 1.11 15.69
N GLU B 509 -22.11 2.19 15.40
CA GLU B 509 -23.57 2.10 15.31
C GLU B 509 -24.02 1.19 14.17
N SER B 510 -23.28 1.21 13.05
CA SER B 510 -23.57 0.41 11.85
C SER B 510 -23.51 -1.11 12.14
N HIS B 511 -22.61 -1.53 13.05
CA HIS B 511 -22.45 -2.94 13.45
C HIS B 511 -23.53 -3.45 14.42
N PHE B 512 -24.39 -2.54 14.91
CA PHE B 512 -25.50 -2.89 15.80
C PHE B 512 -26.81 -2.96 15.02
N PRO B 513 -27.41 -4.17 14.88
CA PRO B 513 -28.66 -4.32 14.10
C PRO B 513 -29.85 -3.46 14.57
N GLN B 514 -30.00 -3.26 15.90
CA GLN B 514 -31.08 -2.50 16.51
C GLN B 514 -30.91 -0.96 16.40
N ALA B 515 -29.68 -0.48 16.12
CA ALA B 515 -29.38 0.95 16.01
C ALA B 515 -30.09 1.61 14.85
N THR B 516 -30.43 2.90 15.01
CA THR B 516 -31.12 3.71 14.00
C THR B 516 -30.32 5.00 13.83
N ASP B 517 -30.67 5.80 12.83
CA ASP B 517 -30.00 7.08 12.59
C ASP B 517 -30.24 8.01 13.78
N SER B 518 -31.40 7.88 14.45
CA SER B 518 -31.76 8.64 15.65
C SER B 518 -30.82 8.32 16.82
N THR B 519 -30.56 7.01 17.11
CA THR B 519 -29.65 6.60 18.18
C THR B 519 -28.22 7.03 17.84
N LEU B 520 -27.85 6.99 16.54
CA LEU B 520 -26.52 7.46 16.12
C LEU B 520 -26.36 8.94 16.45
N LEU B 521 -27.35 9.77 16.08
CA LEU B 521 -27.28 11.22 16.31
C LEU B 521 -27.16 11.56 17.80
N GLU B 522 -27.86 10.81 18.66
CA GLU B 522 -27.76 11.03 20.10
C GLU B 522 -26.31 10.81 20.53
N LYS B 523 -25.66 9.75 20.00
CA LYS B 523 -24.26 9.42 20.33
C LYS B 523 -23.29 10.47 19.81
N LEU B 524 -23.49 10.92 18.55
CA LEU B 524 -22.67 11.98 17.96
C LEU B 524 -22.71 13.25 18.83
N HIS B 525 -23.93 13.72 19.17
CA HIS B 525 -24.15 14.90 20.00
C HIS B 525 -23.55 14.73 21.39
N SER B 526 -23.78 13.56 22.04
CA SER B 526 -23.27 13.31 23.39
C SER B 526 -21.74 13.36 23.44
N GLN B 527 -21.09 12.75 22.46
CA GLN B 527 -19.63 12.70 22.43
C GLN B 527 -18.96 14.01 22.00
N HIS B 528 -19.55 14.74 21.02
CA HIS B 528 -18.85 15.87 20.40
C HIS B 528 -19.46 17.27 20.58
N ALA B 529 -20.55 17.42 21.36
CA ALA B 529 -21.17 18.73 21.57
C ALA B 529 -20.19 19.85 21.98
N ASN B 530 -19.11 19.52 22.72
CA ASN B 530 -18.09 20.50 23.15
C ASN B 530 -16.91 20.66 22.18
N ASN B 531 -16.83 19.82 21.12
CA ASN B 531 -15.75 19.93 20.14
C ASN B 531 -15.98 21.19 19.29
N HIS B 532 -14.94 22.04 19.20
CA HIS B 532 -15.00 23.31 18.47
C HIS B 532 -15.31 23.17 16.99
N PHE B 533 -15.05 21.99 16.41
CA PHE B 533 -15.30 21.71 14.99
C PHE B 533 -16.63 21.03 14.73
N TYR B 534 -17.40 20.75 15.81
CA TYR B 534 -18.68 20.08 15.72
C TYR B 534 -19.78 21.04 16.07
N VAL B 535 -20.93 20.91 15.39
CA VAL B 535 -22.07 21.77 15.65
C VAL B 535 -23.30 20.92 16.02
N LYS B 536 -23.83 21.13 17.22
CA LYS B 536 -25.09 20.50 17.63
C LYS B 536 -26.19 21.56 17.31
N PRO B 537 -26.99 21.37 16.24
CA PRO B 537 -28.02 22.38 15.89
C PRO B 537 -29.02 22.62 17.01
N ARG B 538 -29.42 23.87 17.20
CA ARG B 538 -30.34 24.22 18.26
C ARG B 538 -31.80 23.75 17.98
N VAL B 539 -32.23 23.75 16.71
CA VAL B 539 -33.60 23.43 16.26
C VAL B 539 -33.70 22.21 15.32
N ALA B 540 -32.82 22.09 14.33
CA ALA B 540 -32.80 20.98 13.34
C ALA B 540 -32.39 19.65 14.02
N VAL B 541 -33.41 18.93 14.52
CA VAL B 541 -33.35 17.67 15.27
C VAL B 541 -32.72 16.48 14.53
N ASN B 542 -32.65 16.49 13.20
CA ASN B 542 -32.11 15.37 12.43
C ASN B 542 -30.68 15.67 11.93
N ASN B 543 -30.08 16.80 12.37
CA ASN B 543 -28.78 17.21 11.81
C ASN B 543 -27.63 17.32 12.81
N PHE B 544 -26.42 17.25 12.29
CA PHE B 544 -25.19 17.59 12.99
C PHE B 544 -24.40 18.42 12.01
N GLY B 545 -23.53 19.29 12.54
CA GLY B 545 -22.68 20.10 11.67
C GLY B 545 -21.21 19.84 11.87
N VAL B 546 -20.43 20.18 10.86
CA VAL B 546 -18.97 20.09 10.87
C VAL B 546 -18.46 21.43 10.39
N LYS B 547 -17.49 22.03 11.11
CA LYS B 547 -16.89 23.31 10.70
C LYS B 547 -15.75 22.97 9.77
N HIS B 548 -16.10 22.71 8.50
CA HIS B 548 -15.12 22.37 7.48
C HIS B 548 -14.25 23.60 7.14
N TYR B 549 -13.06 23.39 6.54
CA TYR B 549 -12.20 24.49 6.15
C TYR B 549 -12.96 25.47 5.22
N ALA B 550 -13.83 24.94 4.34
CA ALA B 550 -14.60 25.68 3.35
C ALA B 550 -15.96 26.19 3.85
N GLY B 551 -16.23 25.97 5.13
CA GLY B 551 -17.44 26.44 5.79
C GLY B 551 -18.17 25.37 6.58
N GLU B 552 -19.11 25.82 7.43
CA GLU B 552 -19.89 24.90 8.22
C GLU B 552 -20.91 24.19 7.32
N VAL B 553 -20.99 22.87 7.43
CA VAL B 553 -21.96 22.09 6.67
C VAL B 553 -22.82 21.31 7.69
N GLN B 554 -24.14 21.36 7.50
CA GLN B 554 -25.08 20.59 8.32
C GLN B 554 -25.48 19.35 7.51
N TYR B 555 -25.41 18.19 8.15
CA TYR B 555 -25.71 16.87 7.59
C TYR B 555 -26.95 16.29 8.21
N ASP B 556 -27.88 15.83 7.37
CA ASP B 556 -29.07 15.13 7.82
C ASP B 556 -28.63 13.67 8.04
N VAL B 557 -28.84 13.14 9.26
CA VAL B 557 -28.42 11.77 9.59
C VAL B 557 -29.24 10.70 8.89
N ARG B 558 -30.43 11.07 8.39
CA ARG B 558 -31.34 10.06 7.86
C ARG B 558 -30.78 9.39 6.64
N GLY B 559 -30.59 8.10 6.80
CA GLY B 559 -30.06 7.20 5.78
C GLY B 559 -28.62 6.83 6.00
N ILE B 560 -27.92 7.46 7.00
CA ILE B 560 -26.47 7.18 7.18
C ILE B 560 -26.18 5.72 7.47
N LEU B 561 -26.90 5.11 8.42
CA LEU B 561 -26.55 3.73 8.77
C LEU B 561 -26.72 2.76 7.61
N GLU B 562 -27.86 2.85 6.91
CA GLU B 562 -28.18 2.00 5.75
C GLU B 562 -27.12 2.22 4.65
N LYS B 563 -26.77 3.49 4.39
CA LYS B 563 -25.75 3.80 3.38
C LYS B 563 -24.37 3.30 3.75
N ASN B 564 -24.01 3.41 5.04
CA ASN B 564 -22.70 2.97 5.52
C ASN B 564 -22.57 1.45 5.55
N ARG B 565 -23.64 0.75 5.93
CA ARG B 565 -23.67 -0.72 5.98
C ARG B 565 -23.51 -1.28 4.57
N ASP B 566 -24.21 -0.67 3.61
CA ASP B 566 -24.20 -1.02 2.18
C ASP B 566 -24.35 -2.56 2.00
N THR B 567 -25.33 -3.14 2.68
N THR B 567 -25.43 -3.09 2.61
CA THR B 567 -25.49 -4.60 2.58
CA THR B 567 -25.80 -4.50 2.62
C THR B 567 -26.14 -4.97 1.26
C THR B 567 -26.28 -4.97 1.24
N PHE B 568 -25.90 -6.20 0.84
CA PHE B 568 -26.42 -6.73 -0.41
C PHE B 568 -26.82 -8.16 -0.08
N ARG B 569 -28.11 -8.47 -0.20
CA ARG B 569 -28.61 -9.79 0.20
C ARG B 569 -27.99 -10.91 -0.61
N ASP B 570 -27.61 -12.01 0.07
CA ASP B 570 -27.10 -13.20 -0.60
C ASP B 570 -28.15 -13.79 -1.53
N ASP B 571 -29.45 -13.60 -1.21
CA ASP B 571 -30.51 -14.05 -2.13
C ASP B 571 -30.39 -13.36 -3.50
N LEU B 572 -30.00 -12.08 -3.50
CA LEU B 572 -29.84 -11.35 -4.76
C LEU B 572 -28.55 -11.73 -5.47
N LEU B 573 -27.50 -11.99 -4.72
CA LEU B 573 -26.21 -12.42 -5.31
C LEU B 573 -26.44 -13.81 -5.99
N ASN B 574 -27.13 -14.73 -5.29
CA ASN B 574 -27.46 -16.06 -5.83
C ASN B 574 -28.32 -15.90 -7.10
N LEU B 575 -29.30 -15.00 -7.07
CA LEU B 575 -30.15 -14.73 -8.23
C LEU B 575 -29.30 -14.25 -9.43
N LEU B 576 -28.41 -13.26 -9.22
CA LEU B 576 -27.58 -12.75 -10.32
C LEU B 576 -26.71 -13.83 -10.95
N ARG B 577 -26.23 -14.77 -10.13
CA ARG B 577 -25.41 -15.87 -10.61
C ARG B 577 -26.19 -16.85 -11.49
N GLU B 578 -27.53 -16.75 -11.49
CA GLU B 578 -28.39 -17.57 -12.36
C GLU B 578 -28.53 -16.94 -13.75
N SER B 579 -28.02 -15.71 -13.95
CA SER B 579 -28.19 -15.05 -15.25
C SER B 579 -27.70 -15.87 -16.44
N ARG B 580 -28.53 -15.95 -17.50
N ARG B 580 -28.53 -15.91 -17.50
CA ARG B 580 -28.12 -16.66 -18.72
CA ARG B 580 -28.24 -16.60 -18.75
C ARG B 580 -27.17 -15.79 -19.56
C ARG B 580 -27.31 -15.72 -19.63
N PHE B 581 -27.01 -14.51 -19.16
CA PHE B 581 -26.15 -13.56 -19.85
C PHE B 581 -24.80 -13.53 -19.21
N ASP B 582 -23.81 -14.05 -19.94
CA ASP B 582 -22.44 -14.17 -19.50
C ASP B 582 -21.87 -12.88 -18.95
N PHE B 583 -22.22 -11.73 -19.58
CA PHE B 583 -21.73 -10.43 -19.11
C PHE B 583 -22.13 -10.21 -17.65
N ILE B 584 -23.41 -10.48 -17.30
CA ILE B 584 -23.91 -10.29 -15.93
C ILE B 584 -23.30 -11.33 -14.99
N TYR B 585 -23.27 -12.59 -15.44
CA TYR B 585 -22.69 -13.64 -14.60
C TYR B 585 -21.23 -13.28 -14.25
N ASP B 586 -20.44 -12.87 -15.27
CA ASP B 586 -19.02 -12.50 -15.09
C ASP B 586 -18.83 -11.41 -14.06
N LEU B 587 -19.76 -10.45 -13.98
CA LEU B 587 -19.69 -9.37 -13.01
C LEU B 587 -19.84 -9.86 -11.57
N PHE B 588 -20.65 -10.91 -11.35
CA PHE B 588 -20.94 -11.36 -9.98
C PHE B 588 -20.31 -12.70 -9.60
N GLU B 589 -19.61 -13.32 -10.57
CA GLU B 589 -18.94 -14.62 -10.43
C GLU B 589 -18.21 -14.83 -9.09
N HIS B 590 -17.33 -13.89 -8.72
CA HIS B 590 -16.47 -14.03 -7.53
C HIS B 590 -16.66 -12.97 -6.44
N VAL B 591 -17.71 -12.15 -6.56
CA VAL B 591 -18.02 -11.06 -5.63
C VAL B 591 -18.19 -11.63 -4.21
N SER B 592 -17.62 -10.94 -3.21
CA SER B 592 -17.74 -11.41 -1.81
C SER B 592 -19.13 -11.12 -1.27
N SER B 593 -19.62 -11.97 -0.37
CA SER B 593 -20.92 -11.76 0.29
C SER B 593 -20.91 -10.49 1.15
N ARG B 594 -22.00 -9.69 1.07
CA ARG B 594 -22.27 -8.47 1.85
C ARG B 594 -23.62 -8.58 2.58
N ASN B 595 -24.06 -9.79 2.95
CA ASN B 595 -25.34 -9.98 3.62
C ASN B 595 -25.33 -9.33 5.02
N ASN B 596 -26.51 -8.90 5.54
CA ASN B 596 -26.64 -8.37 6.92
C ASN B 596 -26.03 -9.40 7.88
N GLN B 597 -25.16 -8.94 8.80
CA GLN B 597 -24.39 -9.79 9.71
C GLN B 597 -25.24 -10.58 10.73
N ASP B 598 -25.85 -9.88 11.73
CA ASP B 598 -26.66 -10.47 12.83
C ASP B 598 -25.91 -11.61 13.58
N THR B 599 -24.63 -11.34 13.92
CA THR B 599 -23.64 -12.21 14.61
C THR B 599 -23.30 -13.48 13.80
N ARG B 607 -15.36 -7.26 12.24
CA ARG B 607 -16.56 -6.65 11.66
C ARG B 607 -16.43 -6.50 10.14
N ARG B 608 -17.58 -6.48 9.43
CA ARG B 608 -17.59 -6.33 7.96
C ARG B 608 -17.19 -4.89 7.58
N PRO B 609 -16.39 -4.68 6.52
CA PRO B 609 -16.04 -3.31 6.13
C PRO B 609 -17.29 -2.53 5.73
N THR B 610 -17.30 -1.25 6.06
CA THR B 610 -18.44 -0.38 5.73
C THR B 610 -17.93 0.57 4.66
N VAL B 611 -18.82 1.43 4.14
CA VAL B 611 -18.44 2.43 3.14
C VAL B 611 -17.38 3.36 3.74
N SER B 612 -17.60 3.83 4.98
CA SER B 612 -16.71 4.75 5.71
C SER B 612 -15.33 4.15 5.95
N SER B 613 -15.26 2.87 6.40
CA SER B 613 -13.97 2.24 6.70
C SER B 613 -13.15 2.00 5.42
N GLN B 614 -13.81 1.57 4.33
CA GLN B 614 -13.15 1.36 3.05
C GLN B 614 -12.67 2.71 2.49
N PHE B 615 -13.48 3.78 2.63
CA PHE B 615 -13.11 5.10 2.11
C PHE B 615 -11.98 5.73 2.91
N LYS B 616 -12.01 5.64 4.25
CA LYS B 616 -10.94 6.18 5.07
C LYS B 616 -9.60 5.49 4.66
N ASP B 617 -9.63 4.16 4.48
CA ASP B 617 -8.46 3.39 4.06
C ASP B 617 -7.96 3.82 2.67
N SER B 618 -8.89 3.99 1.69
CA SER B 618 -8.61 4.44 0.31
C SER B 618 -7.94 5.79 0.31
N LEU B 619 -8.42 6.76 1.13
CA LEU B 619 -7.84 8.11 1.25
C LEU B 619 -6.47 8.07 1.89
N HIS B 620 -6.29 7.24 2.93
N HIS B 620 -6.30 7.23 2.94
CA HIS B 620 -5.00 7.13 3.60
CA HIS B 620 -5.00 7.08 3.63
C HIS B 620 -3.95 6.51 2.66
C HIS B 620 -3.97 6.54 2.63
N SER B 621 -4.35 5.52 1.84
CA SER B 621 -3.49 4.87 0.83
C SER B 621 -3.14 5.91 -0.28
N LEU B 622 -4.14 6.72 -0.68
CA LEU B 622 -3.92 7.78 -1.68
C LEU B 622 -2.94 8.82 -1.16
N MET B 623 -3.17 9.34 0.08
CA MET B 623 -2.29 10.35 0.67
C MET B 623 -0.86 9.80 0.79
N ALA B 624 -0.70 8.50 1.09
CA ALA B 624 0.63 7.87 1.19
C ALA B 624 1.32 7.87 -0.18
N THR B 625 0.58 7.60 -1.27
CA THR B 625 1.09 7.64 -2.65
C THR B 625 1.55 9.07 -2.94
N LEU B 626 0.70 10.08 -2.61
CA LEU B 626 1.01 11.48 -2.86
C LEU B 626 2.22 11.99 -2.09
N SER B 627 2.42 11.48 -0.85
N SER B 627 2.41 11.49 -0.85
CA SER B 627 3.52 11.85 0.05
CA SER B 627 3.51 11.84 0.05
C SER B 627 4.90 11.49 -0.51
C SER B 627 4.90 11.48 -0.50
N SER B 628 4.98 10.45 -1.36
CA SER B 628 6.25 10.00 -1.96
C SER B 628 6.56 10.73 -3.27
N SER B 629 5.61 11.57 -3.75
CA SER B 629 5.78 12.35 -4.99
C SER B 629 5.99 13.81 -4.69
N ASN B 630 6.59 14.56 -5.62
CA ASN B 630 6.74 16.00 -5.48
C ASN B 630 5.42 16.65 -5.98
N PRO B 631 4.69 17.45 -5.16
CA PRO B 631 3.41 17.99 -5.61
C PRO B 631 3.42 19.38 -6.27
N PHE B 632 2.50 19.58 -7.22
CA PHE B 632 2.17 20.87 -7.84
C PHE B 632 0.72 21.14 -7.46
N PHE B 633 0.41 22.37 -7.05
CA PHE B 633 -0.94 22.70 -6.60
C PHE B 633 -1.60 23.68 -7.53
N VAL B 634 -2.81 23.35 -7.95
CA VAL B 634 -3.65 24.21 -8.77
C VAL B 634 -4.88 24.51 -7.90
N ARG B 635 -5.16 25.81 -7.69
N ARG B 635 -5.21 25.79 -7.72
CA ARG B 635 -6.27 26.30 -6.87
CA ARG B 635 -6.33 26.15 -6.86
C ARG B 635 -7.36 26.88 -7.80
C ARG B 635 -7.40 26.87 -7.68
N CYS B 636 -8.46 26.13 -8.01
CA CYS B 636 -9.56 26.60 -8.86
C CYS B 636 -10.53 27.39 -8.03
N ILE B 637 -10.97 28.52 -8.60
N ILE B 637 -10.97 28.54 -8.58
CA ILE B 637 -11.83 29.53 -7.97
CA ILE B 637 -11.86 29.49 -7.91
C ILE B 637 -13.11 29.74 -8.80
C ILE B 637 -13.10 29.73 -8.78
N LYS B 638 -14.27 29.66 -8.14
CA LYS B 638 -15.54 29.94 -8.79
C LYS B 638 -15.75 31.45 -8.68
N PRO B 639 -15.95 32.18 -9.79
CA PRO B 639 -16.12 33.64 -9.68
C PRO B 639 -17.52 34.05 -9.23
N ASN B 640 -18.50 33.15 -9.40
CA ASN B 640 -19.90 33.41 -9.04
C ASN B 640 -20.64 32.09 -8.89
N MET B 641 -21.88 32.14 -8.35
CA MET B 641 -22.71 30.96 -8.10
C MET B 641 -23.80 30.76 -9.18
N GLN B 642 -23.68 31.46 -10.32
CA GLN B 642 -24.68 31.41 -11.39
C GLN B 642 -24.15 30.77 -12.70
N LYS B 643 -22.92 30.20 -12.68
CA LYS B 643 -22.31 29.58 -13.88
C LYS B 643 -22.20 30.61 -15.03
N MET B 644 -21.99 31.87 -14.67
CA MET B 644 -21.96 32.96 -15.62
C MET B 644 -20.57 33.39 -16.05
N PRO B 645 -20.37 33.74 -17.35
CA PRO B 645 -19.09 34.35 -17.74
C PRO B 645 -19.12 35.85 -17.38
N ASP B 646 -17.95 36.51 -17.30
CA ASP B 646 -17.82 37.97 -17.05
C ASP B 646 -18.65 38.47 -15.88
N GLN B 647 -18.61 37.73 -14.75
CA GLN B 647 -19.37 38.09 -13.57
C GLN B 647 -18.53 37.72 -12.37
N PHE B 648 -17.62 38.61 -11.98
CA PHE B 648 -16.72 38.39 -10.84
C PHE B 648 -17.43 38.91 -9.59
N ASP B 649 -17.92 37.98 -8.75
CA ASP B 649 -18.65 38.31 -7.51
C ASP B 649 -17.60 38.35 -6.43
N GLN B 650 -17.21 39.57 -6.04
N GLN B 650 -17.15 39.58 -6.06
CA GLN B 650 -16.14 39.82 -5.07
CA GLN B 650 -16.08 39.79 -5.11
C GLN B 650 -16.34 39.11 -3.72
C GLN B 650 -16.32 39.09 -3.74
N ALA B 651 -17.57 39.02 -3.20
CA ALA B 651 -17.80 38.33 -1.91
C ALA B 651 -17.57 36.80 -2.04
N VAL B 652 -17.99 36.24 -3.19
CA VAL B 652 -17.84 34.82 -3.47
C VAL B 652 -16.34 34.46 -3.62
N VAL B 653 -15.62 35.29 -4.41
CA VAL B 653 -14.17 35.11 -4.62
C VAL B 653 -13.40 35.28 -3.31
N LEU B 654 -13.64 36.36 -2.58
CA LEU B 654 -12.88 36.64 -1.35
C LEU B 654 -13.02 35.51 -0.33
N ASN B 655 -14.23 34.95 -0.21
CA ASN B 655 -14.49 33.84 0.69
C ASN B 655 -13.55 32.65 0.40
N GLN B 656 -13.42 32.27 -0.89
CA GLN B 656 -12.55 31.18 -1.30
C GLN B 656 -11.08 31.51 -1.08
N LEU B 657 -10.67 32.76 -1.34
CA LEU B 657 -9.25 33.13 -1.14
C LEU B 657 -8.87 33.01 0.33
N ARG B 658 -9.79 33.45 1.21
CA ARG B 658 -9.57 33.43 2.65
C ARG B 658 -9.56 32.03 3.23
N TYR B 659 -10.61 31.25 2.99
CA TYR B 659 -10.66 29.93 3.60
C TYR B 659 -9.62 28.95 3.05
N SER B 660 -9.17 29.13 1.81
CA SER B 660 -8.20 28.22 1.19
C SER B 660 -6.75 28.54 1.62
N GLY B 661 -6.58 29.64 2.35
CA GLY B 661 -5.29 30.08 2.87
C GLY B 661 -4.39 30.75 1.87
N MET B 662 -4.98 31.35 0.82
N MET B 662 -4.98 31.36 0.83
CA MET B 662 -4.24 32.03 -0.25
CA MET B 662 -4.20 31.99 -0.22
C MET B 662 -3.35 33.18 0.27
C MET B 662 -3.37 33.20 0.25
N LEU B 663 -3.82 34.01 1.23
CA LEU B 663 -2.99 35.14 1.74
C LEU B 663 -1.70 34.63 2.40
N GLU B 664 -1.84 33.58 3.23
CA GLU B 664 -0.64 33.02 3.89
C GLU B 664 0.26 32.33 2.87
N THR B 665 -0.36 31.74 1.82
CA THR B 665 0.39 31.07 0.74
C THR B 665 1.29 32.10 0.05
N VAL B 666 0.72 33.27 -0.29
CA VAL B 666 1.49 34.35 -0.93
C VAL B 666 2.63 34.76 -0.01
N ARG B 667 2.37 34.89 1.29
CA ARG B 667 3.37 35.30 2.27
C ARG B 667 4.55 34.34 2.32
N ILE B 668 4.27 33.02 2.36
CA ILE B 668 5.36 32.05 2.44
C ILE B 668 6.07 31.88 1.10
N ARG B 669 5.36 32.04 -0.03
CA ARG B 669 6.06 31.92 -1.32
C ARG B 669 6.94 33.14 -1.57
N LYS B 670 6.51 34.29 -1.05
CA LYS B 670 7.28 35.53 -1.20
C LYS B 670 8.55 35.53 -0.33
N ALA B 671 8.44 35.06 0.92
CA ALA B 671 9.56 35.08 1.86
C ALA B 671 10.42 33.83 1.84
N GLY B 672 9.80 32.69 1.54
CA GLY B 672 10.44 31.38 1.60
C GLY B 672 11.29 30.99 0.42
N TYR B 673 11.76 29.74 0.44
CA TYR B 673 12.71 29.22 -0.53
C TYR B 673 12.23 27.83 -0.89
N ALA B 674 11.28 27.74 -1.83
CA ALA B 674 10.65 26.47 -2.19
C ALA B 674 11.58 25.45 -2.89
N VAL B 675 12.75 25.88 -3.40
CA VAL B 675 13.68 24.97 -4.06
C VAL B 675 14.90 24.75 -3.17
N ARG B 676 15.41 23.51 -3.14
CA ARG B 676 16.63 23.20 -2.37
C ARG B 676 17.31 21.98 -2.90
N ARG B 677 18.64 22.01 -2.82
CA ARG B 677 19.50 20.96 -3.28
C ARG B 677 20.69 20.87 -2.36
N PRO B 678 21.19 19.64 -2.07
CA PRO B 678 22.47 19.51 -1.36
C PRO B 678 23.56 20.32 -2.08
N PHE B 679 24.56 20.83 -1.34
CA PHE B 679 25.65 21.65 -1.91
C PHE B 679 26.27 21.04 -3.17
N GLN B 680 26.71 19.77 -3.09
CA GLN B 680 27.34 19.11 -4.24
C GLN B 680 26.38 18.92 -5.44
N ASP B 681 25.12 18.65 -5.16
CA ASP B 681 24.08 18.47 -6.17
C ASP B 681 23.89 19.81 -6.92
N PHE B 682 23.78 20.92 -6.15
CA PHE B 682 23.66 22.27 -6.74
C PHE B 682 24.89 22.58 -7.60
N TYR B 683 26.09 22.38 -7.06
CA TYR B 683 27.33 22.64 -7.77
C TYR B 683 27.45 21.80 -9.04
N LYS B 684 27.15 20.47 -8.97
CA LYS B 684 27.25 19.59 -10.14
C LYS B 684 26.23 19.94 -11.21
N ARG B 685 25.01 20.34 -10.82
CA ARG B 685 23.97 20.74 -11.77
C ARG B 685 24.34 22.02 -12.52
N TYR B 686 24.86 23.02 -11.80
CA TYR B 686 25.11 24.33 -12.38
C TYR B 686 26.57 24.66 -12.64
N LYS B 687 27.46 23.64 -12.64
CA LYS B 687 28.89 23.82 -12.89
C LYS B 687 29.18 24.60 -14.19
N VAL B 688 28.41 24.35 -15.27
CA VAL B 688 28.59 25.03 -16.57
C VAL B 688 28.44 26.56 -16.45
N LEU B 689 27.63 27.04 -15.49
CA LEU B 689 27.37 28.47 -15.26
C LEU B 689 28.47 29.18 -14.46
N MET B 690 29.44 28.42 -13.93
CA MET B 690 30.52 28.92 -13.08
C MET B 690 31.87 29.03 -13.77
N ARG B 691 31.95 28.71 -15.09
CA ARG B 691 33.19 28.69 -15.87
C ARG B 691 33.99 30.00 -15.88
N ASN B 692 33.33 31.17 -15.71
CA ASN B 692 34.03 32.48 -15.69
C ASN B 692 34.24 33.05 -14.27
N LEU B 693 34.04 32.21 -13.24
CA LEU B 693 34.18 32.59 -11.82
C LEU B 693 35.48 32.04 -11.24
N ALA B 694 36.09 32.78 -10.29
CA ALA B 694 37.29 32.33 -9.58
C ALA B 694 36.72 31.66 -8.33
N LEU B 695 36.63 30.33 -8.38
CA LEU B 695 35.98 29.55 -7.33
C LEU B 695 36.85 29.19 -6.14
N PRO B 696 36.29 29.18 -4.91
CA PRO B 696 37.06 28.70 -3.76
C PRO B 696 37.08 27.16 -3.73
N GLU B 697 37.90 26.57 -2.83
CA GLU B 697 38.05 25.13 -2.72
C GLU B 697 36.84 24.39 -2.13
N ASP B 698 36.13 25.05 -1.20
CA ASP B 698 34.99 24.46 -0.51
C ASP B 698 33.72 24.57 -1.34
N VAL B 699 32.86 23.54 -1.28
CA VAL B 699 31.63 23.53 -2.06
C VAL B 699 30.63 24.62 -1.62
N ARG B 700 30.53 24.92 -0.31
CA ARG B 700 29.63 25.97 0.17
C ARG B 700 30.01 27.32 -0.50
N GLY B 701 31.33 27.58 -0.62
CA GLY B 701 31.88 28.79 -1.26
C GLY B 701 31.59 28.83 -2.75
N LYS B 702 31.66 27.67 -3.42
CA LYS B 702 31.35 27.52 -4.86
C LYS B 702 29.88 27.85 -5.12
N CYS B 703 28.99 27.33 -4.26
CA CYS B 703 27.55 27.62 -4.38
C CYS B 703 27.32 29.11 -4.17
N THR B 704 27.93 29.70 -3.11
CA THR B 704 27.80 31.13 -2.81
C THR B 704 28.24 32.02 -3.99
N SER B 705 29.36 31.68 -4.65
CA SER B 705 29.89 32.45 -5.78
C SER B 705 28.86 32.53 -6.90
N LEU B 706 28.22 31.38 -7.27
CA LEU B 706 27.20 31.40 -8.32
C LEU B 706 25.95 32.16 -7.89
N LEU B 707 25.52 31.95 -6.63
CA LEU B 707 24.30 32.61 -6.13
C LEU B 707 24.45 34.12 -6.02
N GLN B 708 25.62 34.58 -5.61
CA GLN B 708 25.95 36.02 -5.52
C GLN B 708 25.97 36.67 -6.90
N LEU B 709 26.40 35.92 -7.94
CA LEU B 709 26.44 36.37 -9.33
C LEU B 709 25.02 36.55 -9.91
N TYR B 710 24.12 35.60 -9.63
CA TYR B 710 22.74 35.62 -10.13
C TYR B 710 21.76 36.39 -9.23
N ASP B 711 22.16 36.70 -7.98
CA ASP B 711 21.41 37.46 -6.99
C ASP B 711 22.35 38.11 -5.99
N ALA B 712 22.81 39.31 -6.29
CA ALA B 712 23.71 40.03 -5.39
C ALA B 712 23.02 40.61 -4.15
N SER B 713 21.66 40.72 -4.16
CA SER B 713 20.87 41.20 -3.01
C SER B 713 20.98 40.23 -1.82
N ASN B 714 21.39 38.95 -2.08
CA ASN B 714 21.52 37.84 -1.13
C ASN B 714 20.19 37.50 -0.44
N SER B 715 19.07 38.00 -1.00
CA SER B 715 17.75 37.80 -0.43
C SER B 715 16.95 36.63 -1.02
N GLU B 716 17.37 36.09 -2.18
CA GLU B 716 16.63 35.02 -2.86
C GLU B 716 17.14 33.63 -2.55
N TRP B 717 18.12 33.54 -1.65
CA TRP B 717 18.75 32.26 -1.29
C TRP B 717 19.36 32.31 0.08
N GLN B 718 19.63 31.13 0.64
CA GLN B 718 20.33 30.93 1.92
C GLN B 718 21.02 29.59 1.86
N LEU B 719 22.11 29.45 2.60
CA LEU B 719 22.78 28.15 2.75
C LEU B 719 22.33 27.57 4.08
N GLY B 720 21.85 26.33 4.05
CA GLY B 720 21.49 25.59 5.24
C GLY B 720 22.65 24.72 5.68
N LYS B 721 22.37 23.76 6.54
CA LYS B 721 23.36 22.81 7.06
C LYS B 721 23.88 21.88 5.94
N THR B 722 22.97 21.41 5.05
CA THR B 722 23.36 20.47 3.97
C THR B 722 22.93 20.95 2.59
N LYS B 723 22.01 21.92 2.53
CA LYS B 723 21.44 22.35 1.26
C LYS B 723 21.53 23.83 0.97
N VAL B 724 21.50 24.13 -0.33
CA VAL B 724 21.32 25.46 -0.88
C VAL B 724 19.80 25.62 -0.96
N PHE B 725 19.26 26.73 -0.42
CA PHE B 725 17.85 27.03 -0.50
C PHE B 725 17.70 28.22 -1.43
N LEU B 726 16.74 28.16 -2.35
CA LEU B 726 16.53 29.30 -3.27
C LEU B 726 15.08 29.46 -3.69
N ARG B 727 14.70 30.71 -4.06
CA ARG B 727 13.33 31.01 -4.50
C ARG B 727 13.13 30.46 -5.89
N GLU B 728 11.87 30.15 -6.26
CA GLU B 728 11.49 29.62 -7.57
C GLU B 728 11.94 30.49 -8.73
N SER B 729 11.79 31.82 -8.59
CA SER B 729 12.19 32.83 -9.60
C SER B 729 13.69 32.74 -9.89
N LEU B 730 14.52 32.54 -8.85
CA LEU B 730 15.96 32.41 -9.01
C LEU B 730 16.31 31.08 -9.67
N GLU B 731 15.65 29.96 -9.25
CA GLU B 731 15.89 28.65 -9.86
C GLU B 731 15.53 28.67 -11.36
N GLN B 732 14.45 29.37 -11.74
CA GLN B 732 14.00 29.48 -13.14
C GLN B 732 15.03 30.19 -14.00
N LYS B 733 15.70 31.22 -13.47
CA LYS B 733 16.77 31.91 -14.20
C LYS B 733 17.95 30.98 -14.38
N LEU B 734 18.31 30.21 -13.33
CA LEU B 734 19.42 29.26 -13.37
C LEU B 734 19.16 28.16 -14.37
N GLU B 735 17.91 27.68 -14.42
CA GLU B 735 17.51 26.62 -15.35
C GLU B 735 17.56 27.10 -16.80
N LYS B 736 17.08 28.33 -17.05
CA LYS B 736 17.08 28.97 -18.36
C LYS B 736 18.52 29.08 -18.89
N ARG B 737 19.46 29.56 -18.07
CA ARG B 737 20.86 29.71 -18.44
C ARG B 737 21.59 28.39 -18.63
N ARG B 738 21.23 27.36 -17.83
CA ARG B 738 21.86 26.04 -17.94
C ARG B 738 21.52 25.41 -19.29
N GLU B 739 20.26 25.52 -19.72
CA GLU B 739 19.75 25.01 -21.00
C GLU B 739 20.50 25.65 -22.18
N GLU B 740 20.71 26.98 -22.14
N GLU B 740 20.70 26.98 -22.17
CA GLU B 740 21.42 27.78 -23.14
CA GLU B 740 21.41 27.69 -23.25
C GLU B 740 22.92 27.47 -23.23
C GLU B 740 22.93 27.40 -23.28
N GLU B 741 23.48 26.81 -22.20
CA GLU B 741 24.91 26.45 -22.10
C GLU B 741 25.08 24.96 -21.83
#